data_5O7H
#
_entry.id   5O7H
#
_cell.length_a   157.002
_cell.length_b   65.894
_cell.length_c   160.682
_cell.angle_alpha   90.00
_cell.angle_beta   98.61
_cell.angle_gamma   90.00
#
_symmetry.space_group_name_H-M   'I 1 2 1'
#
loop_
_entity.id
_entity.type
_entity.pdbx_description
1 polymer crRNA
2 polymer 'CRISPR-associated protein, Csy4 family'
3 polymer Cas7fv
4 polymer Cas5fv
#
loop_
_entity_poly.entity_id
_entity_poly.type
_entity_poly.pdbx_seq_one_letter_code
_entity_poly.pdbx_strand_id
1 'polyribonucleotide' CUUAGAAAGCAAACCUAUAACCGUUCACCGCCGCACAGGCGGC A
2 'polypeptide(L)'
;(MSE)REAELSSKVFTKFHKALVTLNSHKIGISFPQ(MSE)KLSLGQLFRIHGDASLLHDLQGLDWLGPLAGYCQVTAVS
AVPDHVQYRIVSVKRSNLSKAKLKRLIARGSIDKDGEKRYKVK(MSE)LGQGFDNPYLDLFSSSTGQVYRKFFEFSDIQA
HPLDGEFDSYGLSKTATVP
;
B
3 'polypeptide(L)'
;(MSE)QKVTGIKSVDFKIKALGHGVVNWNGPTTLTGDDGKTVDNHTLPKLRGYTNLTGKVKDETGYKYKKQATDINFKET
PLYISQNCIRHHLFREQAFDLHYASDKNLKNVLASITGLIRGYVVPSSQCKRTSPLLLEDFVDQLGNGNFEQYGQAGARD
STSFFSKTTFGDTEYISYGSISIEQLQFISLDKKFDRAA(MSE)VIKEGEGEVIAAELQNYIQSLNPSLNPQAIFHSNYV
RRGTIFEEGECGILLNDDAVKALVAETLERLANLSIRQAKGY(MSE)YVDDITVDYNDSHK(MSE)(MSE)RIKRDESEI
INEQHAPFAQYFYAK
;
C,D,E
4 'polypeptide(L)'
;(MSE)KIIIEYDSCWRNAFLGGSNNEPVPKKGREFLGS(MSE)TSLKKEGNFKVCENTLDTV(MSE)GVLNRLIGDQRKL
YQARSK(MSE)YESAYYFEALEDKVSFIDKPQLTNEISFIRN(MSE)NGSTDQNAFTG(MSE)IKVSDPVFTSEYSQQFW
GVLALDFTQLCDFIIKQSQVVGSIELNPLSIINRLESLNQEKALENSDDLAQVLKVLNEYFPDIEYLNNKGLITPISIYC
SALYLQLARLETSFN(MSE)TTAKTKAGGISGISKRGFTKKDF(MSE)DRYTTGPKKTIWGNPFIKKEKIKGQGEVTS
(MSE)(MSE)TKASGQLEISIDVDRDKAQEIKILIENAGVSSFYLGKKGLAYVSNIKL
;
F
#
# COMPACT_ATOMS: atom_id res chain seq x y z
N ARG B 2 9.69 -48.37 -4.51
CA ARG B 2 10.22 -48.28 -5.86
C ARG B 2 11.33 -49.31 -6.08
N GLU B 3 11.83 -49.34 -7.31
CA GLU B 3 12.89 -50.28 -7.68
C GLU B 3 14.17 -50.07 -6.87
N ALA B 4 14.35 -48.88 -6.29
CA ALA B 4 15.57 -48.56 -5.58
C ALA B 4 15.54 -49.00 -4.11
N GLU B 5 14.38 -48.91 -3.46
CA GLU B 5 14.32 -49.21 -2.04
C GLU B 5 14.06 -50.69 -1.73
N LEU B 6 13.42 -51.42 -2.65
CA LEU B 6 13.14 -52.82 -2.39
C LEU B 6 14.39 -53.67 -2.53
N SER B 7 15.25 -53.35 -3.50
CA SER B 7 16.50 -54.09 -3.66
C SER B 7 17.38 -53.94 -2.42
N SER B 8 17.56 -52.70 -1.95
CA SER B 8 18.38 -52.47 -0.76
C SER B 8 17.90 -53.32 0.42
N LYS B 9 16.58 -53.47 0.56
CA LYS B 9 16.04 -54.23 1.67
C LYS B 9 16.27 -55.73 1.48
N VAL B 10 15.98 -56.25 0.29
CA VAL B 10 16.16 -57.68 0.04
C VAL B 10 17.64 -58.05 0.05
N PHE B 11 18.52 -57.11 -0.26
CA PHE B 11 19.95 -57.41 -0.22
C PHE B 11 20.44 -57.56 1.22
N THR B 12 19.93 -56.72 2.12
CA THR B 12 20.25 -56.89 3.53
C THR B 12 19.58 -58.14 4.09
N LYS B 13 18.34 -58.42 3.67
CA LYS B 13 17.70 -59.68 4.02
C LYS B 13 18.53 -60.86 3.55
N PHE B 14 19.08 -60.77 2.34
CA PHE B 14 19.96 -61.83 1.84
C PHE B 14 21.30 -61.84 2.57
N HIS B 15 21.78 -60.67 3.01
CA HIS B 15 23.05 -60.60 3.71
C HIS B 15 22.99 -61.31 5.04
N LYS B 16 21.92 -61.10 5.81
CA LYS B 16 21.79 -61.71 7.12
C LYS B 16 21.47 -63.20 7.05
N ALA B 17 21.04 -63.70 5.89
CA ALA B 17 20.73 -65.11 5.75
C ALA B 17 21.98 -65.97 5.88
N LEU B 18 22.95 -65.77 4.97
CA LEU B 18 24.18 -66.56 4.98
C LEU B 18 25.20 -66.07 5.99
N VAL B 19 24.82 -65.17 6.90
CA VAL B 19 25.65 -64.88 8.07
C VAL B 19 25.29 -65.79 9.23
N THR B 20 24.00 -65.86 9.56
CA THR B 20 23.53 -66.87 10.52
C THR B 20 23.59 -68.26 9.91
N LEU B 21 23.47 -68.35 8.59
CA LEU B 21 23.69 -69.63 7.90
C LEU B 21 25.17 -69.88 7.68
N ASN B 22 25.94 -68.82 7.41
CA ASN B 22 27.39 -68.90 7.33
C ASN B 22 27.84 -69.81 6.20
N SER B 23 27.45 -69.45 4.98
CA SER B 23 27.75 -70.24 3.79
C SER B 23 28.77 -69.51 2.91
N HIS B 24 29.48 -70.28 2.09
CA HIS B 24 30.47 -69.74 1.18
C HIS B 24 30.38 -70.34 -0.22
N LYS B 25 29.31 -71.08 -0.52
CA LYS B 25 29.11 -71.65 -1.85
C LYS B 25 27.90 -71.05 -2.55
N ILE B 26 27.28 -70.03 -1.97
CA ILE B 26 26.09 -69.40 -2.54
C ILE B 26 26.49 -68.06 -3.15
N GLY B 27 25.98 -67.77 -4.34
CA GLY B 27 26.35 -66.56 -5.05
C GLY B 27 25.17 -65.70 -5.49
N ILE B 28 25.39 -64.84 -6.48
CA ILE B 28 24.38 -63.92 -6.97
C ILE B 28 24.66 -63.61 -8.43
N SER B 29 23.61 -63.25 -9.16
CA SER B 29 23.75 -62.81 -10.55
C SER B 29 22.58 -61.90 -10.89
N PHE B 30 22.78 -61.08 -11.92
CA PHE B 30 21.81 -60.07 -12.34
C PHE B 30 21.60 -60.15 -13.85
N PRO B 31 20.56 -60.84 -14.31
CA PRO B 31 20.32 -60.94 -15.76
C PRO B 31 19.89 -59.62 -16.38
N GLN B 32 18.74 -59.10 -15.97
CA GLN B 32 18.18 -57.88 -16.53
C GLN B 32 18.90 -56.62 -16.08
N LYS B 34 21.56 -53.51 -16.33
CA LYS B 34 22.23 -52.71 -17.35
C LYS B 34 22.38 -51.27 -16.89
N LEU B 35 23.62 -50.81 -16.75
CA LEU B 35 23.93 -49.45 -16.28
C LEU B 35 23.17 -49.10 -15.00
N SER B 36 22.72 -50.10 -14.25
CA SER B 36 21.95 -49.86 -13.04
C SER B 36 21.60 -51.21 -12.41
N LEU B 37 21.02 -51.16 -11.23
CA LEU B 37 20.63 -52.37 -10.53
C LEU B 37 19.68 -53.20 -11.38
N GLY B 38 19.78 -54.51 -11.24
CA GLY B 38 18.86 -55.39 -11.93
C GLY B 38 17.53 -55.52 -11.21
N GLN B 39 16.50 -55.86 -11.97
CA GLN B 39 15.17 -56.06 -11.40
C GLN B 39 14.90 -57.50 -10.99
N LEU B 40 15.71 -58.45 -11.47
CA LEU B 40 15.51 -59.86 -11.17
C LEU B 40 16.82 -60.44 -10.63
N PHE B 41 16.81 -60.82 -9.36
CA PHE B 41 17.95 -61.53 -8.79
C PHE B 41 17.91 -62.99 -9.20
N ARG B 42 19.09 -63.59 -9.36
CA ARG B 42 19.22 -65.01 -9.69
C ARG B 42 20.30 -65.60 -8.78
N ILE B 43 19.88 -66.21 -7.68
CA ILE B 43 20.80 -66.85 -6.75
C ILE B 43 21.27 -68.17 -7.35
N HIS B 44 22.58 -68.43 -7.27
CA HIS B 44 23.17 -69.62 -7.84
C HIS B 44 23.82 -70.46 -6.75
N GLY B 45 23.64 -71.77 -6.84
CA GLY B 45 24.11 -72.70 -5.83
C GLY B 45 23.08 -73.76 -5.53
N ASP B 46 22.75 -73.95 -4.26
CA ASP B 46 21.72 -74.91 -3.88
C ASP B 46 20.97 -74.44 -2.64
N GLN B 79 26.41 -68.90 -20.30
CA GLN B 79 26.22 -68.34 -18.97
C GLN B 79 27.40 -68.71 -18.07
N TYR B 80 28.53 -68.01 -18.25
CA TYR B 80 29.80 -68.36 -17.60
C TYR B 80 30.53 -67.05 -17.30
N ARG B 81 30.12 -66.39 -16.21
CA ARG B 81 30.68 -65.10 -15.83
C ARG B 81 30.92 -65.09 -14.33
N ILE B 82 31.22 -63.92 -13.78
CA ILE B 82 31.66 -63.79 -12.40
C ILE B 82 31.29 -62.40 -11.90
N VAL B 83 30.86 -62.32 -10.64
CA VAL B 83 30.40 -61.07 -10.03
C VAL B 83 31.20 -60.82 -8.76
N SER B 84 31.55 -59.55 -8.52
CA SER B 84 32.45 -59.21 -7.42
C SER B 84 32.04 -57.89 -6.79
N VAL B 85 32.52 -57.68 -5.55
CA VAL B 85 32.26 -56.45 -4.84
C VAL B 85 33.28 -55.39 -5.26
N LYS B 86 32.97 -54.13 -4.95
CA LYS B 86 33.83 -53.02 -5.31
C LYS B 86 33.68 -51.91 -4.28
N ARG B 87 34.80 -51.51 -3.68
CA ARG B 87 34.81 -50.41 -2.72
C ARG B 87 36.14 -49.69 -2.82
N SER B 88 36.15 -48.42 -2.41
CA SER B 88 37.33 -47.60 -2.49
C SER B 88 38.15 -47.68 -1.21
N ASN B 89 39.47 -47.51 -1.36
CA ASN B 89 40.38 -47.42 -0.22
C ASN B 89 40.36 -46.06 0.45
N LEU B 90 39.47 -45.16 0.02
CA LEU B 90 39.38 -43.81 0.56
C LEU B 90 37.98 -43.58 1.10
N SER B 91 37.90 -42.82 2.20
CA SER B 91 36.63 -42.49 2.82
C SER B 91 36.79 -41.20 3.62
N LYS B 92 35.65 -40.54 3.86
CA LYS B 92 35.65 -39.42 4.79
C LYS B 92 36.11 -39.85 6.17
N ALA B 93 35.60 -41.00 6.63
CA ALA B 93 36.00 -41.52 7.93
C ALA B 93 37.50 -41.83 7.97
N LYS B 94 38.07 -42.28 6.85
CA LYS B 94 39.50 -42.61 6.84
C LYS B 94 40.36 -41.36 6.89
N LEU B 95 39.94 -40.27 6.24
CA LEU B 95 40.69 -39.02 6.36
C LEU B 95 40.61 -38.47 7.79
N LYS B 96 39.40 -38.47 8.37
CA LYS B 96 39.25 -38.05 9.76
C LYS B 96 40.09 -38.92 10.69
N ARG B 97 40.26 -40.21 10.35
CA ARG B 97 41.13 -41.07 11.15
C ARG B 97 42.60 -40.68 11.00
N LEU B 98 43.01 -40.31 9.78
CA LEU B 98 44.39 -39.87 9.58
C LEU B 98 44.69 -38.60 10.39
N ILE B 99 43.79 -37.62 10.31
CA ILE B 99 43.98 -36.38 11.06
C ILE B 99 44.06 -36.67 12.55
N ALA B 100 43.40 -37.75 13.01
CA ALA B 100 43.47 -38.15 14.41
C ALA B 100 44.75 -38.92 14.73
N ARG B 101 45.25 -39.70 13.78
CA ARG B 101 46.50 -40.42 13.97
C ARG B 101 47.72 -39.54 13.80
N GLY B 102 47.54 -38.27 13.44
CA GLY B 102 48.65 -37.36 13.25
C GLY B 102 49.46 -37.59 11.99
N SER B 103 48.88 -38.25 10.99
CA SER B 103 49.59 -38.59 9.77
C SER B 103 49.18 -37.73 8.58
N ILE B 104 48.52 -36.60 8.84
CA ILE B 104 47.97 -35.76 7.78
C ILE B 104 48.35 -34.30 8.02
N ASP B 105 48.84 -33.64 6.98
CA ASP B 105 49.13 -32.22 6.98
C ASP B 105 47.97 -31.46 6.36
N LYS B 106 47.91 -30.16 6.62
CA LYS B 106 46.82 -29.37 6.07
C LYS B 106 46.79 -29.43 4.54
N ASP B 107 47.95 -29.53 3.91
CA ASP B 107 47.99 -29.78 2.48
C ASP B 107 47.76 -31.25 2.14
N GLY B 108 48.04 -32.14 3.08
CA GLY B 108 47.70 -33.54 2.86
C GLY B 108 46.20 -33.77 2.76
N GLU B 109 45.44 -33.10 3.62
CA GLU B 109 43.98 -33.16 3.52
C GLU B 109 43.51 -32.77 2.13
N LYS B 110 44.03 -31.65 1.62
CA LYS B 110 43.59 -31.16 0.32
C LYS B 110 43.94 -32.11 -0.81
N ARG B 111 45.08 -32.80 -0.72
CA ARG B 111 45.44 -33.77 -1.75
C ARG B 111 44.70 -35.09 -1.58
N TYR B 112 44.37 -35.46 -0.33
CA TYR B 112 43.54 -36.64 -0.11
C TYR B 112 42.15 -36.44 -0.72
N LYS B 113 41.57 -35.26 -0.56
CA LYS B 113 40.21 -35.02 -1.04
C LYS B 113 40.16 -35.05 -2.57
N VAL B 114 41.17 -34.48 -3.23
CA VAL B 114 41.16 -34.44 -4.69
C VAL B 114 41.14 -35.85 -5.28
N LYS B 115 41.77 -36.80 -4.60
CA LYS B 115 41.81 -38.17 -5.11
C LYS B 115 40.52 -38.91 -4.83
N LEU B 117 37.31 -37.66 -4.24
CA LEU B 117 36.24 -37.14 -5.08
C LEU B 117 36.54 -37.28 -6.57
N GLY B 118 37.81 -37.48 -6.93
CA GLY B 118 38.16 -37.61 -8.34
C GLY B 118 37.72 -38.94 -8.92
N GLN B 119 37.83 -40.02 -8.15
CA GLN B 119 37.43 -41.32 -8.64
C GLN B 119 35.90 -41.42 -8.68
N GLY B 120 35.38 -41.88 -9.81
CA GLY B 120 33.95 -42.05 -9.98
C GLY B 120 33.59 -43.44 -10.48
N PHE B 121 32.69 -44.12 -9.79
CA PHE B 121 32.32 -45.50 -10.11
C PHE B 121 31.03 -45.50 -10.90
N ASP B 122 31.14 -45.75 -12.21
CA ASP B 122 29.96 -45.99 -13.03
C ASP B 122 29.31 -47.32 -12.70
N ASN B 123 29.93 -48.15 -11.87
CA ASN B 123 29.41 -49.48 -11.59
C ASN B 123 28.06 -49.38 -10.88
N PRO B 124 27.18 -50.36 -11.07
CA PRO B 124 25.90 -50.36 -10.34
C PRO B 124 26.13 -50.47 -8.85
N TYR B 125 25.30 -49.77 -8.08
CA TYR B 125 25.47 -49.67 -6.63
C TYR B 125 24.13 -49.87 -5.95
N LEU B 126 24.21 -50.14 -4.64
CA LEU B 126 23.05 -50.16 -3.76
C LEU B 126 23.38 -49.36 -2.51
N ASP B 127 22.37 -48.69 -1.96
CA ASP B 127 22.52 -47.92 -0.73
C ASP B 127 21.91 -48.76 0.39
N LEU B 128 22.75 -49.51 1.09
CA LEU B 128 22.31 -50.51 2.06
C LEU B 128 22.04 -49.83 3.40
N PHE B 129 20.76 -49.77 3.79
CA PHE B 129 20.43 -49.38 5.14
C PHE B 129 21.12 -50.31 6.12
N SER B 130 21.23 -49.87 7.37
CA SER B 130 21.95 -50.64 8.37
C SER B 130 21.47 -50.26 9.76
N SER B 131 21.73 -51.16 10.72
CA SER B 131 21.42 -50.94 12.13
C SER B 131 22.57 -51.21 13.09
N SER B 132 23.55 -52.05 12.71
CA SER B 132 24.67 -52.32 13.60
C SER B 132 25.51 -51.06 13.80
N THR B 133 25.86 -50.39 12.71
CA THR B 133 26.63 -49.15 12.75
C THR B 133 25.75 -47.91 12.58
N GLY B 134 24.48 -48.08 12.25
CA GLY B 134 23.56 -46.96 12.14
C GLY B 134 23.81 -46.06 10.96
N GLN B 135 24.45 -46.55 9.91
CA GLN B 135 24.82 -45.74 8.76
C GLN B 135 24.13 -46.24 7.50
N VAL B 136 23.96 -45.35 6.55
CA VAL B 136 23.51 -45.69 5.20
C VAL B 136 24.74 -45.60 4.30
N TYR B 137 25.19 -46.74 3.78
CA TYR B 137 26.39 -46.80 2.97
C TYR B 137 26.08 -47.37 1.60
N ARG B 138 26.93 -47.02 0.63
CA ARG B 138 26.76 -47.44 -0.75
C ARG B 138 27.77 -48.54 -1.08
N LYS B 139 27.28 -49.63 -1.65
CA LYS B 139 28.11 -50.75 -2.08
C LYS B 139 28.06 -50.86 -3.59
N PHE B 140 29.21 -51.14 -4.21
CA PHE B 140 29.34 -51.20 -5.65
C PHE B 140 29.65 -52.62 -6.09
N PHE B 141 29.29 -52.93 -7.34
CA PHE B 141 29.44 -54.26 -7.90
C PHE B 141 30.02 -54.16 -9.30
N GLU B 142 31.02 -55.00 -9.59
CA GLU B 142 31.62 -55.08 -10.91
C GLU B 142 31.49 -56.51 -11.44
N PHE B 143 31.85 -56.68 -12.71
CA PHE B 143 31.65 -57.96 -13.38
C PHE B 143 32.79 -58.21 -14.37
N SER B 144 32.83 -59.45 -14.86
CA SER B 144 33.65 -59.86 -16.00
C SER B 144 32.95 -61.06 -16.63
N ASP B 145 32.84 -61.09 -17.96
CA ASP B 145 31.84 -61.95 -18.61
C ASP B 145 32.35 -63.16 -19.38
N ILE B 146 32.61 -62.95 -20.67
CA ILE B 146 32.75 -64.03 -21.64
C ILE B 146 33.87 -64.96 -21.21
N GLN B 147 33.53 -66.24 -21.03
CA GLN B 147 34.52 -67.27 -20.75
C GLN B 147 33.97 -68.62 -21.22
N GLU B 154 34.50 -69.40 -0.45
CA GLU B 154 34.54 -69.06 -1.86
C GLU B 154 33.73 -67.79 -2.12
N PHE B 155 32.61 -67.66 -1.41
CA PHE B 155 31.74 -66.49 -1.50
C PHE B 155 31.71 -65.79 -0.14
N ASP B 156 31.83 -64.47 -0.17
CA ASP B 156 31.85 -63.68 1.05
C ASP B 156 30.42 -63.54 1.59
N SER B 157 30.23 -62.65 2.56
CA SER B 157 28.94 -62.52 3.23
C SER B 157 27.83 -62.07 2.29
N TYR B 158 28.17 -61.53 1.12
CA TYR B 158 27.18 -60.93 0.24
C TYR B 158 27.00 -61.69 -1.07
N GLY B 159 27.36 -62.98 -1.09
CA GLY B 159 27.19 -63.76 -2.30
C GLY B 159 28.05 -63.33 -3.47
N LEU B 160 29.12 -62.59 -3.20
CA LEU B 160 30.05 -62.16 -4.24
C LEU B 160 31.44 -62.73 -3.95
N SER B 161 32.27 -62.77 -5.00
CA SER B 161 33.62 -63.28 -4.88
C SER B 161 34.48 -62.67 -5.97
N LYS B 162 35.80 -62.82 -5.83
CA LYS B 162 36.75 -62.34 -6.82
C LYS B 162 37.17 -63.42 -7.80
N THR B 163 36.73 -64.67 -7.61
CA THR B 163 37.15 -65.76 -8.47
C THR B 163 35.99 -66.68 -8.83
N ALA B 164 35.05 -66.87 -7.90
CA ALA B 164 33.98 -67.84 -8.09
C ALA B 164 33.14 -67.49 -9.31
N THR B 165 33.03 -68.43 -10.25
CA THR B 165 32.26 -68.24 -11.45
C THR B 165 30.77 -68.46 -11.18
N VAL B 166 29.94 -67.83 -11.99
CA VAL B 166 28.48 -67.95 -11.87
C VAL B 166 27.85 -67.83 -13.24
N PRO B 167 26.69 -68.46 -13.47
CA PRO B 167 25.95 -68.34 -14.73
C PRO B 167 25.43 -66.92 -14.96
N GLN C 2 15.19 -2.07 25.04
CA GLN C 2 16.57 -1.76 25.33
C GLN C 2 17.45 -1.98 24.10
N LYS C 3 18.72 -1.61 24.18
CA LYS C 3 19.65 -1.72 23.06
C LYS C 3 20.33 -3.08 23.08
N VAL C 4 20.55 -3.62 21.88
CA VAL C 4 21.15 -4.94 21.71
C VAL C 4 22.63 -4.78 21.37
N THR C 5 23.49 -5.45 22.14
CA THR C 5 24.93 -5.47 21.92
C THR C 5 25.38 -6.91 21.71
N GLY C 6 26.68 -7.08 21.50
CA GLY C 6 27.26 -8.39 21.26
C GLY C 6 27.33 -8.74 19.80
N ILE C 7 27.57 -10.02 19.54
CA ILE C 7 27.61 -10.53 18.17
C ILE C 7 26.19 -10.68 17.65
N LYS C 8 25.92 -10.08 16.49
CA LYS C 8 24.62 -10.18 15.86
C LYS C 8 24.55 -11.24 14.77
N SER C 9 25.70 -11.66 14.21
CA SER C 9 25.72 -12.64 13.15
C SER C 9 27.14 -13.14 12.96
N VAL C 10 27.26 -14.31 12.34
CA VAL C 10 28.55 -14.93 12.07
C VAL C 10 28.65 -15.08 10.54
N ASP C 11 29.32 -14.13 9.90
CA ASP C 11 29.50 -14.19 8.46
C ASP C 11 30.72 -15.04 8.12
N PHE C 12 30.91 -15.29 6.83
CA PHE C 12 32.06 -16.07 6.39
C PHE C 12 32.10 -16.10 4.87
N LYS C 13 33.31 -16.28 4.34
CA LYS C 13 33.56 -16.45 2.91
C LYS C 13 34.04 -17.86 2.66
N ILE C 14 33.45 -18.52 1.67
CA ILE C 14 33.76 -19.91 1.34
C ILE C 14 34.55 -19.95 0.03
N LYS C 15 35.58 -20.79 -0.01
CA LYS C 15 36.37 -21.03 -1.22
C LYS C 15 36.43 -22.53 -1.45
N ALA C 16 35.90 -22.99 -2.57
CA ALA C 16 35.82 -24.41 -2.87
C ALA C 16 36.54 -24.71 -4.18
N LEU C 17 36.91 -25.98 -4.34
CA LEU C 17 37.58 -26.47 -5.53
C LEU C 17 36.79 -27.65 -6.08
N GLY C 18 37.03 -27.99 -7.34
CA GLY C 18 36.35 -29.13 -7.92
C GLY C 18 36.63 -29.28 -9.40
N HIS C 19 35.66 -29.86 -10.10
CA HIS C 19 35.79 -30.23 -11.50
C HIS C 19 34.44 -30.73 -12.02
N GLY C 20 34.06 -30.31 -13.22
CA GLY C 20 32.79 -30.71 -13.78
C GLY C 20 31.64 -29.95 -13.16
N VAL C 21 30.43 -30.32 -13.59
CA VAL C 21 29.20 -29.65 -13.17
C VAL C 21 28.56 -30.46 -12.05
N VAL C 22 28.39 -29.84 -10.90
CA VAL C 22 27.74 -30.49 -9.76
C VAL C 22 26.22 -30.28 -9.77
N ASN C 23 25.76 -29.13 -10.25
CA ASN C 23 24.35 -28.74 -10.12
C ASN C 23 23.83 -28.32 -11.49
N TRP C 24 22.87 -29.07 -12.03
CA TRP C 24 22.29 -28.78 -13.33
C TRP C 24 20.95 -28.07 -13.18
N ASN C 25 20.49 -27.51 -14.30
CA ASN C 25 19.26 -26.72 -14.32
C ASN C 25 18.05 -27.56 -14.71
N GLY C 26 18.11 -28.21 -15.87
CA GLY C 26 17.04 -29.03 -16.35
C GLY C 26 16.95 -29.07 -17.86
N PRO C 27 15.86 -29.62 -18.39
CA PRO C 27 15.70 -29.66 -19.85
C PRO C 27 15.58 -28.26 -20.43
N THR C 28 16.04 -28.11 -21.67
CA THR C 28 16.04 -26.82 -22.35
C THR C 28 15.93 -27.05 -23.85
N THR C 29 15.13 -26.22 -24.51
CA THR C 29 14.93 -26.29 -25.96
C THR C 29 15.76 -25.18 -26.61
N LEU C 30 16.75 -25.57 -27.42
CA LEU C 30 17.56 -24.62 -28.17
C LEU C 30 17.52 -24.85 -29.68
N THR C 31 17.09 -26.03 -30.13
CA THR C 31 16.94 -26.37 -31.56
C THR C 31 17.48 -25.32 -32.53
N ASP C 39 16.36 -29.23 -30.42
CA ASP C 39 17.02 -30.31 -29.69
C ASP C 39 16.99 -30.05 -28.19
N ASN C 40 17.03 -31.14 -27.41
CA ASN C 40 16.99 -31.04 -25.96
C ASN C 40 18.42 -31.04 -25.42
N HIS C 41 18.88 -29.89 -24.95
CA HIS C 41 20.24 -29.70 -24.44
C HIS C 41 20.15 -29.28 -22.98
N THR C 42 20.54 -30.17 -22.08
CA THR C 42 20.47 -29.90 -20.64
C THR C 42 21.64 -29.02 -20.23
N LEU C 43 21.33 -27.74 -19.89
CA LEU C 43 22.32 -26.78 -19.43
C LEU C 43 22.49 -26.86 -17.92
N PRO C 44 23.70 -26.61 -17.42
CA PRO C 44 23.88 -26.48 -15.97
C PRO C 44 23.26 -25.20 -15.45
N LYS C 45 23.68 -24.75 -14.27
CA LYS C 45 23.13 -23.55 -13.65
C LYS C 45 24.05 -22.37 -13.93
N LEU C 46 23.61 -21.47 -14.80
CA LEU C 46 24.35 -20.26 -15.14
C LEU C 46 23.59 -19.05 -14.62
N ARG C 47 24.31 -18.14 -13.95
CA ARG C 47 23.71 -16.95 -13.37
C ARG C 47 23.56 -15.86 -14.42
N GLY C 48 22.34 -15.34 -14.56
CA GLY C 48 22.04 -14.33 -15.55
C GLY C 48 21.72 -14.85 -16.93
N TYR C 49 21.82 -16.17 -17.14
CA TYR C 49 21.64 -16.75 -18.46
C TYR C 49 20.18 -16.71 -18.89
N THR C 50 19.99 -16.66 -20.21
CA THR C 50 18.67 -16.80 -20.82
C THR C 50 18.84 -17.52 -22.14
N ASN C 51 17.94 -18.46 -22.43
CA ASN C 51 17.97 -19.21 -23.68
C ASN C 51 17.09 -18.59 -24.76
N LEU C 52 16.75 -17.30 -24.62
CA LEU C 52 15.93 -16.60 -25.58
C LEU C 52 16.72 -15.45 -26.19
N THR C 53 16.63 -15.30 -27.50
CA THR C 53 17.27 -14.19 -28.20
C THR C 53 16.29 -13.02 -28.25
N GLY C 54 16.45 -12.12 -29.23
CA GLY C 54 15.60 -10.96 -29.33
C GLY C 54 14.59 -11.03 -30.46
N LYS C 55 14.38 -12.23 -31.01
CA LYS C 55 13.45 -12.43 -32.10
C LYS C 55 12.11 -12.92 -31.59
N VAL C 56 11.05 -12.57 -32.31
CA VAL C 56 9.69 -12.89 -31.91
C VAL C 56 9.03 -13.72 -33.01
N LYS C 57 8.02 -14.47 -32.61
CA LYS C 57 7.19 -15.26 -33.54
C LYS C 57 6.00 -14.44 -34.02
N ASP C 58 5.41 -14.89 -35.12
CA ASP C 58 4.21 -14.27 -35.65
C ASP C 58 2.97 -14.97 -35.09
N GLU C 59 1.90 -14.20 -34.91
CA GLU C 59 0.65 -14.66 -34.35
C GLU C 59 0.78 -15.15 -32.90
N THR C 60 1.95 -14.95 -32.29
CA THR C 60 2.17 -15.28 -30.89
C THR C 60 3.36 -14.50 -30.40
N GLY C 61 3.30 -14.05 -29.15
CA GLY C 61 4.39 -13.27 -28.57
C GLY C 61 5.62 -14.07 -28.20
N TYR C 62 5.62 -15.38 -28.40
CA TYR C 62 6.75 -16.20 -28.01
C TYR C 62 7.99 -15.85 -28.84
N LYS C 63 9.16 -16.07 -28.25
CA LYS C 63 10.43 -15.69 -28.86
C LYS C 63 11.21 -16.92 -29.30
N TYR C 64 12.04 -16.72 -30.33
CA TYR C 64 12.88 -17.79 -30.83
C TYR C 64 13.90 -18.21 -29.77
N LYS C 65 14.55 -19.34 -30.03
CA LYS C 65 15.50 -19.94 -29.11
C LYS C 65 16.93 -19.59 -29.49
N LYS C 66 17.84 -19.81 -28.55
CA LYS C 66 19.26 -19.66 -28.78
C LYS C 66 19.84 -20.98 -29.31
N GLN C 67 21.13 -20.95 -29.66
CA GLN C 67 21.87 -22.15 -30.01
C GLN C 67 22.64 -22.65 -28.80
N ALA C 68 22.79 -23.98 -28.72
CA ALA C 68 23.44 -24.59 -27.57
C ALA C 68 24.90 -24.17 -27.43
N THR C 69 25.47 -23.49 -28.42
CA THR C 69 26.88 -23.13 -28.41
C THR C 69 27.13 -21.66 -28.07
N ASP C 70 26.09 -20.85 -27.92
CA ASP C 70 26.24 -19.43 -27.62
C ASP C 70 26.07 -19.22 -26.12
N ILE C 71 27.18 -19.32 -25.40
CA ILE C 71 27.20 -18.99 -23.97
C ILE C 71 28.57 -18.39 -23.65
N ASN C 72 28.55 -17.32 -22.89
CA ASN C 72 29.77 -16.66 -22.41
C ASN C 72 29.93 -17.02 -20.94
N PHE C 73 30.81 -17.98 -20.66
CA PHE C 73 30.98 -18.48 -19.30
C PHE C 73 31.65 -17.47 -18.38
N LYS C 74 32.00 -16.28 -18.88
CA LYS C 74 32.37 -15.16 -18.02
C LYS C 74 31.21 -14.21 -17.75
N GLU C 75 30.26 -14.10 -18.70
CA GLU C 75 29.12 -13.22 -18.52
C GLU C 75 28.00 -13.93 -17.76
N THR C 76 27.79 -15.21 -18.02
CA THR C 76 26.78 -16.02 -17.33
C THR C 76 27.51 -17.22 -16.72
N PRO C 77 28.21 -17.02 -15.60
CA PRO C 77 29.09 -18.07 -15.08
C PRO C 77 28.35 -19.26 -14.47
N LEU C 78 29.13 -20.20 -13.92
CA LEU C 78 28.60 -21.40 -13.30
C LEU C 78 28.47 -21.20 -11.79
N TYR C 79 27.40 -21.74 -11.22
CA TYR C 79 27.17 -21.62 -9.79
C TYR C 79 26.42 -22.85 -9.29
N ILE C 80 26.61 -23.15 -8.01
CA ILE C 80 25.91 -24.22 -7.32
C ILE C 80 24.89 -23.58 -6.39
N SER C 81 23.61 -23.83 -6.63
CA SER C 81 22.54 -23.11 -5.93
C SER C 81 22.62 -23.34 -4.42
N GLN C 82 22.01 -22.41 -3.68
CA GLN C 82 21.88 -22.57 -2.24
C GLN C 82 21.05 -23.80 -1.90
N ASN C 83 20.06 -24.13 -2.74
CA ASN C 83 19.23 -25.30 -2.46
C ASN C 83 20.02 -26.59 -2.60
N CYS C 84 21.05 -26.60 -3.45
CA CYS C 84 21.89 -27.80 -3.57
C CYS C 84 22.83 -27.94 -2.38
N ILE C 85 23.48 -26.83 -1.99
CA ILE C 85 24.38 -26.86 -0.85
C ILE C 85 23.64 -27.34 0.39
N ARG C 86 22.47 -26.75 0.66
CA ARG C 86 21.70 -27.11 1.85
C ARG C 86 21.28 -28.57 1.84
N HIS C 87 21.31 -29.24 0.68
CA HIS C 87 20.99 -30.67 0.63
C HIS C 87 22.16 -31.51 1.13
N HIS C 88 23.35 -31.30 0.57
CA HIS C 88 24.53 -32.07 0.96
C HIS C 88 25.18 -31.58 2.25
N LEU C 89 24.70 -30.47 2.82
CA LEU C 89 25.22 -29.99 4.09
C LEU C 89 24.55 -30.63 5.29
N PHE C 90 23.26 -30.96 5.20
CA PHE C 90 22.56 -31.60 6.29
C PHE C 90 22.34 -33.09 6.08
N ARG C 91 22.14 -33.52 4.83
CA ARG C 91 22.18 -34.92 4.43
C ARG C 91 21.65 -35.87 5.49
N GLU C 92 20.34 -35.90 5.69
CA GLU C 92 19.75 -36.79 6.69
C GLU C 92 18.30 -37.11 6.36
N LEU C 105 7.55 -32.99 14.38
CA LEU C 105 7.68 -34.09 15.34
C LEU C 105 8.68 -33.72 16.44
N LYS C 106 8.51 -34.35 17.60
CA LYS C 106 9.37 -34.06 18.75
C LYS C 106 10.85 -34.26 18.40
N ASN C 107 11.14 -35.15 17.45
CA ASN C 107 12.52 -35.48 17.14
C ASN C 107 13.12 -34.60 16.06
N VAL C 108 12.31 -34.03 15.18
CA VAL C 108 12.83 -33.12 14.17
C VAL C 108 13.58 -31.98 14.83
N LEU C 109 12.88 -31.21 15.68
CA LEU C 109 13.56 -30.30 16.57
C LEU C 109 14.58 -31.08 17.41
N ALA C 110 15.58 -30.36 17.92
CA ALA C 110 16.69 -30.97 18.66
C ALA C 110 17.53 -31.87 17.73
N SER C 111 17.77 -31.36 16.53
CA SER C 111 18.70 -31.96 15.58
C SER C 111 19.27 -30.85 14.72
N ILE C 112 20.26 -31.20 13.89
CA ILE C 112 20.85 -30.20 13.02
C ILE C 112 19.82 -29.70 12.02
N THR C 113 18.86 -30.55 11.63
CA THR C 113 17.89 -30.18 10.61
C THR C 113 16.84 -29.24 11.15
N GLY C 114 16.42 -29.43 12.40
CA GLY C 114 15.37 -28.63 13.01
C GLY C 114 15.80 -27.29 13.59
N LEU C 115 17.09 -27.08 13.79
CA LEU C 115 17.63 -25.87 14.38
C LEU C 115 18.34 -24.96 13.38
N ILE C 116 19.22 -25.53 12.55
CA ILE C 116 19.99 -24.74 11.59
C ILE C 116 19.23 -24.67 10.27
N ARG C 117 18.90 -25.83 9.71
CA ARG C 117 17.98 -25.87 8.58
C ARG C 117 16.57 -25.58 9.07
N GLY C 118 15.74 -25.03 8.18
CA GLY C 118 14.35 -24.78 8.49
C GLY C 118 13.48 -26.00 8.22
N TYR C 119 12.17 -25.79 8.35
CA TYR C 119 11.22 -26.85 8.00
C TYR C 119 9.81 -26.31 8.11
N VAL C 120 8.94 -26.87 7.27
CA VAL C 120 7.50 -26.69 7.36
C VAL C 120 6.87 -28.08 7.23
N VAL C 121 5.81 -28.31 7.98
CA VAL C 121 5.11 -29.60 7.98
C VAL C 121 3.73 -29.37 7.35
N PRO C 122 3.43 -29.99 6.22
CA PRO C 122 2.09 -29.84 5.63
C PRO C 122 1.02 -30.37 6.57
N SER C 123 -0.22 -29.95 6.31
CA SER C 123 -1.35 -30.29 7.18
C SER C 123 -1.08 -29.86 8.62
N SER C 124 -0.36 -28.76 8.80
CA SER C 124 0.00 -28.27 10.11
C SER C 124 0.64 -26.89 9.98
N GLN C 125 0.26 -25.96 10.86
CA GLN C 125 0.73 -24.59 10.77
C GLN C 125 2.08 -24.42 11.47
N CYS C 126 2.89 -25.47 11.50
CA CYS C 126 4.17 -25.46 12.18
C CYS C 126 5.29 -25.22 11.18
N LYS C 127 6.31 -24.48 11.62
CA LYS C 127 7.42 -24.10 10.74
C LYS C 127 8.51 -23.45 11.58
N ARG C 128 9.73 -23.48 11.05
CA ARG C 128 10.86 -22.77 11.63
C ARG C 128 11.71 -22.20 10.51
N THR C 129 12.15 -20.96 10.69
CA THR C 129 12.98 -20.29 9.70
C THR C 129 14.44 -20.66 9.92
N SER C 130 15.13 -21.00 8.83
CA SER C 130 16.54 -21.36 8.94
C SER C 130 17.37 -20.11 9.20
N PRO C 131 18.19 -20.09 10.25
CA PRO C 131 19.07 -18.95 10.51
C PRO C 131 20.31 -18.91 9.63
N LEU C 132 20.39 -19.74 8.60
CA LEU C 132 21.60 -19.89 7.79
C LEU C 132 21.33 -19.37 6.38
N LEU C 133 21.99 -18.28 6.02
CA LEU C 133 21.92 -17.71 4.68
C LEU C 133 23.15 -18.15 3.88
N LEU C 134 22.93 -18.49 2.61
CA LEU C 134 24.01 -18.95 1.74
C LEU C 134 23.81 -18.37 0.35
N GLU C 135 24.84 -17.70 -0.16
CA GLU C 135 24.81 -17.19 -1.52
C GLU C 135 25.10 -18.32 -2.51
N ASP C 136 25.17 -17.96 -3.79
CA ASP C 136 25.59 -18.90 -4.81
C ASP C 136 27.07 -19.21 -4.65
N PHE C 137 27.43 -20.46 -4.97
CA PHE C 137 28.83 -20.85 -5.08
C PHE C 137 29.22 -20.62 -6.54
N VAL C 138 29.83 -19.48 -6.81
CA VAL C 138 30.02 -18.97 -8.16
C VAL C 138 31.39 -19.38 -8.68
N ASP C 139 31.42 -19.94 -9.89
CA ASP C 139 32.66 -20.33 -10.52
C ASP C 139 33.46 -19.11 -10.96
N GLN C 140 34.78 -19.19 -10.78
CA GLN C 140 35.70 -18.14 -11.22
C GLN C 140 36.45 -18.49 -12.48
N LEU C 141 36.77 -19.76 -12.69
CA LEU C 141 37.46 -20.22 -13.89
C LEU C 141 36.42 -20.70 -14.89
N GLY C 142 36.23 -19.94 -15.98
CA GLY C 142 35.21 -20.25 -16.96
C GLY C 142 35.62 -21.30 -17.97
N ASN C 143 35.72 -22.55 -17.52
CA ASN C 143 36.17 -23.66 -18.35
C ASN C 143 34.94 -24.47 -18.77
N GLY C 144 34.32 -24.06 -19.88
CA GLY C 144 33.17 -24.76 -20.41
C GLY C 144 33.20 -24.78 -21.92
N ASN C 145 32.45 -25.72 -22.48
CA ASN C 145 32.35 -25.88 -23.93
C ASN C 145 31.09 -26.62 -24.35
N LYS C 163 26.31 -33.18 -24.29
CA LYS C 163 26.02 -32.15 -23.29
C LYS C 163 27.16 -31.14 -23.21
N THR C 164 26.89 -30.03 -22.51
CA THR C 164 27.90 -29.00 -22.27
C THR C 164 28.58 -29.29 -20.94
N THR C 165 29.86 -29.65 -21.00
CA THR C 165 30.59 -30.15 -19.84
C THR C 165 31.68 -29.17 -19.42
N PHE C 166 32.13 -29.31 -18.18
CA PHE C 166 33.05 -28.39 -17.55
C PHE C 166 34.32 -29.11 -17.10
N GLY C 167 35.39 -28.34 -16.96
CA GLY C 167 36.67 -28.81 -16.43
C GLY C 167 36.88 -28.38 -15.00
N ASP C 168 38.13 -28.05 -14.66
CA ASP C 168 38.44 -27.61 -13.31
C ASP C 168 37.62 -26.39 -12.94
N THR C 169 37.01 -26.43 -11.76
CA THR C 169 36.18 -25.35 -11.26
C THR C 169 36.75 -24.80 -9.96
N GLU C 170 36.57 -23.49 -9.76
CA GLU C 170 36.92 -22.82 -8.51
C GLU C 170 35.75 -21.95 -8.11
N TYR C 171 35.19 -22.21 -6.93
CA TYR C 171 34.01 -21.51 -6.46
C TYR C 171 34.36 -20.50 -5.38
N ILE C 172 33.52 -19.47 -5.27
CA ILE C 172 33.56 -18.52 -4.17
C ILE C 172 32.13 -18.31 -3.69
N SER C 173 31.98 -17.93 -2.42
CA SER C 173 30.65 -17.73 -1.87
C SER C 173 30.78 -17.04 -0.52
N TYR C 174 29.64 -16.57 -0.02
CA TYR C 174 29.52 -16.00 1.31
C TYR C 174 28.33 -16.63 2.02
N GLY C 175 28.21 -16.34 3.30
CA GLY C 175 27.13 -16.90 4.10
C GLY C 175 27.05 -16.22 5.44
N SER C 176 25.91 -16.42 6.11
CA SER C 176 25.67 -15.76 7.38
C SER C 176 24.81 -16.64 8.27
N ILE C 177 25.04 -16.54 9.57
CA ILE C 177 24.21 -17.19 10.59
C ILE C 177 23.57 -16.09 11.43
N SER C 178 22.24 -16.12 11.52
CA SER C 178 21.50 -15.15 12.31
C SER C 178 21.36 -15.66 13.73
N ILE C 179 21.84 -14.88 14.70
CA ILE C 179 21.72 -15.26 16.10
C ILE C 179 20.28 -15.12 16.58
N GLU C 180 19.56 -14.11 16.08
CA GLU C 180 18.17 -13.93 16.47
C GLU C 180 17.33 -15.13 16.06
N GLN C 181 17.49 -15.59 14.81
CA GLN C 181 16.73 -16.71 14.30
C GLN C 181 17.28 -18.06 14.75
N LEU C 182 18.45 -18.08 15.38
CA LEU C 182 19.04 -19.32 15.87
C LEU C 182 18.79 -19.53 17.36
N GLN C 183 18.84 -18.47 18.15
CA GLN C 183 18.80 -18.58 19.61
C GLN C 183 17.41 -18.81 20.17
N PHE C 184 16.36 -18.43 19.46
CA PHE C 184 14.99 -18.53 19.96
C PHE C 184 14.22 -19.54 19.15
N ILE C 185 13.47 -20.39 19.85
CA ILE C 185 12.60 -21.41 19.26
C ILE C 185 11.18 -21.10 19.73
N SER C 186 10.33 -20.68 18.80
CA SER C 186 8.95 -20.31 19.11
C SER C 186 8.06 -21.54 19.14
N LEU C 187 7.33 -21.72 20.24
CA LEU C 187 6.32 -22.77 20.39
C LEU C 187 4.92 -22.17 20.50
N ASP C 188 4.72 -20.99 19.93
CA ASP C 188 3.48 -20.23 20.07
C ASP C 188 2.91 -19.93 18.69
N LYS C 189 1.60 -20.12 18.55
CA LYS C 189 0.88 -19.78 17.34
C LYS C 189 0.43 -18.32 17.32
N LYS C 190 0.92 -17.52 18.26
CA LYS C 190 0.49 -16.12 18.36
C LYS C 190 0.77 -15.37 17.07
N PHE C 191 2.01 -15.43 16.59
CA PHE C 191 2.41 -14.74 15.36
C PHE C 191 2.63 -15.71 14.21
N ASP C 192 2.02 -16.90 14.26
CA ASP C 192 2.17 -17.90 13.20
C ASP C 192 3.61 -18.39 13.09
N ARG C 193 4.31 -18.47 14.22
CA ARG C 193 5.70 -18.89 14.25
C ARG C 193 5.91 -20.22 14.95
N ALA C 194 4.83 -20.90 15.34
CA ALA C 194 4.95 -22.13 16.12
C ALA C 194 5.76 -23.17 15.37
N ALA C 195 6.93 -23.52 15.93
CA ALA C 195 7.71 -24.64 15.43
C ALA C 195 7.11 -25.99 15.78
N VAL C 197 3.24 -27.71 17.80
CA VAL C 197 2.08 -27.54 18.67
C VAL C 197 2.36 -28.17 20.02
N ILE C 198 2.16 -27.39 21.08
CA ILE C 198 2.60 -27.77 22.42
C ILE C 198 1.42 -27.71 23.38
N LYS C 199 1.33 -28.70 24.25
CA LYS C 199 0.36 -28.73 25.35
C LYS C 199 1.06 -28.38 26.67
N GLU C 200 0.25 -28.11 27.69
CA GLU C 200 0.80 -27.74 28.99
C GLU C 200 1.78 -28.81 29.48
N GLY C 201 2.83 -28.34 30.16
CA GLY C 201 3.81 -29.25 30.73
C GLY C 201 4.85 -29.72 29.74
N GLU C 202 4.46 -29.90 28.48
CA GLU C 202 5.38 -30.37 27.45
C GLU C 202 6.53 -29.42 27.19
N GLY C 203 6.46 -28.19 27.69
CA GLY C 203 7.49 -27.21 27.37
C GLY C 203 8.86 -27.59 27.91
N GLU C 204 8.94 -27.89 29.21
CA GLU C 204 10.23 -28.17 29.82
C GLU C 204 10.84 -29.48 29.34
N VAL C 205 10.03 -30.43 28.88
CA VAL C 205 10.56 -31.67 28.35
C VAL C 205 11.29 -31.41 27.03
N ILE C 206 10.64 -30.67 26.13
CA ILE C 206 11.27 -30.35 24.84
C ILE C 206 12.56 -29.57 25.08
N ALA C 207 12.52 -28.59 25.97
CA ALA C 207 13.73 -27.80 26.26
C ALA C 207 14.85 -28.68 26.76
N ALA C 208 14.55 -29.65 27.63
CA ALA C 208 15.58 -30.54 28.14
C ALA C 208 16.20 -31.38 27.03
N GLU C 209 15.39 -31.81 26.06
CA GLU C 209 15.93 -32.62 24.98
C GLU C 209 16.80 -31.79 24.05
N LEU C 210 16.34 -30.57 23.70
CA LEU C 210 17.19 -29.63 22.99
C LEU C 210 18.56 -29.53 23.66
N GLN C 211 18.56 -29.14 24.93
CA GLN C 211 19.81 -28.97 25.67
C GLN C 211 20.67 -30.22 25.64
N ASN C 212 20.06 -31.40 25.52
CA ASN C 212 20.83 -32.63 25.49
C ASN C 212 21.53 -32.81 24.15
N TYR C 213 20.83 -32.52 23.05
CA TYR C 213 21.46 -32.63 21.73
C TYR C 213 22.58 -31.62 21.56
N ILE C 214 22.38 -30.39 22.04
CA ILE C 214 23.44 -29.40 22.00
C ILE C 214 24.63 -29.85 22.85
N GLN C 215 24.35 -30.49 23.99
CA GLN C 215 25.42 -30.99 24.84
C GLN C 215 26.23 -32.08 24.14
N SER C 216 25.60 -32.85 23.25
CA SER C 216 26.32 -33.93 22.59
C SER C 216 27.28 -33.39 21.53
N LEU C 217 26.97 -32.24 20.92
CA LEU C 217 27.89 -31.64 19.97
C LEU C 217 29.25 -31.37 20.60
N ASN C 218 29.25 -30.98 21.87
CA ASN C 218 30.46 -30.60 22.59
C ASN C 218 30.26 -30.74 24.09
N PRO C 219 30.75 -31.81 24.70
CA PRO C 219 30.52 -32.03 26.14
C PRO C 219 31.30 -31.09 27.04
N SER C 220 32.29 -30.36 26.51
CA SER C 220 33.06 -29.42 27.31
C SER C 220 32.30 -28.14 27.63
N LEU C 221 31.17 -27.90 26.98
CA LEU C 221 30.40 -26.68 27.14
C LEU C 221 29.23 -26.89 28.10
N ASN C 222 28.64 -25.77 28.53
CA ASN C 222 27.52 -25.76 29.46
C ASN C 222 26.31 -25.13 28.79
N PRO C 223 25.78 -25.75 27.73
CA PRO C 223 24.62 -25.18 27.04
C PRO C 223 23.37 -25.19 27.91
N GLN C 224 22.44 -24.31 27.56
CA GLN C 224 21.17 -24.18 28.27
C GLN C 224 20.05 -23.97 27.27
N ALA C 225 18.98 -24.74 27.42
CA ALA C 225 17.78 -24.62 26.60
C ALA C 225 16.62 -24.41 27.55
N ILE C 226 16.28 -23.16 27.81
CA ILE C 226 15.29 -22.78 28.80
C ILE C 226 13.96 -22.50 28.13
N PHE C 227 12.88 -22.87 28.80
CA PHE C 227 11.52 -22.68 28.30
C PHE C 227 10.82 -21.61 29.13
N HIS C 228 9.98 -20.81 28.48
CA HIS C 228 9.20 -19.81 29.16
C HIS C 228 7.90 -19.59 28.41
N SER C 229 6.83 -19.29 29.14
CA SER C 229 5.52 -19.09 28.57
C SER C 229 5.35 -17.73 27.88
N ASN C 230 6.36 -16.86 27.94
CA ASN C 230 6.21 -15.53 27.37
C ASN C 230 7.57 -14.87 27.14
N TYR C 231 8.21 -15.17 26.02
CA TYR C 231 9.49 -14.56 25.66
C TYR C 231 9.24 -13.32 24.81
N VAL C 232 9.68 -12.17 25.31
CA VAL C 232 9.45 -10.89 24.65
C VAL C 232 10.70 -10.52 23.87
N ARG C 233 10.52 -10.08 22.63
CA ARG C 233 11.64 -9.57 21.84
C ARG C 233 11.92 -8.13 22.22
N ARG C 234 13.20 -7.76 22.14
CA ARG C 234 13.60 -6.39 22.42
C ARG C 234 13.03 -5.44 21.39
N GLY C 235 12.52 -4.29 21.84
CA GLY C 235 12.11 -3.22 20.96
C GLY C 235 10.61 -2.99 20.87
N THR C 236 9.79 -3.92 21.34
CA THR C 236 8.34 -3.73 21.25
C THR C 236 7.90 -2.60 22.19
N ILE C 237 6.62 -2.24 22.08
CA ILE C 237 6.04 -1.22 22.94
C ILE C 237 5.06 -1.80 23.95
N PHE C 238 4.43 -2.93 23.63
CA PHE C 238 3.49 -3.60 24.54
C PHE C 238 4.10 -4.83 25.21
N GLU C 239 5.35 -5.16 24.90
CA GLU C 239 6.02 -6.34 25.48
C GLU C 239 5.12 -7.57 25.36
N GLU C 240 4.50 -7.73 24.20
CA GLU C 240 3.73 -8.92 23.90
C GLU C 240 4.69 -10.06 23.60
N GLY C 241 4.52 -11.18 24.31
CA GLY C 241 5.45 -12.29 24.25
C GLY C 241 4.84 -13.55 23.66
N GLU C 242 5.72 -14.50 23.36
CA GLU C 242 5.33 -15.81 22.88
C GLU C 242 6.12 -16.87 23.65
N CYS C 243 5.47 -18.01 23.89
CA CYS C 243 6.11 -19.08 24.63
C CYS C 243 7.09 -19.83 23.73
N GLY C 244 8.31 -20.02 24.21
CA GLY C 244 9.32 -20.68 23.42
C GLY C 244 10.50 -21.12 24.26
N ILE C 245 11.60 -21.41 23.58
CA ILE C 245 12.82 -21.91 24.20
C ILE C 245 13.98 -21.01 23.79
N LEU C 246 14.73 -20.51 24.78
CA LEU C 246 15.81 -19.56 24.54
C LEU C 246 17.13 -20.23 24.89
N LEU C 247 17.94 -20.49 23.87
CA LEU C 247 19.27 -21.04 24.09
C LEU C 247 20.19 -19.97 24.68
N ASN C 248 21.14 -20.42 25.51
CA ASN C 248 22.05 -19.51 26.17
C ASN C 248 23.30 -19.33 25.30
N ASP C 249 24.32 -18.67 25.85
CA ASP C 249 25.51 -18.34 25.08
C ASP C 249 26.22 -19.60 24.58
N ASP C 250 26.50 -20.54 25.49
CA ASP C 250 27.20 -21.76 25.11
C ASP C 250 26.39 -22.64 24.18
N ALA C 251 25.06 -22.57 24.24
CA ALA C 251 24.25 -23.35 23.32
C ALA C 251 24.37 -22.84 21.89
N VAL C 252 24.32 -21.51 21.72
CA VAL C 252 24.58 -20.92 20.41
C VAL C 252 26.00 -21.25 19.97
N LYS C 253 26.94 -21.29 20.91
CA LYS C 253 28.33 -21.55 20.57
C LYS C 253 28.49 -22.92 19.92
N ALA C 254 27.90 -23.96 20.53
CA ALA C 254 28.02 -25.31 19.99
C ALA C 254 27.34 -25.41 18.63
N LEU C 255 26.17 -24.79 18.48
CA LEU C 255 25.45 -24.86 17.21
C LEU C 255 26.19 -24.11 16.11
N VAL C 256 26.78 -22.96 16.44
CA VAL C 256 27.58 -22.24 15.45
C VAL C 256 28.81 -23.05 15.07
N ALA C 257 29.47 -23.66 16.06
CA ALA C 257 30.66 -24.45 15.76
C ALA C 257 30.33 -25.68 14.92
N GLU C 258 29.21 -26.34 15.24
CA GLU C 258 28.81 -27.51 14.46
C GLU C 258 28.53 -27.15 13.01
N THR C 259 27.89 -26.00 12.78
CA THR C 259 27.54 -25.60 11.43
C THR C 259 28.78 -25.26 10.62
N LEU C 260 29.62 -24.36 11.14
CA LEU C 260 30.88 -24.06 10.48
C LEU C 260 31.70 -25.32 10.24
N GLU C 261 31.62 -26.29 11.16
CA GLU C 261 32.33 -27.55 10.98
C GLU C 261 31.80 -28.31 9.78
N ARG C 262 30.48 -28.35 9.61
CA ARG C 262 29.89 -29.02 8.46
C ARG C 262 30.23 -28.31 7.15
N LEU C 263 30.39 -26.98 7.19
CA LEU C 263 30.67 -26.24 5.96
C LEU C 263 32.11 -26.41 5.50
N ALA C 264 33.06 -26.47 6.43
CA ALA C 264 34.46 -26.66 6.04
C ALA C 264 34.70 -28.06 5.49
N ASN C 265 33.93 -29.05 5.94
CA ASN C 265 34.02 -30.41 5.46
C ASN C 265 32.97 -30.74 4.41
N LEU C 266 32.29 -29.73 3.89
CA LEU C 266 31.34 -29.95 2.80
C LEU C 266 32.08 -30.50 1.58
N SER C 267 31.42 -31.41 0.86
CA SER C 267 32.00 -31.98 -0.35
C SER C 267 30.93 -32.77 -1.09
N ILE C 268 30.71 -32.44 -2.37
CA ILE C 268 29.62 -33.00 -3.15
C ILE C 268 30.21 -33.86 -4.26
N ARG C 269 29.74 -35.09 -4.36
CA ARG C 269 30.10 -36.01 -5.44
C ARG C 269 28.88 -36.24 -6.30
N GLN C 270 28.98 -35.92 -7.59
CA GLN C 270 27.88 -36.12 -8.52
C GLN C 270 28.41 -36.70 -9.81
N ALA C 271 27.51 -37.37 -10.55
CA ALA C 271 27.95 -38.13 -11.72
C ALA C 271 28.76 -37.29 -12.68
N LYS C 272 28.49 -35.98 -12.77
CA LYS C 272 29.11 -35.12 -13.76
C LYS C 272 30.14 -34.16 -13.18
N GLY C 273 30.53 -34.33 -11.93
CA GLY C 273 31.52 -33.45 -11.33
C GLY C 273 31.50 -33.57 -9.83
N TYR C 274 32.35 -32.75 -9.20
CA TYR C 274 32.47 -32.76 -7.75
C TYR C 274 32.98 -31.40 -7.29
N TYR C 276 34.68 -29.54 -3.29
CA TYR C 276 34.97 -29.65 -1.88
C TYR C 276 35.43 -28.28 -1.37
N VAL C 277 35.12 -28.01 -0.11
CA VAL C 277 35.48 -26.75 0.51
C VAL C 277 36.95 -26.78 0.90
N ASP C 278 37.73 -25.82 0.41
CA ASP C 278 39.16 -25.74 0.71
C ASP C 278 39.39 -24.95 1.99
N ASP C 279 39.24 -23.63 1.92
CA ASP C 279 39.40 -22.75 3.06
C ASP C 279 38.11 -21.98 3.32
N ILE C 280 38.06 -21.30 4.46
CA ILE C 280 36.85 -20.60 4.89
C ILE C 280 37.20 -19.57 5.96
N THR C 281 36.89 -18.31 5.69
CA THR C 281 37.17 -17.22 6.62
C THR C 281 35.90 -16.82 7.36
N VAL C 282 36.04 -16.50 8.64
CA VAL C 282 34.91 -16.23 9.51
C VAL C 282 35.06 -14.86 10.15
N ASP C 283 33.96 -14.15 10.29
CA ASP C 283 33.90 -12.88 11.01
C ASP C 283 32.76 -12.93 12.00
N TYR C 284 33.06 -12.67 13.28
CA TYR C 284 32.04 -12.60 14.32
C TYR C 284 31.57 -11.15 14.37
N ASN C 285 30.48 -10.87 13.67
CA ASN C 285 30.05 -9.50 13.36
C ASN C 285 29.30 -8.92 14.56
N ASP C 286 29.94 -7.97 15.26
CA ASP C 286 29.30 -7.24 16.33
C ASP C 286 28.82 -5.87 15.89
N SER C 287 28.91 -5.57 14.60
CA SER C 287 28.32 -4.36 14.04
C SER C 287 26.91 -4.65 13.55
N HIS C 288 26.19 -3.58 13.19
CA HIS C 288 24.79 -3.74 12.80
C HIS C 288 24.66 -4.27 11.38
N LYS C 289 25.28 -3.60 10.41
CA LYS C 289 25.17 -4.01 9.02
C LYS C 289 25.94 -5.32 8.78
N ARG C 292 29.87 -7.54 6.78
CA ARG C 292 31.02 -6.67 6.98
C ARG C 292 32.26 -7.24 6.29
N ILE C 293 32.36 -8.57 6.23
CA ILE C 293 33.48 -9.23 5.56
C ILE C 293 33.47 -9.07 4.05
N LYS C 294 32.36 -8.61 3.47
CA LYS C 294 32.25 -8.49 2.03
C LYS C 294 32.58 -7.09 1.53
N ARG C 295 32.54 -6.07 2.38
CA ARG C 295 32.85 -4.70 1.97
C ARG C 295 34.18 -4.19 2.51
N ASP C 296 34.71 -4.79 3.57
CA ASP C 296 36.01 -4.39 4.09
C ASP C 296 36.56 -5.56 4.91
N GLU C 297 37.50 -6.30 4.34
CA GLU C 297 38.03 -7.51 4.95
C GLU C 297 39.02 -7.23 6.08
N SER C 298 39.33 -5.96 6.34
CA SER C 298 40.26 -5.59 7.41
C SER C 298 39.61 -5.48 8.78
N GLU C 299 38.30 -5.25 8.84
CA GLU C 299 37.62 -5.00 10.10
C GLU C 299 37.07 -6.26 10.75
N ILE C 300 37.31 -7.45 10.17
CA ILE C 300 36.70 -8.65 10.69
C ILE C 300 37.52 -9.21 11.85
N ILE C 301 36.85 -9.97 12.71
CA ILE C 301 37.47 -10.66 13.84
C ILE C 301 37.23 -12.15 13.65
N ASN C 302 38.31 -12.90 13.44
CA ASN C 302 38.17 -14.33 13.13
C ASN C 302 37.69 -15.14 14.32
N GLU C 303 37.81 -14.61 15.53
CA GLU C 303 37.44 -15.30 16.76
C GLU C 303 36.19 -14.68 17.36
N GLN C 304 35.61 -15.40 18.32
CA GLN C 304 34.50 -14.88 19.12
C GLN C 304 35.08 -13.97 20.20
N HIS C 305 34.87 -12.67 20.05
CA HIS C 305 35.50 -11.66 20.90
C HIS C 305 34.56 -11.06 21.94
N ALA C 306 33.31 -11.50 21.97
CA ALA C 306 32.32 -10.92 22.88
C ALA C 306 31.17 -11.90 23.02
N PRO C 307 30.28 -11.66 23.97
CA PRO C 307 29.11 -12.53 24.12
C PRO C 307 28.12 -12.32 22.99
N PHE C 308 27.40 -13.39 22.65
CA PHE C 308 26.35 -13.27 21.64
C PHE C 308 25.27 -12.31 22.12
N ALA C 309 24.45 -11.85 21.18
CA ALA C 309 23.39 -10.88 21.47
C ALA C 309 22.12 -11.62 21.88
N GLN C 310 21.52 -11.17 22.98
CA GLN C 310 20.26 -11.72 23.47
C GLN C 310 19.12 -10.84 22.95
N TYR C 311 18.52 -11.24 21.83
CA TYR C 311 17.40 -10.49 21.27
C TYR C 311 16.13 -10.65 22.09
N PHE C 312 16.03 -11.68 22.93
CA PHE C 312 14.81 -11.99 23.66
C PHE C 312 15.06 -12.02 25.16
N TYR C 313 14.04 -11.64 25.92
CA TYR C 313 14.05 -11.75 27.36
C TYR C 313 12.69 -12.26 27.82
N ALA C 314 12.64 -12.76 29.05
CA ALA C 314 11.45 -13.38 29.61
C ALA C 314 10.71 -12.38 30.48
N LYS C 315 9.41 -12.20 30.21
CA LYS C 315 8.58 -11.33 31.02
C LYS C 315 7.42 -12.11 31.63
N GLN D 2 0.59 34.31 6.41
CA GLN D 2 1.83 34.62 5.72
C GLN D 2 2.38 33.35 5.07
N LYS D 3 3.16 33.55 4.00
CA LYS D 3 3.76 32.43 3.30
C LYS D 3 4.64 31.62 4.24
N VAL D 4 4.71 30.31 3.98
CA VAL D 4 5.44 29.38 4.84
C VAL D 4 6.85 29.20 4.27
N THR D 5 7.86 29.38 5.12
CA THR D 5 9.25 29.28 4.72
C THR D 5 9.98 28.30 5.64
N GLY D 6 11.18 27.91 5.22
CA GLY D 6 12.00 26.95 5.93
C GLY D 6 12.13 25.65 5.15
N ILE D 7 12.64 24.62 5.83
CA ILE D 7 12.72 23.30 5.22
C ILE D 7 11.31 22.72 5.16
N LYS D 8 10.89 22.31 3.97
CA LYS D 8 9.57 21.71 3.79
C LYS D 8 9.61 20.20 3.77
N SER D 9 10.71 19.61 3.31
CA SER D 9 10.86 18.16 3.28
C SER D 9 12.33 17.83 3.36
N VAL D 10 12.62 16.62 3.83
CA VAL D 10 13.98 16.09 3.92
C VAL D 10 14.03 14.87 3.00
N ASP D 11 14.57 15.05 1.81
CA ASP D 11 14.67 14.00 0.80
C ASP D 11 16.03 13.31 0.90
N PHE D 12 16.17 12.20 0.19
CA PHE D 12 17.41 11.42 0.27
C PHE D 12 17.45 10.41 -0.86
N LYS D 13 18.65 9.89 -1.11
CA LYS D 13 18.91 8.85 -2.09
C LYS D 13 19.60 7.69 -1.40
N ILE D 14 19.08 6.48 -1.57
CA ILE D 14 19.54 5.31 -0.84
C ILE D 14 20.19 4.33 -1.82
N LYS D 15 21.36 3.82 -1.44
CA LYS D 15 22.10 2.84 -2.23
C LYS D 15 22.26 1.58 -1.39
N ALA D 16 21.81 0.44 -1.92
CA ALA D 16 21.81 -0.80 -1.16
C ALA D 16 22.46 -1.91 -1.98
N LEU D 17 23.04 -2.87 -1.27
CA LEU D 17 23.67 -4.04 -1.87
C LEU D 17 23.09 -5.29 -1.24
N GLY D 18 23.05 -6.37 -2.01
CA GLY D 18 22.52 -7.62 -1.50
C GLY D 18 22.76 -8.76 -2.46
N HIS D 19 22.06 -9.85 -2.21
CA HIS D 19 22.15 -11.05 -3.03
C HIS D 19 20.83 -11.81 -2.95
N GLY D 20 20.35 -12.28 -4.10
CA GLY D 20 19.12 -13.03 -4.15
C GLY D 20 17.88 -12.17 -3.94
N VAL D 21 16.71 -12.73 -4.19
CA VAL D 21 15.46 -11.97 -4.06
C VAL D 21 15.03 -11.96 -2.60
N VAL D 22 14.67 -10.79 -2.10
CA VAL D 22 14.21 -10.65 -0.72
C VAL D 22 12.70 -10.49 -0.61
N ASN D 23 12.02 -10.03 -1.66
CA ASN D 23 10.58 -9.77 -1.61
C ASN D 23 9.95 -10.36 -2.87
N TRP D 24 9.11 -11.37 -2.69
CA TRP D 24 8.53 -12.12 -3.80
C TRP D 24 7.11 -11.63 -4.09
N ASN D 25 6.68 -11.86 -5.34
CA ASN D 25 5.33 -11.54 -5.77
C ASN D 25 4.38 -12.73 -5.57
N GLY D 26 4.79 -13.91 -6.01
CA GLY D 26 3.98 -15.10 -5.85
C GLY D 26 3.92 -15.95 -7.11
N PRO D 27 3.14 -17.02 -7.07
CA PRO D 27 3.01 -17.88 -8.25
C PRO D 27 2.26 -17.18 -9.37
N THR D 28 2.73 -17.38 -10.59
CA THR D 28 2.11 -16.80 -11.78
C THR D 28 1.92 -17.88 -12.83
N THR D 29 0.81 -17.82 -13.55
CA THR D 29 0.55 -18.77 -14.63
C THR D 29 1.36 -18.35 -15.85
N LEU D 30 2.23 -19.26 -16.31
CA LEU D 30 3.08 -19.00 -17.47
C LEU D 30 3.14 -20.24 -18.34
N THR D 31 3.74 -20.09 -19.51
CA THR D 31 4.00 -21.20 -20.41
C THR D 31 5.49 -21.49 -20.43
N GLY D 32 5.84 -22.78 -20.46
CA GLY D 32 7.21 -23.21 -20.47
C GLY D 32 7.67 -23.69 -21.83
N ASP D 33 8.94 -24.10 -21.88
CA ASP D 33 9.52 -24.63 -23.10
C ASP D 33 8.70 -25.83 -23.57
N ASP D 34 8.23 -25.76 -24.82
CA ASP D 34 7.30 -26.72 -25.41
C ASP D 34 5.93 -26.06 -25.58
N GLY D 35 5.76 -24.89 -24.98
CA GLY D 35 4.55 -24.12 -25.13
C GLY D 35 3.38 -24.57 -24.28
N LYS D 36 3.60 -25.48 -23.34
CA LYS D 36 2.54 -26.00 -22.48
C LYS D 36 2.63 -25.33 -21.12
N THR D 37 1.49 -24.84 -20.64
CA THR D 37 1.48 -23.95 -19.48
C THR D 37 1.98 -24.66 -18.22
N VAL D 38 2.75 -23.93 -17.42
CA VAL D 38 3.21 -24.41 -16.12
C VAL D 38 2.40 -23.68 -15.06
N ASP D 39 2.02 -24.41 -14.00
CA ASP D 39 1.09 -23.85 -13.04
C ASP D 39 1.81 -23.09 -11.93
N ASN D 40 2.94 -23.61 -11.45
CA ASN D 40 3.64 -23.04 -10.29
C ASN D 40 5.05 -22.59 -10.70
N HIS D 41 5.14 -21.37 -11.20
CA HIS D 41 6.42 -20.67 -11.33
C HIS D 41 6.31 -19.38 -10.52
N THR D 42 7.06 -19.31 -9.42
CA THR D 42 6.99 -18.15 -8.56
C THR D 42 7.85 -17.02 -9.12
N LEU D 43 7.27 -15.81 -9.20
CA LEU D 43 8.00 -14.67 -9.73
C LEU D 43 8.28 -13.65 -8.62
N PRO D 44 9.46 -13.04 -8.62
CA PRO D 44 9.71 -11.93 -7.71
C PRO D 44 8.92 -10.71 -8.14
N LYS D 45 9.14 -9.57 -7.47
CA LYS D 45 8.47 -8.34 -7.85
C LYS D 45 9.28 -7.66 -8.94
N LEU D 46 8.69 -7.56 -10.13
CA LEU D 46 9.33 -6.97 -11.30
C LEU D 46 8.52 -5.76 -11.75
N ARG D 47 9.11 -4.57 -11.64
CA ARG D 47 8.40 -3.34 -11.92
C ARG D 47 8.01 -3.26 -13.40
N GLY D 48 6.72 -3.05 -13.65
CA GLY D 48 6.21 -2.95 -15.00
C GLY D 48 5.95 -4.27 -15.69
N TYR D 49 6.09 -5.38 -14.98
CA TYR D 49 5.97 -6.69 -15.63
C TYR D 49 4.51 -7.09 -15.81
N THR D 50 4.22 -7.71 -16.95
CA THR D 50 2.96 -8.38 -17.19
C THR D 50 3.26 -9.74 -17.82
N ASN D 51 2.46 -10.74 -17.45
CA ASN D 51 2.65 -12.11 -17.92
C ASN D 51 1.81 -12.42 -19.15
N LEU D 52 1.21 -11.42 -19.78
CA LEU D 52 0.47 -11.58 -21.02
C LEU D 52 1.28 -11.03 -22.19
N THR D 53 1.20 -11.71 -23.33
CA THR D 53 1.87 -11.27 -24.55
C THR D 53 1.00 -10.36 -25.40
N GLY D 54 -0.24 -10.10 -24.98
CA GLY D 54 -1.12 -9.24 -25.73
C GLY D 54 -1.62 -9.83 -27.03
N LYS D 55 -1.75 -11.16 -27.09
CA LYS D 55 -2.19 -11.85 -28.29
C LYS D 55 -3.39 -12.72 -27.97
N VAL D 56 -4.39 -12.69 -28.87
CA VAL D 56 -5.59 -13.50 -28.75
C VAL D 56 -5.81 -14.20 -30.08
N LYS D 57 -6.63 -15.26 -30.05
CA LYS D 57 -6.82 -16.11 -31.22
C LYS D 57 -8.29 -16.43 -31.42
N ASP D 58 -8.81 -16.07 -32.60
CA ASP D 58 -9.98 -16.71 -33.21
C ASP D 58 -11.13 -16.92 -32.20
N GLU D 59 -11.73 -15.80 -31.79
CA GLU D 59 -12.94 -15.75 -30.97
C GLU D 59 -12.87 -16.59 -29.71
N THR D 60 -11.70 -17.13 -29.36
CA THR D 60 -11.61 -17.86 -28.10
C THR D 60 -11.65 -16.92 -26.90
N GLY D 61 -11.15 -15.70 -27.05
CA GLY D 61 -10.99 -14.79 -25.94
C GLY D 61 -9.80 -15.09 -25.06
N TYR D 62 -9.18 -16.26 -25.21
CA TYR D 62 -8.01 -16.60 -24.42
C TYR D 62 -6.87 -15.64 -24.71
N LYS D 63 -6.11 -15.31 -23.67
CA LYS D 63 -4.99 -14.38 -23.75
C LYS D 63 -3.67 -15.15 -23.57
N TYR D 64 -2.77 -14.99 -24.53
CA TYR D 64 -1.50 -15.71 -24.50
C TYR D 64 -0.69 -15.35 -23.28
N LYS D 65 -0.14 -16.36 -22.61
CA LYS D 65 0.73 -16.17 -21.46
C LYS D 65 2.18 -16.21 -21.93
N LYS D 66 3.00 -15.34 -21.35
CA LYS D 66 4.41 -15.25 -21.72
C LYS D 66 5.14 -16.54 -21.35
N GLN D 67 6.30 -16.72 -21.98
CA GLN D 67 7.20 -17.80 -21.59
C GLN D 67 7.84 -17.48 -20.25
N ALA D 68 8.01 -18.49 -19.41
CA ALA D 68 8.58 -18.28 -18.09
C ALA D 68 9.99 -17.71 -18.16
N THR D 69 10.65 -17.81 -19.31
CA THR D 69 12.01 -17.31 -19.47
C THR D 69 12.09 -16.03 -20.27
N ASP D 70 10.95 -15.44 -20.66
CA ASP D 70 10.92 -14.21 -21.44
C ASP D 70 10.76 -13.04 -20.48
N ILE D 71 11.89 -12.49 -20.03
CA ILE D 71 11.91 -11.35 -19.12
C ILE D 71 13.12 -10.49 -19.43
N ASN D 72 12.92 -9.19 -19.51
CA ASN D 72 13.98 -8.22 -19.73
C ASN D 72 14.18 -7.45 -18.43
N PHE D 73 15.21 -7.83 -17.67
CA PHE D 73 15.45 -7.22 -16.36
C PHE D 73 16.00 -5.81 -16.45
N LYS D 74 16.14 -5.25 -17.65
CA LYS D 74 16.44 -3.83 -17.81
C LYS D 74 15.16 -3.00 -17.95
N GLU D 75 14.17 -3.54 -18.65
CA GLU D 75 12.92 -2.81 -18.90
C GLU D 75 11.88 -3.02 -17.80
N THR D 76 11.93 -4.16 -17.11
CA THR D 76 11.09 -4.43 -15.94
C THR D 76 11.98 -5.02 -14.86
N PRO D 77 12.68 -4.19 -14.12
CA PRO D 77 13.70 -4.68 -13.19
C PRO D 77 13.10 -5.21 -11.89
N LEU D 78 13.95 -5.89 -11.13
CA LEU D 78 13.58 -6.35 -9.80
C LEU D 78 13.54 -5.18 -8.83
N TYR D 79 12.56 -5.20 -7.92
CA TYR D 79 12.44 -4.14 -6.93
C TYR D 79 11.90 -4.71 -5.62
N ILE D 80 12.09 -3.95 -4.55
CA ILE D 80 11.58 -4.28 -3.22
C ILE D 80 10.47 -3.29 -2.90
N SER D 81 9.27 -3.81 -2.63
CA SER D 81 8.13 -2.95 -2.38
C SER D 81 8.37 -2.06 -1.16
N GLN D 82 7.70 -0.91 -1.14
CA GLN D 82 7.75 -0.07 0.05
C GLN D 82 7.11 -0.77 1.24
N ASN D 83 6.12 -1.63 0.99
CA ASN D 83 5.47 -2.35 2.07
C ASN D 83 6.45 -3.27 2.79
N CYS D 84 7.33 -3.93 2.03
CA CYS D 84 8.33 -4.80 2.64
C CYS D 84 9.43 -3.98 3.31
N ILE D 85 9.86 -2.90 2.67
CA ILE D 85 10.89 -2.04 3.27
C ILE D 85 10.39 -1.48 4.60
N ARG D 86 9.14 -1.00 4.63
CA ARG D 86 8.61 -0.41 5.85
C ARG D 86 8.49 -1.44 6.96
N HIS D 87 8.07 -2.67 6.62
CA HIS D 87 7.92 -3.71 7.64
C HIS D 87 9.24 -3.98 8.35
N HIS D 88 10.35 -3.98 7.61
CA HIS D 88 11.64 -4.27 8.20
C HIS D 88 12.27 -3.05 8.85
N LEU D 89 11.88 -1.84 8.45
CA LEU D 89 12.34 -0.64 9.16
C LEU D 89 11.78 -0.58 10.57
N PHE D 90 10.56 -1.08 10.77
CA PHE D 90 9.91 -1.07 12.08
C PHE D 90 9.65 -2.49 12.58
N ARG D 91 10.54 -3.43 12.25
CA ARG D 91 10.27 -4.83 12.53
C ARG D 91 10.16 -5.12 14.03
N GLU D 92 10.77 -4.28 14.87
CA GLU D 92 10.68 -4.49 16.32
C GLU D 92 9.24 -4.39 16.81
N GLN D 93 8.48 -3.45 16.25
CA GLN D 93 7.08 -3.24 16.62
C GLN D 93 6.14 -3.72 15.51
N ALA D 94 6.43 -4.90 14.96
CA ALA D 94 5.66 -5.38 13.81
C ALA D 94 4.22 -5.72 14.19
N PHE D 95 4.02 -6.25 15.40
CA PHE D 95 2.72 -6.74 15.82
C PHE D 95 2.05 -5.90 16.91
N ASP D 96 2.71 -4.86 17.41
CA ASP D 96 2.16 -4.08 18.51
C ASP D 96 0.84 -3.39 18.14
N LEU D 97 0.62 -3.12 16.86
CA LEU D 97 -0.58 -2.37 16.48
C LEU D 97 -1.85 -3.16 16.73
N HIS D 98 -1.79 -4.49 16.66
CA HIS D 98 -2.97 -5.31 16.84
C HIS D 98 -3.48 -5.30 18.27
N TYR D 99 -2.64 -4.87 19.22
CA TYR D 99 -3.02 -4.83 20.64
C TYR D 99 -3.37 -3.42 21.09
N ALA D 100 -3.68 -2.53 20.15
CA ALA D 100 -4.05 -1.16 20.48
C ALA D 100 -5.57 -1.06 20.66
N SER D 101 -5.97 -0.38 21.73
CA SER D 101 -7.38 -0.11 21.99
C SER D 101 -7.52 1.32 22.48
N ASP D 102 -8.74 1.71 22.81
CA ASP D 102 -9.00 3.07 23.28
C ASP D 102 -8.34 3.39 24.61
N LYS D 103 -7.77 2.38 25.29
CA LYS D 103 -7.18 2.56 26.61
C LYS D 103 -5.68 2.79 26.57
N ASN D 104 -4.96 2.09 25.69
CA ASN D 104 -3.51 2.16 25.63
C ASN D 104 -2.97 2.88 24.40
N LEU D 105 -3.85 3.45 23.57
CA LEU D 105 -3.41 4.13 22.37
C LEU D 105 -2.39 5.23 22.66
N LYS D 106 -2.36 5.71 23.90
CA LYS D 106 -1.37 6.72 24.30
C LYS D 106 0.04 6.24 24.03
N ASN D 107 0.32 4.95 24.29
CA ASN D 107 1.67 4.43 24.09
C ASN D 107 2.00 4.24 22.62
N VAL D 108 1.00 3.96 21.79
CA VAL D 108 1.25 3.77 20.37
C VAL D 108 1.72 5.08 19.73
N LEU D 109 1.15 6.21 20.18
CA LEU D 109 1.52 7.50 19.61
C LEU D 109 2.97 7.84 19.91
N ALA D 110 3.37 7.73 21.18
CA ALA D 110 4.75 8.02 21.59
C ALA D 110 5.62 6.80 21.29
N SER D 111 6.05 6.71 20.04
CA SER D 111 6.90 5.61 19.59
C SER D 111 7.26 5.87 18.13
N ILE D 112 8.31 5.19 17.67
CA ILE D 112 8.73 5.33 16.27
C ILE D 112 7.59 4.93 15.34
N THR D 113 6.70 4.04 15.79
CA THR D 113 5.59 3.61 14.96
C THR D 113 4.52 4.69 14.85
N GLY D 114 4.18 5.34 15.97
CA GLY D 114 3.13 6.34 15.96
C GLY D 114 3.51 7.65 15.32
N LEU D 115 4.81 7.93 15.21
CA LEU D 115 5.28 9.22 14.71
C LEU D 115 5.79 9.17 13.28
N ILE D 116 6.52 8.13 12.90
CA ILE D 116 7.08 8.00 11.55
C ILE D 116 6.25 7.02 10.71
N ARG D 117 6.11 5.78 11.17
CA ARG D 117 5.18 4.88 10.52
C ARG D 117 3.74 5.38 10.77
N GLY D 118 2.82 4.89 9.93
CA GLY D 118 1.42 5.22 10.10
C GLY D 118 0.72 4.24 11.02
N TYR D 119 -0.59 4.43 11.16
CA TYR D 119 -1.38 3.43 11.85
C TYR D 119 -2.86 3.72 11.63
N VAL D 120 -3.65 2.65 11.62
CA VAL D 120 -5.10 2.72 11.59
C VAL D 120 -5.63 1.76 12.63
N VAL D 121 -6.49 2.26 13.53
CA VAL D 121 -7.10 1.46 14.57
C VAL D 121 -8.52 1.05 14.07
N PRO D 122 -8.75 -0.23 13.80
CA PRO D 122 -10.04 -0.60 13.19
C PRO D 122 -11.22 -0.41 14.12
N SER D 123 -11.04 -0.57 15.43
CA SER D 123 -12.16 -0.49 16.35
C SER D 123 -12.67 0.93 16.51
N SER D 124 -11.77 1.91 16.60
CA SER D 124 -12.14 3.30 16.80
C SER D 124 -11.83 4.20 15.61
N GLN D 125 -11.20 3.68 14.56
CA GLN D 125 -10.90 4.44 13.35
C GLN D 125 -9.95 5.61 13.60
N CYS D 126 -9.20 5.58 14.70
CA CYS D 126 -8.13 6.55 14.90
C CYS D 126 -6.97 6.24 13.98
N LYS D 127 -6.34 7.28 13.43
CA LYS D 127 -5.35 7.08 12.38
C LYS D 127 -4.30 8.18 12.45
N ARG D 128 -3.22 7.97 11.71
CA ARG D 128 -2.18 8.97 11.51
C ARG D 128 -1.45 8.65 10.22
N THR D 129 -1.23 9.68 9.41
CA THR D 129 -0.57 9.50 8.12
C THR D 129 0.94 9.47 8.30
N SER D 130 1.58 8.49 7.67
CA SER D 130 3.03 8.37 7.76
C SER D 130 3.69 9.51 7.00
N PRO D 131 4.50 10.35 7.65
CA PRO D 131 5.25 11.38 6.93
C PRO D 131 6.46 10.85 6.17
N LEU D 132 6.70 9.55 6.20
CA LEU D 132 7.80 8.94 5.47
C LEU D 132 7.30 8.38 4.14
N LEU D 133 8.10 8.56 3.09
CA LEU D 133 7.75 8.11 1.75
C LEU D 133 8.97 7.47 1.11
N LEU D 134 8.80 6.25 0.60
CA LEU D 134 9.88 5.49 0.00
C LEU D 134 9.48 5.04 -1.40
N GLU D 135 10.36 5.28 -2.36
CA GLU D 135 10.18 4.72 -3.69
C GLU D 135 10.53 3.23 -3.67
N ASP D 136 10.43 2.60 -4.83
CA ASP D 136 10.90 1.22 -4.96
C ASP D 136 12.41 1.17 -4.78
N PHE D 137 12.89 0.07 -4.21
CA PHE D 137 14.32 -0.21 -4.18
C PHE D 137 14.64 -1.00 -5.44
N VAL D 138 15.07 -0.29 -6.48
CA VAL D 138 15.17 -0.85 -7.82
C VAL D 138 16.57 -1.43 -8.03
N ASP D 139 16.62 -2.68 -8.51
CA ASP D 139 17.89 -3.32 -8.79
C ASP D 139 18.54 -2.70 -10.01
N GLN D 140 19.88 -2.63 -9.99
CA GLN D 140 20.63 -2.03 -11.08
C GLN D 140 21.43 -3.04 -11.90
N LEU D 141 21.67 -4.24 -11.36
CA LEU D 141 22.53 -5.22 -12.02
C LEU D 141 21.76 -6.22 -12.87
N GLY D 142 20.56 -6.61 -12.46
CA GLY D 142 19.75 -7.48 -13.28
C GLY D 142 20.36 -8.85 -13.54
N ASN D 143 20.96 -9.44 -12.52
CA ASN D 143 21.52 -10.79 -12.63
C ASN D 143 20.42 -11.81 -12.31
N GLY D 144 19.40 -11.81 -13.16
CA GLY D 144 18.28 -12.73 -13.00
C GLY D 144 18.28 -13.85 -14.02
N ASN D 145 17.60 -14.95 -13.70
CA ASN D 145 17.54 -16.08 -14.63
C ASN D 145 16.52 -17.10 -14.12
N PHE D 146 16.00 -17.89 -15.06
CA PHE D 146 15.10 -18.98 -14.73
C PHE D 146 15.86 -20.10 -14.02
N GLU D 147 15.41 -20.47 -12.83
CA GLU D 147 16.05 -21.52 -12.04
C GLU D 147 15.05 -22.61 -11.72
N GLN D 148 15.45 -23.86 -11.96
CA GLN D 148 14.60 -25.01 -11.72
C GLN D 148 15.02 -25.71 -10.44
N TYR D 149 14.03 -26.21 -9.69
CA TYR D 149 14.26 -26.86 -8.41
C TYR D 149 13.63 -28.24 -8.39
N GLY D 150 13.97 -29.02 -7.37
CA GLY D 150 13.43 -30.35 -7.21
C GLY D 150 13.34 -30.75 -5.75
N GLN D 151 12.63 -31.85 -5.50
CA GLN D 151 12.41 -32.39 -4.16
C GLN D 151 13.13 -33.73 -3.99
N ALA D 152 13.73 -33.92 -2.81
CA ALA D 152 14.54 -35.11 -2.55
C ALA D 152 13.66 -36.35 -2.47
N GLY D 153 13.95 -37.33 -3.34
CA GLY D 153 13.33 -38.64 -3.24
C GLY D 153 11.85 -38.70 -3.53
N ALA D 154 11.15 -37.57 -3.48
CA ALA D 154 9.73 -37.57 -3.86
C ALA D 154 9.54 -38.20 -5.23
N ARG D 155 10.26 -37.68 -6.22
CA ARG D 155 10.25 -38.18 -7.59
C ARG D 155 8.85 -38.64 -8.00
N ASP D 156 7.90 -37.73 -7.88
CA ASP D 156 6.51 -37.96 -8.26
C ASP D 156 6.03 -36.71 -8.99
N SER D 157 4.72 -36.62 -9.21
CA SER D 157 4.14 -35.42 -9.79
C SER D 157 4.22 -34.26 -8.79
N THR D 158 4.54 -33.07 -9.30
CA THR D 158 4.59 -31.83 -8.53
C THR D 158 5.79 -31.75 -7.60
N SER D 159 6.74 -32.69 -7.71
CA SER D 159 7.94 -32.62 -6.88
C SER D 159 8.91 -31.53 -7.32
N PHE D 160 8.84 -31.11 -8.58
CA PHE D 160 9.73 -30.11 -9.14
C PHE D 160 8.98 -28.80 -9.33
N PHE D 161 9.61 -27.70 -8.91
CA PHE D 161 9.06 -26.36 -9.09
C PHE D 161 10.16 -25.46 -9.65
N SER D 162 9.82 -24.20 -9.88
CA SER D 162 10.75 -23.27 -10.52
C SER D 162 10.49 -21.86 -10.02
N LYS D 163 11.53 -21.03 -10.10
CA LYS D 163 11.46 -19.63 -9.73
C LYS D 163 12.40 -18.83 -10.62
N THR D 164 12.11 -17.53 -10.73
CA THR D 164 13.05 -16.58 -11.33
C THR D 164 13.86 -15.98 -10.18
N THR D 165 15.14 -16.36 -10.10
CA THR D 165 16.00 -15.99 -8.98
C THR D 165 17.08 -15.02 -9.44
N PHE D 166 17.76 -14.43 -8.47
CA PHE D 166 18.76 -13.40 -8.72
C PHE D 166 20.02 -13.67 -7.92
N GLY D 167 21.15 -13.24 -8.48
CA GLY D 167 22.42 -13.30 -7.77
C GLY D 167 22.74 -11.99 -7.09
N ASP D 168 23.93 -11.45 -7.35
CA ASP D 168 24.31 -10.16 -6.78
C ASP D 168 23.31 -9.09 -7.21
N THR D 169 22.90 -8.26 -6.25
CA THR D 169 21.95 -7.19 -6.50
C THR D 169 22.49 -5.88 -5.96
N GLU D 170 22.06 -4.78 -6.58
CA GLU D 170 22.36 -3.44 -6.09
C GLU D 170 21.13 -2.57 -6.30
N TYR D 171 20.60 -2.03 -5.20
CA TYR D 171 19.38 -1.24 -5.24
C TYR D 171 19.70 0.24 -5.10
N ILE D 172 18.87 1.06 -5.74
CA ILE D 172 18.93 2.51 -5.61
C ILE D 172 17.50 3.01 -5.45
N SER D 173 17.31 3.98 -4.57
CA SER D 173 15.97 4.46 -4.26
C SER D 173 16.05 5.88 -3.73
N TYR D 174 14.88 6.53 -3.66
CA TYR D 174 14.74 7.86 -3.11
C TYR D 174 13.61 7.88 -2.10
N GLY D 175 13.63 8.89 -1.23
CA GLY D 175 12.61 9.01 -0.21
C GLY D 175 12.47 10.45 0.24
N SER D 176 11.47 10.67 1.11
CA SER D 176 11.17 12.01 1.60
C SER D 176 10.43 11.92 2.92
N ILE D 177 10.72 12.86 3.80
CA ILE D 177 10.00 13.02 5.07
C ILE D 177 9.24 14.34 5.00
N SER D 178 7.93 14.27 5.21
CA SER D 178 7.07 15.45 5.17
C SER D 178 7.09 16.14 6.53
N ILE D 179 7.63 17.35 6.57
CA ILE D 179 7.66 18.10 7.83
C ILE D 179 6.25 18.44 8.29
N GLU D 180 5.37 18.81 7.34
CA GLU D 180 4.00 19.15 7.72
C GLU D 180 3.30 17.96 8.36
N GLN D 181 3.41 16.79 7.73
CA GLN D 181 2.78 15.61 8.30
C GLN D 181 3.49 15.13 9.56
N LEU D 182 4.78 15.45 9.69
CA LEU D 182 5.61 14.96 10.79
C LEU D 182 5.55 15.83 12.03
N GLN D 183 5.33 17.13 11.87
CA GLN D 183 5.41 18.05 13.01
C GLN D 183 4.10 18.22 13.75
N PHE D 184 2.97 17.87 13.15
CA PHE D 184 1.66 18.07 13.76
C PHE D 184 0.98 16.74 13.99
N ILE D 185 0.30 16.62 15.14
CA ILE D 185 -0.41 15.41 15.54
C ILE D 185 -1.82 15.81 15.92
N SER D 186 -2.80 15.46 15.09
CA SER D 186 -4.18 15.85 15.31
C SER D 186 -4.83 14.96 16.38
N LEU D 187 -5.50 15.61 17.33
CA LEU D 187 -6.24 14.93 18.38
C LEU D 187 -7.74 15.21 18.30
N ASP D 188 -8.22 15.63 17.14
CA ASP D 188 -9.60 16.06 16.96
C ASP D 188 -10.22 15.31 15.78
N LYS D 189 -11.46 14.88 15.96
CA LYS D 189 -12.22 14.23 14.90
C LYS D 189 -12.86 15.21 13.93
N LYS D 190 -12.65 16.52 14.12
CA LYS D 190 -13.30 17.51 13.27
C LYS D 190 -12.97 17.28 11.80
N PHE D 191 -11.69 17.08 11.49
CA PHE D 191 -11.24 16.90 10.12
C PHE D 191 -10.95 15.45 9.78
N ASP D 192 -11.51 14.50 10.52
CA ASP D 192 -11.36 13.08 10.23
C ASP D 192 -9.90 12.64 10.30
N ARG D 193 -9.08 13.37 11.07
CA ARG D 193 -7.67 13.04 11.24
C ARG D 193 -7.34 12.59 12.65
N ALA D 194 -8.35 12.41 13.52
CA ALA D 194 -8.11 12.12 14.92
C ALA D 194 -7.11 10.99 15.14
N ALA D 195 -5.89 11.35 15.54
CA ALA D 195 -4.93 10.32 15.95
C ALA D 195 -5.40 9.56 17.18
N VAL D 197 -8.68 10.02 20.67
CA VAL D 197 -9.70 10.82 21.34
C VAL D 197 -9.25 11.06 22.78
N ILE D 198 -9.40 12.30 23.24
CA ILE D 198 -8.86 12.72 24.53
C ILE D 198 -9.95 13.33 25.38
N LYS D 199 -9.76 13.24 26.70
CA LYS D 199 -10.53 14.03 27.64
C LYS D 199 -9.84 15.36 27.88
N GLU D 200 -10.53 16.27 28.56
CA GLU D 200 -10.05 17.65 28.67
C GLU D 200 -8.59 17.73 29.07
N GLY D 201 -8.25 17.18 30.23
CA GLY D 201 -6.87 17.26 30.70
C GLY D 201 -5.89 16.35 29.98
N GLU D 202 -6.39 15.43 29.17
CA GLU D 202 -5.52 14.42 28.56
C GLU D 202 -4.59 15.00 27.51
N GLY D 203 -4.92 16.15 26.92
CA GLY D 203 -4.10 16.70 25.86
C GLY D 203 -2.67 16.95 26.28
N GLU D 204 -2.49 17.68 27.38
CA GLU D 204 -1.14 18.04 27.83
C GLU D 204 -0.36 16.81 28.27
N VAL D 205 -1.03 15.82 28.87
CA VAL D 205 -0.34 14.62 29.35
C VAL D 205 0.28 13.87 28.18
N ILE D 206 -0.50 13.66 27.12
CA ILE D 206 -0.01 12.92 25.95
C ILE D 206 1.23 13.60 25.39
N ALA D 207 1.23 14.94 25.33
CA ALA D 207 2.39 15.66 24.81
C ALA D 207 3.62 15.42 25.68
N ALA D 208 3.44 15.34 27.00
CA ALA D 208 4.55 15.09 27.90
C ALA D 208 5.27 13.78 27.54
N GLU D 209 4.50 12.71 27.33
CA GLU D 209 5.11 11.45 26.92
C GLU D 209 5.69 11.54 25.52
N LEU D 210 4.99 12.24 24.62
CA LEU D 210 5.57 12.53 23.31
C LEU D 210 6.95 13.17 23.47
N GLN D 211 7.02 14.25 24.25
CA GLN D 211 8.29 14.92 24.49
C GLN D 211 9.29 13.97 25.14
N ASN D 212 8.84 13.17 26.11
CA ASN D 212 9.75 12.26 26.80
C ASN D 212 10.39 11.28 25.83
N TYR D 213 9.59 10.66 24.96
CA TYR D 213 10.14 9.71 24.00
C TYR D 213 11.14 10.39 23.07
N ILE D 214 10.75 11.53 22.51
CA ILE D 214 11.65 12.25 21.60
C ILE D 214 12.93 12.66 22.32
N GLN D 215 12.84 12.98 23.61
CA GLN D 215 14.03 13.35 24.36
C GLN D 215 15.03 12.20 24.42
N SER D 216 14.54 10.98 24.59
CA SER D 216 15.42 9.82 24.72
C SER D 216 16.17 9.52 23.43
N LEU D 217 15.71 10.04 22.29
CA LEU D 217 16.43 9.83 21.04
C LEU D 217 17.78 10.53 21.07
N ASN D 218 17.80 11.80 21.48
CA ASN D 218 19.04 12.56 21.62
C ASN D 218 18.95 13.38 22.90
N PRO D 219 19.57 12.91 23.99
CA PRO D 219 19.52 13.68 25.24
C PRO D 219 20.15 15.05 25.13
N SER D 220 21.01 15.28 24.13
CA SER D 220 21.65 16.58 23.97
C SER D 220 20.68 17.67 23.55
N LEU D 221 19.53 17.29 22.98
CA LEU D 221 18.59 18.26 22.43
C LEU D 221 17.53 18.64 23.45
N ASN D 222 16.72 19.64 23.09
CA ASN D 222 15.63 20.15 23.92
C ASN D 222 14.35 20.12 23.09
N PRO D 223 13.75 18.95 22.90
CA PRO D 223 12.49 18.87 22.16
C PRO D 223 11.32 19.36 22.98
N GLN D 224 10.27 19.77 22.28
CA GLN D 224 9.04 20.24 22.91
C GLN D 224 7.83 19.77 22.12
N ALA D 225 6.82 19.29 22.83
CA ALA D 225 5.52 18.93 22.26
C ALA D 225 4.45 19.69 23.02
N ILE D 226 3.87 20.70 22.39
CA ILE D 226 2.95 21.62 23.05
C ILE D 226 1.54 21.34 22.56
N PHE D 227 0.64 21.08 23.51
CA PHE D 227 -0.77 20.90 23.17
C PHE D 227 -1.49 22.24 23.14
N HIS D 228 -2.42 22.36 22.20
CA HIS D 228 -3.31 23.52 22.14
C HIS D 228 -4.66 23.04 21.64
N SER D 229 -5.72 23.68 22.12
CA SER D 229 -7.07 23.27 21.76
C SER D 229 -7.48 23.75 20.36
N ASN D 230 -6.76 24.71 19.79
CA ASN D 230 -7.12 25.28 18.49
C ASN D 230 -5.84 25.55 17.70
N TYR D 231 -5.34 24.52 17.02
CA TYR D 231 -4.24 24.66 16.07
C TYR D 231 -4.80 24.88 14.69
N VAL D 232 -4.37 25.96 14.03
CA VAL D 232 -4.88 26.37 12.73
C VAL D 232 -3.81 26.11 11.67
N ARG D 233 -4.26 25.62 10.51
CA ARG D 233 -3.36 25.44 9.37
C ARG D 233 -3.15 26.76 8.65
N ARG D 234 -1.91 27.01 8.24
CA ARG D 234 -1.57 28.25 7.56
C ARG D 234 -2.21 28.28 6.18
N GLY D 235 -2.99 29.32 5.91
CA GLY D 235 -3.59 29.53 4.60
C GLY D 235 -5.10 29.56 4.57
N THR D 236 -5.79 29.21 5.66
CA THR D 236 -7.24 29.25 5.65
C THR D 236 -7.73 30.70 5.71
N ILE D 237 -9.00 30.88 5.33
CA ILE D 237 -9.59 32.22 5.30
C ILE D 237 -10.41 32.46 6.57
N PHE D 238 -10.96 31.39 7.14
CA PHE D 238 -11.75 31.49 8.36
C PHE D 238 -11.00 30.99 9.58
N GLU D 239 -9.77 30.52 9.42
CA GLU D 239 -8.91 30.13 10.54
C GLU D 239 -9.64 29.18 11.50
N GLU D 240 -10.14 28.08 10.94
CA GLU D 240 -10.74 27.01 11.72
C GLU D 240 -9.68 25.98 12.07
N GLY D 241 -9.65 25.57 13.34
CA GLY D 241 -8.58 24.72 13.82
C GLY D 241 -9.06 23.46 14.51
N GLU D 242 -8.13 22.74 15.12
CA GLU D 242 -8.41 21.44 15.73
C GLU D 242 -7.49 21.25 16.92
N CYS D 243 -7.90 20.32 17.80
CA CYS D 243 -7.05 19.94 18.92
C CYS D 243 -5.87 19.11 18.40
N GLY D 244 -4.67 19.40 18.90
CA GLY D 244 -3.52 18.65 18.44
C GLY D 244 -2.28 18.98 19.23
N ILE D 245 -1.17 18.39 18.80
CA ILE D 245 0.15 18.61 19.40
C ILE D 245 1.10 19.04 18.30
N LEU D 246 1.86 20.11 18.53
CA LEU D 246 2.82 20.62 17.56
C LEU D 246 4.22 20.48 18.12
N LEU D 247 5.14 19.97 17.31
CA LEU D 247 6.52 19.74 17.72
C LEU D 247 7.38 20.92 17.30
N ASN D 248 8.22 21.39 18.22
CA ASN D 248 9.17 22.44 17.89
C ASN D 248 10.21 21.89 16.90
N ASP D 249 11.19 22.73 16.58
CA ASP D 249 12.19 22.35 15.59
C ASP D 249 13.15 21.29 16.12
N ASP D 250 13.47 21.33 17.42
CA ASP D 250 14.37 20.32 17.96
C ASP D 250 13.72 18.93 17.97
N ALA D 251 12.43 18.86 18.28
CA ALA D 251 11.73 17.58 18.17
C ALA D 251 11.76 17.07 16.74
N VAL D 252 11.43 17.94 15.78
CA VAL D 252 11.48 17.54 14.37
C VAL D 252 12.89 17.08 14.00
N LYS D 253 13.91 17.74 14.53
CA LYS D 253 15.28 17.37 14.18
C LYS D 253 15.62 15.97 14.70
N ALA D 254 15.10 15.61 15.87
CA ALA D 254 15.38 14.29 16.43
C ALA D 254 14.71 13.19 15.61
N LEU D 255 13.40 13.30 15.40
CA LEU D 255 12.69 12.31 14.59
C LEU D 255 13.32 12.20 13.21
N VAL D 256 13.66 13.33 12.60
CA VAL D 256 14.33 13.31 11.30
C VAL D 256 15.61 12.50 11.37
N ALA D 257 16.41 12.70 12.42
CA ALA D 257 17.69 12.03 12.50
C ALA D 257 17.54 10.54 12.83
N GLU D 258 16.63 10.21 13.75
CA GLU D 258 16.40 8.81 14.10
C GLU D 258 15.99 8.00 12.88
N THR D 259 15.11 8.55 12.03
CA THR D 259 14.68 7.84 10.83
C THR D 259 15.86 7.60 9.89
N LEU D 260 16.59 8.66 9.55
CA LEU D 260 17.75 8.52 8.68
C LEU D 260 18.76 7.53 9.27
N GLU D 261 18.98 7.61 10.59
CA GLU D 261 19.88 6.66 11.23
C GLU D 261 19.37 5.24 11.10
N ARG D 262 18.06 5.04 11.31
CA ARG D 262 17.48 3.72 11.11
C ARG D 262 17.58 3.30 9.65
N LEU D 263 17.31 4.22 8.73
CA LEU D 263 17.45 3.90 7.31
C LEU D 263 18.90 3.53 6.97
N ALA D 264 19.86 4.23 7.58
CA ALA D 264 21.26 3.97 7.26
C ALA D 264 21.69 2.58 7.67
N ASN D 265 21.07 2.02 8.71
CA ASN D 265 21.42 0.70 9.22
C ASN D 265 20.48 -0.39 8.73
N LEU D 266 19.56 -0.06 7.81
CA LEU D 266 18.57 -1.03 7.36
C LEU D 266 19.24 -2.25 6.74
N SER D 267 18.76 -3.43 7.13
CA SER D 267 19.18 -4.68 6.53
C SER D 267 18.00 -5.64 6.54
N ILE D 268 17.88 -6.43 5.49
CA ILE D 268 16.75 -7.35 5.34
C ILE D 268 17.29 -8.75 5.09
N ARG D 269 16.98 -9.68 5.99
CA ARG D 269 17.21 -11.11 5.79
C ARG D 269 15.88 -11.79 5.58
N GLN D 270 15.65 -12.36 4.41
CA GLN D 270 14.34 -12.91 4.11
C GLN D 270 14.41 -13.71 2.83
N ALA D 271 13.57 -14.75 2.75
CA ALA D 271 13.41 -15.56 1.54
C ALA D 271 14.75 -16.13 1.08
N LYS D 272 15.68 -16.28 2.02
CA LYS D 272 17.00 -16.82 1.75
C LYS D 272 17.84 -15.85 0.91
N GLY D 273 17.53 -14.56 1.01
CA GLY D 273 18.36 -13.52 0.44
C GLY D 273 18.46 -12.36 1.41
N TYR D 274 19.38 -11.45 1.11
CA TYR D 274 19.66 -10.34 2.02
C TYR D 274 19.88 -9.06 1.23
N TYR D 276 21.54 -4.87 2.48
CA TYR D 276 21.86 -3.87 3.48
C TYR D 276 22.13 -2.55 2.79
N VAL D 277 21.66 -1.46 3.39
CA VAL D 277 21.87 -0.13 2.83
C VAL D 277 23.32 0.27 3.02
N ASP D 278 23.99 0.63 1.91
CA ASP D 278 25.41 0.94 1.90
C ASP D 278 25.69 2.44 2.09
N ASP D 279 25.10 3.28 1.24
CA ASP D 279 25.34 4.71 1.28
C ASP D 279 24.01 5.44 1.21
N ILE D 280 23.97 6.64 1.80
CA ILE D 280 22.77 7.46 1.81
C ILE D 280 23.17 8.92 1.69
N THR D 281 22.54 9.63 0.76
CA THR D 281 22.76 11.05 0.56
C THR D 281 21.45 11.79 0.88
N VAL D 282 21.56 12.88 1.63
CA VAL D 282 20.39 13.58 2.15
C VAL D 282 20.35 15.00 1.59
N ASP D 283 19.13 15.52 1.48
CA ASP D 283 18.90 16.89 1.01
C ASP D 283 17.82 17.53 1.86
N TYR D 284 18.17 18.62 2.53
CA TYR D 284 17.20 19.39 3.32
C TYR D 284 16.55 20.41 2.39
N ASN D 285 15.37 20.07 1.88
CA ASN D 285 14.73 20.82 0.81
C ASN D 285 13.94 22.00 1.38
N ASP D 286 14.30 23.20 0.94
CA ASP D 286 13.58 24.41 1.32
C ASP D 286 12.74 24.98 0.18
N SER D 287 12.80 24.37 -1.00
CA SER D 287 11.93 24.74 -2.11
C SER D 287 10.61 23.97 -2.00
N HIS D 288 9.63 24.40 -2.80
CA HIS D 288 8.31 23.77 -2.75
C HIS D 288 8.30 22.44 -3.49
N LYS D 289 8.77 22.43 -4.73
CA LYS D 289 8.84 21.21 -5.51
C LYS D 289 9.83 20.25 -4.85
N ARG D 292 14.01 17.46 -5.03
CA ARG D 292 15.04 18.26 -5.67
C ARG D 292 16.29 17.42 -5.93
N ILE D 293 16.62 16.53 -4.99
CA ILE D 293 17.79 15.67 -5.14
C ILE D 293 17.67 14.76 -6.36
N LYS D 294 16.47 14.60 -6.91
CA LYS D 294 16.27 13.63 -7.98
C LYS D 294 16.61 14.22 -9.34
N ARG D 295 16.14 15.44 -9.63
CA ARG D 295 16.37 16.00 -10.95
C ARG D 295 17.71 16.71 -11.04
N ASP D 296 18.12 17.40 -9.98
CA ASP D 296 19.40 18.10 -9.95
C ASP D 296 20.07 17.82 -8.62
N GLU D 297 21.20 17.12 -8.67
CA GLU D 297 21.91 16.72 -7.46
C GLU D 297 22.89 17.78 -6.96
N SER D 298 23.17 18.81 -7.76
CA SER D 298 24.09 19.86 -7.36
C SER D 298 23.48 20.86 -6.38
N GLU D 299 22.16 20.98 -6.34
CA GLU D 299 21.50 21.96 -5.50
C GLU D 299 21.22 21.47 -4.09
N ILE D 300 21.46 20.18 -3.80
CA ILE D 300 21.09 19.64 -2.50
C ILE D 300 22.01 20.18 -1.42
N ILE D 301 21.50 20.24 -0.20
CA ILE D 301 22.22 20.77 0.95
C ILE D 301 22.26 19.67 2.01
N ASN D 302 23.43 19.05 2.18
CA ASN D 302 23.56 17.87 3.04
C ASN D 302 23.30 18.16 4.52
N GLU D 303 23.27 19.42 4.94
CA GLU D 303 23.12 19.77 6.34
C GLU D 303 21.84 20.56 6.55
N GLN D 304 21.38 20.57 7.80
CA GLN D 304 20.27 21.45 8.19
C GLN D 304 20.77 22.88 8.24
N HIS D 305 20.40 23.67 7.21
CA HIS D 305 20.90 25.02 7.03
C HIS D 305 19.90 26.09 7.42
N ALA D 306 18.73 25.70 7.94
CA ALA D 306 17.68 26.66 8.25
C ALA D 306 16.71 26.02 9.22
N PRO D 307 15.77 26.80 9.75
CA PRO D 307 14.71 26.22 10.58
C PRO D 307 13.71 25.44 9.74
N PHE D 308 13.03 24.51 10.39
CA PHE D 308 11.99 23.75 9.72
C PHE D 308 10.72 24.59 9.57
N ALA D 309 9.98 24.33 8.51
CA ALA D 309 8.77 25.09 8.23
C ALA D 309 7.74 24.87 9.32
N GLN D 310 7.01 25.93 9.68
CA GLN D 310 5.91 25.87 10.64
C GLN D 310 4.61 26.03 9.86
N TYR D 311 3.88 24.93 9.70
CA TYR D 311 2.63 24.94 8.95
C TYR D 311 1.41 25.26 9.81
N PHE D 312 1.56 25.30 11.14
CA PHE D 312 0.42 25.47 12.02
C PHE D 312 0.74 26.50 13.09
N TYR D 313 -0.27 27.28 13.47
CA TYR D 313 -0.16 28.24 14.55
C TYR D 313 -1.36 28.10 15.48
N ALA D 314 -1.14 28.38 16.76
CA ALA D 314 -2.21 28.36 17.74
C ALA D 314 -3.09 29.59 17.57
N LYS D 315 -4.22 29.58 18.29
CA LYS D 315 -5.18 30.68 18.22
C LYS D 315 -6.08 30.71 19.45
N GLN E 2 -19.10 44.88 -31.51
CA GLN E 2 -17.74 44.96 -32.03
C GLN E 2 -16.92 43.76 -31.58
N LYS E 3 -15.97 43.36 -32.41
CA LYS E 3 -15.09 42.25 -32.08
C LYS E 3 -14.37 42.51 -30.76
N VAL E 4 -14.27 41.48 -29.93
CA VAL E 4 -13.49 41.55 -28.70
C VAL E 4 -12.05 41.19 -29.02
N THR E 5 -11.11 42.04 -28.60
CA THR E 5 -9.70 41.87 -28.90
C THR E 5 -8.90 41.70 -27.62
N GLY E 6 -7.66 41.28 -27.78
CA GLY E 6 -6.74 41.06 -26.68
C GLY E 6 -6.55 39.59 -26.36
N ILE E 7 -6.01 39.33 -25.17
CA ILE E 7 -5.84 37.97 -24.70
C ILE E 7 -7.19 37.44 -24.23
N LYS E 8 -7.64 36.36 -24.86
CA LYS E 8 -8.90 35.72 -24.47
C LYS E 8 -8.73 34.79 -23.28
N SER E 9 -7.69 33.96 -23.31
CA SER E 9 -7.49 32.96 -22.27
C SER E 9 -6.02 32.59 -22.20
N VAL E 10 -5.59 32.14 -21.04
CA VAL E 10 -4.22 31.69 -20.81
C VAL E 10 -4.23 30.17 -20.84
N ASP E 11 -3.72 29.60 -21.93
CA ASP E 11 -3.60 28.16 -22.06
C ASP E 11 -2.25 27.70 -21.50
N PHE E 12 -2.17 26.42 -21.18
CA PHE E 12 -0.92 25.87 -20.67
C PHE E 12 -0.93 24.36 -20.80
N LYS E 13 0.27 23.79 -20.86
CA LYS E 13 0.47 22.35 -20.90
C LYS E 13 1.41 21.98 -19.76
N ILE E 14 0.92 21.19 -18.81
CA ILE E 14 1.65 20.84 -17.61
C ILE E 14 2.28 19.46 -17.79
N LYS E 15 3.56 19.34 -17.43
CA LYS E 15 4.24 18.05 -17.34
C LYS E 15 4.65 17.83 -15.90
N ALA E 16 4.11 16.79 -15.28
CA ALA E 16 4.42 16.44 -13.90
C ALA E 16 5.20 15.12 -13.85
N LEU E 17 5.93 14.95 -12.75
CA LEU E 17 6.69 13.73 -12.49
C LEU E 17 6.33 13.22 -11.10
N GLY E 18 6.57 11.93 -10.89
CA GLY E 18 6.26 11.35 -9.60
C GLY E 18 6.63 9.88 -9.57
N HIS E 19 6.13 9.20 -8.54
CA HIS E 19 6.40 7.79 -8.33
C HIS E 19 5.24 7.19 -7.54
N GLY E 20 4.67 6.10 -8.06
CA GLY E 20 3.54 5.47 -7.43
C GLY E 20 2.23 6.21 -7.70
N VAL E 21 1.15 5.57 -7.27
CA VAL E 21 -0.20 6.11 -7.44
C VAL E 21 -0.51 7.03 -6.27
N VAL E 22 -0.99 8.25 -6.57
CA VAL E 22 -1.42 9.19 -5.55
C VAL E 22 -2.93 9.30 -5.46
N ASN E 23 -3.67 8.77 -6.44
CA ASN E 23 -5.12 8.88 -6.50
C ASN E 23 -5.68 7.50 -6.84
N TRP E 24 -6.33 6.86 -5.88
CA TRP E 24 -6.80 5.49 -6.02
C TRP E 24 -8.29 5.46 -6.35
N ASN E 25 -8.70 4.38 -7.02
CA ASN E 25 -10.11 4.18 -7.38
C ASN E 25 -10.83 3.30 -6.37
N GLY E 26 -10.18 2.27 -5.84
CA GLY E 26 -10.78 1.42 -4.83
C GLY E 26 -10.79 -0.05 -5.20
N PRO E 27 -11.34 -0.87 -4.32
CA PRO E 27 -11.37 -2.31 -4.59
C PRO E 27 -12.34 -2.65 -5.71
N THR E 28 -11.89 -3.52 -6.61
CA THR E 28 -12.69 -3.93 -7.76
C THR E 28 -12.86 -5.45 -7.75
N THR E 29 -14.01 -5.90 -8.21
CA THR E 29 -14.27 -7.33 -8.34
C THR E 29 -13.53 -7.86 -9.57
N LEU E 30 -12.57 -8.75 -9.34
CA LEU E 30 -11.77 -9.33 -10.41
C LEU E 30 -11.62 -10.82 -10.14
N THR E 31 -11.12 -11.53 -11.14
CA THR E 31 -10.81 -12.96 -11.03
C THR E 31 -9.32 -13.18 -11.19
N GLY E 32 -8.81 -14.23 -10.53
CA GLY E 32 -7.39 -14.51 -10.52
C GLY E 32 -6.98 -15.48 -11.61
N ASP E 33 -5.70 -15.87 -11.56
CA ASP E 33 -5.17 -16.84 -12.51
C ASP E 33 -5.80 -18.22 -12.33
N ASP E 34 -6.59 -18.43 -11.28
CA ASP E 34 -7.17 -19.73 -10.99
C ASP E 34 -8.62 -19.87 -11.44
N GLY E 35 -9.31 -18.76 -11.71
CA GLY E 35 -10.70 -18.78 -12.07
C GLY E 35 -11.64 -18.33 -10.96
N LYS E 36 -11.23 -18.46 -9.71
CA LYS E 36 -12.03 -17.99 -8.59
C LYS E 36 -11.99 -16.48 -8.49
N THR E 37 -13.09 -15.91 -8.02
CA THR E 37 -13.19 -14.46 -7.87
C THR E 37 -12.45 -14.01 -6.62
N VAL E 38 -11.62 -12.99 -6.75
CA VAL E 38 -10.92 -12.38 -5.63
C VAL E 38 -11.70 -11.14 -5.18
N ASP E 39 -11.79 -10.94 -3.87
CA ASP E 39 -12.66 -9.89 -3.34
C ASP E 39 -11.98 -8.53 -3.36
N ASN E 40 -10.83 -8.41 -2.73
CA ASN E 40 -10.19 -7.11 -2.48
C ASN E 40 -8.88 -7.00 -3.25
N HIS E 41 -8.95 -6.51 -4.49
CA HIS E 41 -7.80 -6.07 -5.26
C HIS E 41 -8.07 -4.62 -5.68
N THR E 42 -7.33 -3.69 -5.08
CA THR E 42 -7.58 -2.27 -5.33
C THR E 42 -6.97 -1.83 -6.64
N LEU E 43 -7.74 -1.07 -7.43
CA LEU E 43 -7.31 -0.54 -8.71
C LEU E 43 -7.11 0.97 -8.61
N PRO E 44 -6.10 1.51 -9.29
CA PRO E 44 -5.99 2.96 -9.44
C PRO E 44 -6.96 3.45 -10.50
N LYS E 45 -6.93 4.76 -10.75
CA LYS E 45 -7.78 5.34 -11.78
C LYS E 45 -7.18 5.07 -13.15
N LEU E 46 -7.95 4.41 -14.01
CA LEU E 46 -7.48 4.00 -15.33
C LEU E 46 -8.43 4.55 -16.39
N ARG E 47 -7.85 5.22 -17.39
CA ARG E 47 -8.65 5.88 -18.42
C ARG E 47 -9.41 4.85 -19.26
N GLY E 48 -10.74 4.92 -19.20
CA GLY E 48 -11.58 4.04 -20.00
C GLY E 48 -11.56 2.58 -19.61
N TYR E 49 -11.08 2.26 -18.40
CA TYR E 49 -10.97 0.86 -18.00
C TYR E 49 -12.32 0.31 -17.58
N THR E 50 -12.55 -0.96 -17.92
CA THR E 50 -13.72 -1.71 -17.48
C THR E 50 -13.28 -3.11 -17.07
N ASN E 51 -13.86 -3.62 -15.98
CA ASN E 51 -13.50 -4.91 -15.43
C ASN E 51 -14.40 -6.03 -15.95
N LEU E 52 -15.11 -5.80 -17.04
CA LEU E 52 -16.01 -6.79 -17.64
C LEU E 52 -15.45 -7.29 -18.96
N THR E 53 -15.68 -8.58 -19.23
CA THR E 53 -15.28 -9.16 -20.51
C THR E 53 -16.51 -9.39 -21.38
N GLY E 54 -17.26 -10.44 -21.09
CA GLY E 54 -18.47 -10.75 -21.82
C GLY E 54 -19.57 -11.22 -20.88
N LYS E 55 -20.72 -11.53 -21.47
CA LYS E 55 -21.90 -11.92 -20.72
C LYS E 55 -21.84 -13.40 -20.37
N VAL E 56 -22.92 -13.92 -19.77
CA VAL E 56 -23.09 -15.34 -19.52
C VAL E 56 -24.52 -15.71 -19.89
N LYS E 57 -24.94 -16.92 -19.55
CA LYS E 57 -26.27 -17.40 -19.96
C LYS E 57 -27.36 -16.44 -19.51
N ASP E 58 -28.46 -16.45 -20.25
CA ASP E 58 -29.54 -15.50 -20.01
C ASP E 58 -30.15 -15.68 -18.63
N GLU E 59 -30.30 -16.93 -18.18
CA GLU E 59 -30.95 -17.19 -16.90
C GLU E 59 -30.09 -16.85 -15.69
N THR E 60 -28.92 -16.28 -15.89
CA THR E 60 -28.12 -15.77 -14.78
C THR E 60 -27.87 -14.27 -14.89
N GLY E 61 -27.61 -13.77 -16.10
CA GLY E 61 -27.27 -12.38 -16.28
C GLY E 61 -25.92 -11.97 -15.75
N TYR E 62 -25.21 -12.86 -15.07
CA TYR E 62 -23.89 -12.55 -14.53
C TYR E 62 -22.94 -12.13 -15.65
N LYS E 63 -22.13 -11.12 -15.38
CA LYS E 63 -21.14 -10.64 -16.33
C LYS E 63 -19.76 -11.14 -15.93
N TYR E 64 -19.01 -11.63 -16.91
CA TYR E 64 -17.69 -12.19 -16.64
C TYR E 64 -16.70 -11.09 -16.30
N LYS E 65 -15.92 -11.30 -15.24
CA LYS E 65 -14.97 -10.32 -14.75
C LYS E 65 -13.59 -10.59 -15.33
N LYS E 66 -12.84 -9.52 -15.60
CA LYS E 66 -11.48 -9.65 -16.09
C LYS E 66 -10.56 -10.22 -15.01
N GLN E 67 -9.41 -10.69 -15.45
CA GLN E 67 -8.33 -11.05 -14.54
C GLN E 67 -7.63 -9.80 -14.05
N ALA E 68 -7.19 -9.83 -12.79
CA ALA E 68 -6.53 -8.67 -12.20
C ALA E 68 -5.24 -8.31 -12.93
N THR E 69 -4.68 -9.22 -13.73
CA THR E 69 -3.45 -8.99 -14.46
C THR E 69 -3.68 -8.62 -15.92
N ASP E 70 -4.94 -8.47 -16.34
CA ASP E 70 -5.28 -8.17 -17.73
C ASP E 70 -5.57 -6.68 -17.85
N ILE E 71 -4.52 -5.90 -18.08
CA ILE E 71 -4.64 -4.45 -18.24
C ILE E 71 -3.56 -3.99 -19.21
N ASN E 72 -3.93 -3.10 -20.11
CA ASN E 72 -3.00 -2.48 -21.05
C ASN E 72 -2.92 -0.99 -20.75
N PHE E 73 -1.81 -0.56 -20.17
CA PHE E 73 -1.65 0.82 -19.75
C PHE E 73 -1.40 1.78 -20.92
N LYS E 74 -1.36 1.26 -22.14
CA LYS E 74 -1.43 2.11 -23.33
C LYS E 74 -2.88 2.37 -23.73
N GLU E 75 -3.73 1.36 -23.61
CA GLU E 75 -5.15 1.53 -23.89
C GLU E 75 -5.88 2.22 -22.74
N THR E 76 -5.59 1.81 -21.51
CA THR E 76 -6.20 2.39 -20.32
C THR E 76 -5.07 2.86 -19.41
N PRO E 77 -4.57 4.08 -19.63
CA PRO E 77 -3.42 4.56 -18.88
C PRO E 77 -3.80 5.03 -17.48
N LEU E 78 -2.77 5.17 -16.63
CA LEU E 78 -2.95 5.77 -15.32
C LEU E 78 -3.18 7.26 -15.45
N TYR E 79 -3.97 7.81 -14.53
CA TYR E 79 -4.23 9.24 -14.51
C TYR E 79 -4.57 9.68 -13.10
N ILE E 80 -4.39 10.97 -12.84
CA ILE E 80 -4.82 11.61 -11.60
C ILE E 80 -6.07 12.41 -11.91
N SER E 81 -7.16 12.10 -11.22
CA SER E 81 -8.41 12.82 -11.46
C SER E 81 -8.20 14.32 -11.30
N GLN E 82 -8.78 15.08 -12.22
CA GLN E 82 -8.77 16.54 -12.08
C GLN E 82 -9.37 16.97 -10.74
N ASN E 83 -10.32 16.20 -10.23
CA ASN E 83 -10.89 16.52 -8.92
C ASN E 83 -9.85 16.45 -7.82
N CYS E 84 -8.88 15.54 -7.95
CA CYS E 84 -7.80 15.46 -6.98
C CYS E 84 -6.79 16.58 -7.16
N ILE E 85 -6.46 16.92 -8.41
CA ILE E 85 -5.53 18.02 -8.67
C ILE E 85 -6.07 19.31 -8.07
N ARG E 86 -7.34 19.64 -8.35
CA ARG E 86 -7.92 20.87 -7.82
C ARG E 86 -7.91 20.88 -6.30
N HIS E 87 -8.12 19.71 -5.69
CA HIS E 87 -8.12 19.65 -4.23
C HIS E 87 -6.78 20.08 -3.65
N HIS E 88 -5.68 19.75 -4.32
CA HIS E 88 -4.35 20.06 -3.80
C HIS E 88 -3.85 21.43 -4.23
N LEU E 89 -4.34 21.98 -5.35
CA LEU E 89 -4.03 23.36 -5.69
C LEU E 89 -4.59 24.34 -4.66
N PHE E 90 -5.75 24.01 -4.08
CA PHE E 90 -6.39 24.84 -3.08
C PHE E 90 -6.57 24.06 -1.77
N ARG E 91 -5.58 23.22 -1.45
CA ARG E 91 -5.69 22.34 -0.29
C ARG E 91 -5.82 23.12 1.01
N GLU E 92 -5.25 24.32 1.07
CA GLU E 92 -5.26 25.08 2.31
C GLU E 92 -6.66 25.58 2.67
N GLN E 93 -7.53 25.74 1.68
CA GLN E 93 -8.88 26.23 1.88
C GLN E 93 -9.93 25.17 1.52
N ALA E 94 -9.63 23.91 1.84
CA ALA E 94 -10.53 22.82 1.47
C ALA E 94 -11.82 22.86 2.28
N PHE E 95 -11.74 23.26 3.54
CA PHE E 95 -12.90 23.26 4.44
C PHE E 95 -13.54 24.63 4.61
N ASP E 96 -12.97 25.68 4.01
CA ASP E 96 -13.47 27.03 4.27
C ASP E 96 -14.89 27.21 3.76
N LEU E 97 -15.22 26.64 2.61
CA LEU E 97 -16.53 26.87 2.01
C LEU E 97 -17.66 26.34 2.88
N HIS E 98 -17.41 25.32 3.69
CA HIS E 98 -18.43 24.85 4.62
C HIS E 98 -18.78 25.91 5.66
N TYR E 99 -17.84 26.79 5.98
CA TYR E 99 -18.06 27.88 6.92
C TYR E 99 -18.44 29.18 6.22
N ALA E 100 -18.62 29.16 4.91
CA ALA E 100 -19.04 30.35 4.18
C ALA E 100 -20.53 30.58 4.33
N SER E 101 -20.91 31.83 4.59
CA SER E 101 -22.31 32.22 4.71
C SER E 101 -22.48 33.59 4.07
N ASP E 102 -23.73 34.06 4.05
CA ASP E 102 -24.02 35.37 3.46
C ASP E 102 -23.28 36.49 4.18
N LYS E 103 -23.20 36.41 5.51
CA LYS E 103 -22.57 37.47 6.29
C LYS E 103 -21.08 37.59 5.96
N ASN E 104 -20.34 36.49 6.16
CA ASN E 104 -18.90 36.49 5.95
C ASN E 104 -18.50 36.25 4.50
N LEU E 105 -19.47 36.12 3.59
CA LEU E 105 -19.14 35.91 2.18
C LEU E 105 -18.18 36.98 1.67
N LYS E 106 -18.18 38.15 2.30
CA LYS E 106 -17.21 39.19 1.99
C LYS E 106 -15.79 38.64 1.96
N ASN E 107 -15.43 37.84 2.98
CA ASN E 107 -14.08 37.32 3.09
C ASN E 107 -13.81 36.18 2.13
N VAL E 108 -14.84 35.40 1.80
CA VAL E 108 -14.67 34.31 0.84
C VAL E 108 -14.26 34.86 -0.52
N LEU E 109 -14.81 36.01 -0.90
CA LEU E 109 -14.55 36.56 -2.23
C LEU E 109 -13.11 37.09 -2.33
N ALA E 110 -12.69 37.90 -1.37
CA ALA E 110 -11.34 38.47 -1.34
C ALA E 110 -10.37 37.37 -0.90
N SER E 111 -10.07 36.47 -1.83
CA SER E 111 -9.18 35.34 -1.55
C SER E 111 -8.97 34.58 -2.86
N ILE E 112 -7.97 33.70 -2.84
CA ILE E 112 -7.67 32.89 -4.02
C ILE E 112 -8.80 31.92 -4.31
N THR E 113 -9.57 31.55 -3.29
CA THR E 113 -10.68 30.61 -3.49
C THR E 113 -11.88 31.30 -4.11
N GLY E 114 -12.17 32.53 -3.68
CA GLY E 114 -13.28 33.27 -4.26
C GLY E 114 -13.02 33.79 -5.66
N LEU E 115 -11.75 33.95 -6.02
CA LEU E 115 -11.37 34.52 -7.31
C LEU E 115 -10.99 33.47 -8.34
N ILE E 116 -10.33 32.39 -7.93
CA ILE E 116 -9.79 31.38 -8.84
C ILE E 116 -10.54 30.05 -8.70
N ARG E 117 -10.62 29.54 -7.48
CA ARG E 117 -11.29 28.25 -7.26
C ARG E 117 -12.75 28.28 -7.65
N GLY E 118 -13.40 29.44 -7.51
CA GLY E 118 -14.85 29.48 -7.49
C GLY E 118 -15.34 29.01 -6.14
N TYR E 119 -16.65 29.01 -5.96
CA TYR E 119 -17.20 28.59 -4.67
C TYR E 119 -18.70 28.46 -4.76
N VAL E 120 -19.26 27.87 -3.71
CA VAL E 120 -20.70 27.75 -3.51
C VAL E 120 -20.99 28.12 -2.06
N VAL E 121 -22.19 28.63 -1.83
CA VAL E 121 -22.60 29.07 -0.50
C VAL E 121 -23.73 28.14 -0.02
N PRO E 122 -23.56 27.45 1.10
CA PRO E 122 -24.59 26.52 1.53
C PRO E 122 -25.89 27.24 1.87
N SER E 123 -27.01 26.58 1.57
CA SER E 123 -28.34 27.12 1.85
C SER E 123 -28.58 28.46 1.15
N SER E 124 -27.77 28.77 0.14
CA SER E 124 -27.84 30.03 -0.59
C SER E 124 -27.98 29.77 -2.08
N GLN E 125 -28.23 30.85 -2.83
CA GLN E 125 -28.22 30.82 -4.28
C GLN E 125 -27.04 31.59 -4.86
N CYS E 126 -26.01 31.81 -4.05
CA CYS E 126 -24.80 32.51 -4.48
C CYS E 126 -23.77 31.52 -4.99
N LYS E 127 -23.14 31.85 -6.10
CA LYS E 127 -22.18 30.98 -6.76
C LYS E 127 -21.04 31.82 -7.31
N ARG E 128 -20.03 31.11 -7.82
CA ARG E 128 -19.01 31.72 -8.69
C ARG E 128 -18.31 30.60 -9.42
N THR E 129 -18.45 30.55 -10.74
CA THR E 129 -17.85 29.49 -11.53
C THR E 129 -16.35 29.70 -11.64
N SER E 130 -15.60 28.59 -11.53
CA SER E 130 -14.16 28.65 -11.59
C SER E 130 -13.71 29.09 -12.98
N PRO E 131 -12.86 30.12 -13.08
CA PRO E 131 -12.26 30.46 -14.38
C PRO E 131 -11.10 29.56 -14.77
N LEU E 132 -10.72 28.61 -13.93
CA LEU E 132 -9.64 27.67 -14.22
C LEU E 132 -10.23 26.36 -14.71
N LEU E 133 -9.71 25.85 -15.82
CA LEU E 133 -10.18 24.60 -16.42
C LEU E 133 -9.00 23.65 -16.50
N LEU E 134 -9.14 22.49 -15.88
CA LEU E 134 -8.08 21.48 -15.83
C LEU E 134 -8.57 20.15 -16.38
N GLU E 135 -7.70 19.47 -17.12
CA GLU E 135 -7.95 18.10 -17.53
C GLU E 135 -7.36 17.14 -16.50
N ASP E 136 -7.51 15.85 -16.76
CA ASP E 136 -6.86 14.85 -15.94
C ASP E 136 -5.38 14.76 -16.28
N PHE E 137 -4.57 14.43 -15.28
CA PHE E 137 -3.15 14.19 -15.49
C PHE E 137 -2.99 12.74 -15.93
N VAL E 138 -2.61 12.54 -17.19
CA VAL E 138 -2.58 11.22 -17.81
C VAL E 138 -1.13 10.77 -17.92
N ASP E 139 -0.82 9.61 -17.34
CA ASP E 139 0.53 9.10 -17.33
C ASP E 139 0.98 8.72 -18.73
N GLN E 140 2.28 8.85 -18.98
CA GLN E 140 2.88 8.54 -20.27
C GLN E 140 3.80 7.33 -20.24
N LEU E 141 4.24 6.89 -19.06
CA LEU E 141 5.24 5.84 -18.96
C LEU E 141 4.64 4.46 -18.79
N GLY E 142 3.54 4.35 -18.05
CA GLY E 142 2.86 3.08 -17.90
C GLY E 142 3.68 2.00 -17.24
N ASN E 143 4.45 2.35 -16.20
CA ASN E 143 5.22 1.39 -15.45
C ASN E 143 4.38 0.79 -14.32
N GLY E 144 3.26 0.18 -14.73
CA GLY E 144 2.37 -0.46 -13.77
C GLY E 144 2.46 -1.97 -13.79
N ASN E 145 2.03 -2.64 -12.71
CA ASN E 145 2.08 -4.09 -12.66
C ASN E 145 1.31 -4.57 -11.44
N PHE E 146 0.84 -5.81 -11.51
CA PHE E 146 0.15 -6.40 -10.38
C PHE E 146 1.13 -6.64 -9.23
N GLU E 147 0.81 -6.11 -8.06
CA GLU E 147 1.64 -6.28 -6.87
C GLU E 147 0.85 -6.95 -5.77
N GLN E 148 1.39 -8.02 -5.21
CA GLN E 148 0.75 -8.76 -4.12
C GLN E 148 1.20 -8.22 -2.78
N TYR E 149 0.27 -8.13 -1.84
CA TYR E 149 0.56 -7.68 -0.49
C TYR E 149 0.11 -8.73 0.52
N GLY E 150 0.63 -8.60 1.73
CA GLY E 150 0.25 -9.50 2.81
C GLY E 150 0.52 -8.86 4.15
N GLN E 151 0.18 -9.61 5.20
CA GLN E 151 0.40 -9.18 6.58
C GLN E 151 1.25 -10.22 7.29
N ALA E 152 2.30 -9.77 7.95
CA ALA E 152 3.11 -10.68 8.77
C ALA E 152 2.28 -11.25 9.90
N GLY E 153 2.64 -12.45 10.34
CA GLY E 153 1.95 -13.08 11.44
C GLY E 153 0.52 -13.50 11.16
N ALA E 154 0.16 -13.71 9.90
CA ALA E 154 -1.19 -14.14 9.55
C ALA E 154 -1.16 -14.87 8.21
N ARG E 155 -1.83 -16.02 8.14
CA ARG E 155 -1.90 -16.81 6.93
C ARG E 155 -3.30 -16.93 6.36
N ASP E 156 -4.33 -16.50 7.07
CA ASP E 156 -5.70 -16.66 6.62
C ASP E 156 -5.97 -15.84 5.36
N SER E 157 -7.12 -16.11 4.73
CA SER E 157 -7.45 -15.47 3.47
C SER E 157 -7.64 -13.96 3.62
N THR E 158 -8.18 -13.52 4.77
CA THR E 158 -8.41 -12.10 4.99
C THR E 158 -7.13 -11.32 5.25
N SER E 159 -5.99 -11.99 5.36
CA SER E 159 -4.73 -11.31 5.65
C SER E 159 -4.07 -10.74 4.40
N PHE E 160 -4.33 -11.33 3.24
CA PHE E 160 -3.63 -10.98 2.01
C PHE E 160 -4.52 -10.14 1.10
N PHE E 161 -3.97 -9.03 0.61
CA PHE E 161 -4.61 -8.15 -0.35
C PHE E 161 -3.62 -7.87 -1.48
N SER E 162 -4.09 -7.18 -2.52
CA SER E 162 -3.24 -6.90 -3.67
C SER E 162 -3.68 -5.59 -4.32
N LYS E 163 -2.82 -5.08 -5.19
CA LYS E 163 -3.08 -3.81 -5.85
C LYS E 163 -2.35 -3.75 -7.18
N THR E 164 -2.86 -2.93 -8.08
CA THR E 164 -2.17 -2.56 -9.32
C THR E 164 -1.39 -1.28 -9.03
N THR E 165 -0.07 -1.41 -8.90
CA THR E 165 0.78 -0.30 -8.48
C THR E 165 1.65 0.16 -9.65
N PHE E 166 2.26 1.33 -9.47
CA PHE E 166 3.06 1.97 -10.50
C PHE E 166 4.39 2.43 -9.91
N GLY E 167 5.41 2.48 -10.76
CA GLY E 167 6.70 3.03 -10.38
C GLY E 167 6.84 4.48 -10.76
N ASP E 168 7.84 4.81 -11.59
CA ASP E 168 8.01 6.17 -12.05
C ASP E 168 6.84 6.56 -12.95
N THR E 169 6.40 7.82 -12.82
CA THR E 169 5.28 8.33 -13.60
C THR E 169 5.68 9.65 -14.24
N GLU E 170 5.02 9.96 -15.36
CA GLU E 170 5.19 11.24 -16.05
C GLU E 170 3.83 11.62 -16.62
N TYR E 171 3.16 12.58 -15.98
CA TYR E 171 1.84 13.01 -16.41
C TYR E 171 1.94 14.21 -17.34
N ILE E 172 0.92 14.36 -18.18
CA ILE E 172 0.78 15.52 -19.05
C ILE E 172 -0.67 15.99 -18.96
N SER E 173 -0.87 17.31 -18.98
CA SER E 173 -2.20 17.88 -18.85
C SER E 173 -2.26 19.22 -19.55
N TYR E 174 -3.49 19.65 -19.83
CA TYR E 174 -3.76 20.93 -20.45
C TYR E 174 -4.77 21.70 -19.61
N GLY E 175 -4.71 23.03 -19.69
CA GLY E 175 -5.62 23.86 -18.93
C GLY E 175 -5.78 25.22 -19.58
N SER E 176 -6.73 25.99 -19.04
CA SER E 176 -7.04 27.31 -19.56
C SER E 176 -7.57 28.18 -18.44
N ILE E 177 -7.10 29.42 -18.39
CA ILE E 177 -7.61 30.44 -17.48
C ILE E 177 -8.52 31.35 -18.29
N SER E 178 -9.81 31.34 -17.97
CA SER E 178 -10.81 32.07 -18.74
C SER E 178 -10.88 33.51 -18.26
N ILE E 179 -10.56 34.46 -19.16
CA ILE E 179 -10.59 35.86 -18.79
C ILE E 179 -12.02 36.34 -18.56
N GLU E 180 -12.96 35.87 -19.39
CA GLU E 180 -14.35 36.29 -19.22
C GLU E 180 -14.86 35.93 -17.83
N GLN E 181 -14.49 34.76 -17.33
CA GLN E 181 -14.89 34.35 -15.98
C GLN E 181 -14.04 35.03 -14.91
N LEU E 182 -12.80 35.37 -15.22
CA LEU E 182 -11.88 35.86 -14.20
C LEU E 182 -12.06 37.35 -13.91
N GLN E 183 -12.24 38.17 -14.96
CA GLN E 183 -12.19 39.61 -14.80
C GLN E 183 -13.50 40.21 -14.31
N PHE E 184 -14.62 39.53 -14.50
CA PHE E 184 -15.91 40.06 -14.10
C PHE E 184 -16.45 39.28 -12.90
N ILE E 185 -17.17 39.99 -12.04
CA ILE E 185 -17.73 39.45 -10.81
C ILE E 185 -19.17 39.95 -10.73
N SER E 186 -20.13 39.07 -11.02
CA SER E 186 -21.53 39.45 -10.98
C SER E 186 -22.02 39.54 -9.54
N LEU E 187 -22.66 40.65 -9.20
CA LEU E 187 -23.31 40.83 -7.90
C LEU E 187 -24.83 40.90 -8.03
N ASP E 188 -25.37 40.43 -9.15
CA ASP E 188 -26.78 40.60 -9.47
C ASP E 188 -27.45 39.23 -9.58
N LYS E 189 -28.62 39.10 -8.95
CA LYS E 189 -29.42 37.88 -9.04
C LYS E 189 -30.11 37.73 -10.38
N LYS E 190 -29.95 38.69 -11.29
CA LYS E 190 -30.67 38.66 -12.56
C LYS E 190 -30.42 37.35 -13.29
N PHE E 191 -29.15 36.98 -13.45
CA PHE E 191 -28.76 35.80 -14.21
C PHE E 191 -28.35 34.64 -13.30
N ASP E 192 -28.73 34.68 -12.03
CA ASP E 192 -28.44 33.60 -11.09
C ASP E 192 -26.95 33.42 -10.86
N ARG E 193 -26.14 34.42 -11.23
CA ARG E 193 -24.70 34.39 -11.04
C ARG E 193 -24.27 35.18 -9.80
N ALA E 194 -25.21 35.59 -8.96
CA ALA E 194 -24.92 36.43 -7.81
C ALA E 194 -23.80 35.88 -6.95
N ALA E 195 -22.60 36.44 -7.09
CA ALA E 195 -21.49 36.06 -6.21
C ALA E 195 -21.80 36.36 -4.76
N VAL E 197 -25.14 38.60 -2.15
CA VAL E 197 -26.30 39.47 -2.08
C VAL E 197 -25.88 40.80 -1.47
N ILE E 198 -26.38 41.91 -2.03
CA ILE E 198 -25.83 43.22 -1.77
C ILE E 198 -26.93 44.22 -1.43
N LYS E 199 -26.57 45.19 -0.60
CA LYS E 199 -27.35 46.40 -0.39
C LYS E 199 -26.73 47.54 -1.18
N GLU E 200 -27.54 48.53 -1.53
CA GLU E 200 -27.03 49.65 -2.32
C GLU E 200 -25.88 50.34 -1.60
N GLY E 201 -24.88 50.74 -2.37
CA GLY E 201 -23.68 51.34 -1.83
C GLY E 201 -22.57 50.36 -1.50
N GLU E 202 -22.89 49.07 -1.35
CA GLU E 202 -21.86 48.08 -1.02
C GLU E 202 -20.94 47.79 -2.19
N GLY E 203 -21.31 48.18 -3.41
CA GLY E 203 -20.48 47.87 -4.56
C GLY E 203 -19.09 48.46 -4.47
N GLU E 204 -18.99 49.70 -4.00
CA GLU E 204 -17.69 50.37 -3.96
C GLU E 204 -16.79 49.80 -2.87
N VAL E 205 -17.37 49.47 -1.71
CA VAL E 205 -16.54 48.93 -0.63
C VAL E 205 -15.97 47.58 -1.01
N ILE E 206 -16.77 46.72 -1.64
CA ILE E 206 -16.30 45.40 -2.03
C ILE E 206 -15.15 45.51 -3.01
N ALA E 207 -15.24 46.44 -3.96
CA ALA E 207 -14.16 46.61 -4.92
C ALA E 207 -12.85 46.98 -4.22
N ALA E 208 -12.94 47.79 -3.16
CA ALA E 208 -11.74 48.16 -2.41
C ALA E 208 -11.08 46.93 -1.79
N GLU E 209 -11.88 46.04 -1.20
CA GLU E 209 -11.32 44.83 -0.62
C GLU E 209 -10.74 43.92 -1.69
N LEU E 210 -11.43 43.78 -2.82
CA LEU E 210 -10.80 43.16 -3.99
C LEU E 210 -9.49 43.86 -4.33
N GLN E 211 -9.54 45.18 -4.46
CA GLN E 211 -8.33 45.95 -4.77
C GLN E 211 -7.22 45.66 -3.77
N ASN E 212 -7.55 45.71 -2.48
CA ASN E 212 -6.54 45.48 -1.44
C ASN E 212 -5.91 44.09 -1.59
N TYR E 213 -6.74 43.06 -1.70
CA TYR E 213 -6.20 41.70 -1.78
C TYR E 213 -5.40 41.51 -3.06
N ILE E 214 -5.93 41.95 -4.20
CA ILE E 214 -5.22 41.79 -5.46
C ILE E 214 -3.91 42.60 -5.44
N GLN E 215 -3.92 43.77 -4.82
CA GLN E 215 -2.69 44.53 -4.66
C GLN E 215 -1.68 43.76 -3.83
N SER E 216 -2.14 43.05 -2.81
CA SER E 216 -1.25 42.27 -1.95
C SER E 216 -0.61 41.09 -2.67
N LEU E 217 -1.12 40.71 -3.84
CA LEU E 217 -0.47 39.66 -4.61
C LEU E 217 0.83 40.16 -5.24
N ASN E 218 0.79 41.36 -5.82
CA ASN E 218 2.01 41.99 -6.32
C ASN E 218 1.96 43.48 -6.03
N PRO E 219 2.71 43.96 -5.03
CA PRO E 219 2.70 45.41 -4.75
C PRO E 219 3.26 46.25 -5.87
N SER E 220 4.10 45.68 -6.74
CA SER E 220 4.70 46.43 -7.83
C SER E 220 3.68 46.85 -8.88
N LEU E 221 2.50 46.22 -8.91
CA LEU E 221 1.49 46.47 -9.92
C LEU E 221 0.45 47.46 -9.40
N ASN E 222 -0.44 47.87 -10.29
CA ASN E 222 -1.48 48.85 -10.01
C ASN E 222 -2.83 48.28 -10.42
N PRO E 223 -3.44 47.44 -9.59
CA PRO E 223 -4.74 46.88 -9.91
C PRO E 223 -5.86 47.90 -9.74
N GLN E 224 -7.01 47.58 -10.34
CA GLN E 224 -8.18 48.44 -10.28
C GLN E 224 -9.44 47.58 -10.32
N ALA E 225 -10.31 47.77 -9.33
CA ALA E 225 -11.60 47.09 -9.27
C ALA E 225 -12.68 48.16 -9.23
N ILE E 226 -13.46 48.25 -10.31
CA ILE E 226 -14.46 49.29 -10.48
C ILE E 226 -15.84 48.65 -10.46
N PHE E 227 -16.67 49.08 -9.53
CA PHE E 227 -18.07 48.67 -9.49
C PHE E 227 -18.90 49.53 -10.42
N HIS E 228 -19.96 48.93 -10.97
CA HIS E 228 -20.91 49.67 -11.79
C HIS E 228 -22.27 48.98 -11.68
N SER E 229 -23.32 49.79 -11.88
CA SER E 229 -24.68 49.30 -11.73
C SER E 229 -25.16 48.48 -12.92
N ASN E 230 -24.53 48.64 -14.10
CA ASN E 230 -24.97 47.92 -15.29
C ASN E 230 -23.74 47.63 -16.16
N TYR E 231 -23.22 46.41 -16.05
CA TYR E 231 -22.15 45.93 -16.92
C TYR E 231 -22.75 45.04 -18.00
N VAL E 232 -22.45 45.35 -19.26
CA VAL E 232 -22.98 44.60 -20.39
C VAL E 232 -21.81 43.98 -21.16
N ARG E 233 -22.09 42.87 -21.83
CA ARG E 233 -21.03 42.14 -22.52
C ARG E 233 -20.72 42.81 -23.85
N ARG E 234 -19.46 42.69 -24.28
CA ARG E 234 -18.95 43.47 -25.40
C ARG E 234 -19.60 43.07 -26.72
N GLY E 235 -19.32 41.86 -27.19
CA GLY E 235 -19.64 41.48 -28.55
C GLY E 235 -21.00 40.85 -28.77
N THR E 236 -21.91 40.94 -27.81
CA THR E 236 -23.16 40.20 -27.94
C THR E 236 -24.22 41.02 -28.68
N ILE E 237 -25.31 40.35 -29.04
CA ILE E 237 -26.50 41.02 -29.50
C ILE E 237 -27.43 41.34 -28.33
N PHE E 238 -26.93 41.37 -27.09
CA PHE E 238 -27.77 41.48 -25.90
C PHE E 238 -27.60 42.85 -25.25
N GLU E 239 -28.69 43.41 -24.77
CA GLU E 239 -28.71 44.74 -24.19
C GLU E 239 -28.99 44.72 -22.69
N GLU E 240 -28.90 43.57 -22.03
CA GLU E 240 -29.15 43.45 -20.59
C GLU E 240 -27.83 43.20 -19.86
N GLY E 241 -27.64 43.89 -18.75
CA GLY E 241 -26.43 43.76 -17.96
C GLY E 241 -26.74 43.56 -16.48
N GLU E 242 -25.68 43.43 -15.71
CA GLU E 242 -25.76 43.24 -14.27
C GLU E 242 -24.89 44.26 -13.56
N CYS E 243 -25.20 44.49 -12.29
CA CYS E 243 -24.30 45.20 -11.40
C CYS E 243 -23.17 44.28 -10.97
N GLY E 244 -21.94 44.71 -11.17
CA GLY E 244 -20.81 43.85 -10.88
C GLY E 244 -19.52 44.62 -10.75
N ILE E 245 -18.42 43.87 -10.69
CA ILE E 245 -17.08 44.43 -10.52
C ILE E 245 -16.21 43.91 -11.65
N LEU E 246 -15.44 44.79 -12.26
CA LEU E 246 -14.53 44.44 -13.34
C LEU E 246 -13.11 44.84 -12.97
N LEU E 247 -12.18 43.91 -13.08
CA LEU E 247 -10.78 44.17 -12.80
C LEU E 247 -10.11 44.75 -14.04
N ASN E 248 -9.25 45.74 -13.83
CA ASN E 248 -8.49 46.32 -14.93
C ASN E 248 -7.48 45.30 -15.45
N ASP E 249 -6.56 45.75 -16.30
CA ASP E 249 -5.61 44.82 -16.90
C ASP E 249 -4.54 44.37 -15.92
N ASP E 250 -4.17 45.23 -14.96
CA ASP E 250 -3.13 44.84 -14.01
C ASP E 250 -3.65 43.86 -12.96
N ALA E 251 -4.88 44.06 -12.49
CA ALA E 251 -5.49 43.09 -11.58
C ALA E 251 -5.53 41.70 -12.23
N VAL E 252 -5.95 41.64 -13.49
CA VAL E 252 -5.97 40.37 -14.21
C VAL E 252 -4.55 39.82 -14.34
N LYS E 253 -3.58 40.69 -14.61
CA LYS E 253 -2.20 40.23 -14.74
C LYS E 253 -1.69 39.64 -13.43
N ALA E 254 -2.26 40.06 -12.30
CA ALA E 254 -1.82 39.51 -11.02
C ALA E 254 -2.43 38.13 -10.77
N LEU E 255 -3.74 38.00 -10.95
CA LEU E 255 -4.40 36.72 -10.71
C LEU E 255 -3.86 35.64 -11.63
N VAL E 256 -3.68 35.95 -12.91
CA VAL E 256 -3.12 34.98 -13.85
C VAL E 256 -1.74 34.54 -13.38
N ALA E 257 -0.91 35.49 -12.96
CA ALA E 257 0.44 35.14 -12.51
C ALA E 257 0.41 34.36 -11.19
N GLU E 258 -0.60 34.60 -10.35
CA GLU E 258 -0.71 33.87 -9.09
C GLU E 258 -1.04 32.40 -9.35
N THR E 259 -2.04 32.15 -10.20
CA THR E 259 -2.44 30.78 -10.50
C THR E 259 -1.30 30.02 -11.18
N LEU E 260 -0.68 30.63 -12.19
CA LEU E 260 0.43 29.97 -12.88
C LEU E 260 1.53 29.56 -11.91
N GLU E 261 1.76 30.37 -10.87
CA GLU E 261 2.76 30.03 -9.87
C GLU E 261 2.33 28.81 -9.06
N ARG E 262 1.09 28.81 -8.58
CA ARG E 262 0.59 27.66 -7.82
C ARG E 262 0.64 26.38 -8.66
N LEU E 263 0.27 26.47 -9.93
CA LEU E 263 0.40 25.32 -10.82
C LEU E 263 1.85 24.92 -11.00
N ALA E 264 2.75 25.91 -11.06
CA ALA E 264 4.17 25.62 -11.24
C ALA E 264 4.80 24.99 -10.01
N ASN E 265 4.27 25.29 -8.82
CA ASN E 265 4.78 24.75 -7.57
C ASN E 265 3.92 23.62 -7.03
N LEU E 266 2.97 23.12 -7.82
CA LEU E 266 2.08 22.08 -7.34
C LEU E 266 2.85 20.80 -7.02
N SER E 267 2.45 20.14 -5.95
CA SER E 267 3.01 18.85 -5.55
C SER E 267 1.96 18.10 -4.74
N ILE E 268 1.87 16.80 -4.96
CA ILE E 268 0.89 15.95 -4.28
C ILE E 268 1.64 14.80 -3.62
N ARG E 269 1.46 14.67 -2.30
CA ARG E 269 1.96 13.53 -1.53
C ARG E 269 0.76 12.82 -0.95
N GLN E 270 0.48 11.61 -1.43
CA GLN E 270 -0.78 10.96 -1.11
C GLN E 270 -0.68 9.48 -1.43
N ALA E 271 -1.32 8.66 -0.60
CA ALA E 271 -1.34 7.21 -0.78
C ALA E 271 0.07 6.65 -0.85
N LYS E 272 0.98 7.26 -0.10
CA LYS E 272 2.39 6.86 -0.09
C LYS E 272 3.03 7.04 -1.45
N GLY E 273 2.48 7.95 -2.25
CA GLY E 273 3.09 8.33 -3.52
C GLY E 273 3.10 9.83 -3.65
N TYR E 274 3.94 10.31 -4.57
CA TYR E 274 4.12 11.75 -4.74
C TYR E 274 4.08 12.12 -6.21
N TYR E 276 5.08 15.99 -8.47
CA TYR E 276 5.37 17.40 -8.53
C TYR E 276 5.34 17.88 -9.96
N VAL E 277 4.94 19.13 -10.15
CA VAL E 277 4.89 19.73 -11.47
C VAL E 277 6.31 20.07 -11.91
N ASP E 278 6.74 19.49 -13.04
CA ASP E 278 8.10 19.64 -13.54
C ASP E 278 8.24 20.83 -14.48
N ASP E 279 7.44 20.88 -15.54
CA ASP E 279 7.51 21.94 -16.54
C ASP E 279 6.10 22.38 -16.91
N ILE E 280 5.97 23.67 -17.23
CA ILE E 280 4.70 24.26 -17.59
C ILE E 280 4.92 25.21 -18.76
N THR E 281 4.12 25.04 -19.82
CA THR E 281 4.22 25.85 -21.03
C THR E 281 2.97 26.71 -21.18
N VAL E 282 3.17 28.01 -21.32
CA VAL E 282 2.07 28.97 -21.30
C VAL E 282 1.86 29.54 -22.70
N ASP E 283 0.61 29.87 -23.01
CA ASP E 283 0.25 30.54 -24.25
C ASP E 283 -0.81 31.59 -23.95
N TYR E 284 -0.47 32.85 -24.18
CA TYR E 284 -1.41 33.96 -24.05
C TYR E 284 -2.16 34.08 -25.38
N ASN E 285 -3.31 33.41 -25.46
CA ASN E 285 -4.01 33.23 -26.74
C ASN E 285 -4.83 34.47 -27.06
N ASP E 286 -4.40 35.22 -28.08
CA ASP E 286 -5.16 36.34 -28.60
C ASP E 286 -5.80 36.03 -29.95
N SER E 287 -5.60 34.83 -30.48
CA SER E 287 -6.17 34.45 -31.76
C SER E 287 -7.60 33.95 -31.58
N HIS E 288 -8.24 33.57 -32.69
CA HIS E 288 -9.62 33.11 -32.61
C HIS E 288 -9.71 31.63 -32.27
N LYS E 289 -8.74 30.83 -32.69
CA LYS E 289 -8.75 29.40 -32.37
C LYS E 289 -8.41 29.18 -30.91
N ARG E 292 -5.00 26.63 -28.71
CA ARG E 292 -3.98 26.61 -29.77
C ARG E 292 -2.77 25.78 -29.34
N ILE E 293 -2.45 25.79 -28.04
CA ILE E 293 -1.31 25.04 -27.54
C ILE E 293 -1.48 23.54 -27.78
N LYS E 294 -2.72 23.07 -27.91
CA LYS E 294 -2.98 21.64 -28.01
C LYS E 294 -2.77 21.14 -29.43
N ARG E 295 -3.40 21.79 -30.41
CA ARG E 295 -3.29 21.33 -31.79
C ARG E 295 -1.96 21.73 -32.41
N ASP E 296 -1.47 22.92 -32.11
CA ASP E 296 -0.29 23.48 -32.77
C ASP E 296 0.54 24.21 -31.72
N GLU E 297 1.69 23.64 -31.36
CA GLU E 297 2.52 24.20 -30.32
C GLU E 297 3.44 25.32 -30.81
N SER E 298 3.52 25.56 -32.12
CA SER E 298 4.43 26.55 -32.65
C SER E 298 3.85 27.96 -32.59
N GLU E 299 2.52 28.10 -32.72
CA GLU E 299 1.89 29.41 -32.74
C GLU E 299 1.68 29.95 -31.34
N ILE E 300 2.51 29.55 -30.40
CA ILE E 300 2.34 29.92 -28.99
C ILE E 300 3.13 31.19 -28.70
N ILE E 301 2.65 31.95 -27.71
CA ILE E 301 3.26 33.21 -27.29
C ILE E 301 3.44 33.14 -25.78
N ASN E 302 4.69 33.03 -25.33
CA ASN E 302 4.95 32.74 -23.92
C ASN E 302 4.67 33.95 -23.04
N GLU E 303 5.24 35.11 -23.37
CA GLU E 303 5.07 36.30 -22.57
C GLU E 303 3.85 37.10 -23.03
N GLN E 304 3.25 37.82 -22.08
CA GLN E 304 2.09 38.65 -22.39
C GLN E 304 2.49 39.74 -23.37
N HIS E 305 2.02 39.63 -24.61
CA HIS E 305 2.40 40.52 -25.69
C HIS E 305 1.37 41.59 -25.99
N ALA E 306 0.26 41.63 -25.25
CA ALA E 306 -0.81 42.57 -25.54
C ALA E 306 -1.68 42.69 -24.30
N PRO E 307 -2.60 43.65 -24.28
CA PRO E 307 -3.54 43.74 -23.15
C PRO E 307 -4.54 42.60 -23.18
N PHE E 308 -5.02 42.23 -21.99
CA PHE E 308 -6.06 41.22 -21.89
C PHE E 308 -7.37 41.75 -22.46
N ALA E 309 -8.14 40.87 -23.08
CA ALA E 309 -9.43 41.25 -23.63
C ALA E 309 -10.32 41.82 -22.54
N GLN E 310 -11.06 42.88 -22.88
CA GLN E 310 -12.02 43.51 -21.97
C GLN E 310 -13.41 43.11 -22.43
N TYR E 311 -14.11 42.35 -21.60
CA TYR E 311 -15.36 41.71 -21.99
C TYR E 311 -16.61 42.47 -21.60
N PHE E 312 -16.48 43.56 -20.83
CA PHE E 312 -17.65 44.23 -20.29
C PHE E 312 -17.45 45.74 -20.34
N TYR E 313 -18.55 46.46 -20.53
CA TYR E 313 -18.54 47.91 -20.60
C TYR E 313 -18.41 48.54 -19.21
N LYS F 2 -21.50 22.33 -39.40
CA LYS F 2 -21.01 21.47 -38.33
C LYS F 2 -20.10 22.27 -37.41
N ILE F 3 -20.31 22.12 -36.10
CA ILE F 3 -19.40 22.62 -35.09
C ILE F 3 -18.92 21.42 -34.28
N ILE F 4 -17.61 21.21 -34.24
CA ILE F 4 -17.02 20.06 -33.56
C ILE F 4 -16.41 20.55 -32.26
N ILE F 5 -16.97 20.10 -31.13
CA ILE F 5 -16.46 20.43 -29.81
C ILE F 5 -15.71 19.23 -29.26
N GLU F 6 -14.45 19.43 -28.89
CA GLU F 6 -13.65 18.43 -28.20
C GLU F 6 -13.58 18.77 -26.72
N TYR F 7 -13.74 17.75 -25.87
CA TYR F 7 -13.78 17.94 -24.43
C TYR F 7 -12.94 16.86 -23.77
N ASP F 8 -12.83 16.95 -22.44
CA ASP F 8 -11.97 16.03 -21.70
C ASP F 8 -12.20 16.19 -20.20
N SER F 9 -12.42 15.06 -19.51
CA SER F 9 -12.56 15.05 -18.05
C SER F 9 -13.86 15.72 -17.61
N CYS F 10 -14.95 15.42 -18.31
CA CYS F 10 -16.25 15.98 -17.99
C CYS F 10 -17.04 15.03 -17.10
N TRP F 11 -17.75 15.58 -16.12
CA TRP F 11 -18.57 14.78 -15.22
C TRP F 11 -19.91 14.48 -15.89
N ARG F 12 -20.32 13.21 -15.84
CA ARG F 12 -21.57 12.76 -16.42
C ARG F 12 -22.58 12.36 -15.34
N ASN F 13 -22.59 13.09 -14.22
CA ASN F 13 -23.50 12.82 -13.12
C ASN F 13 -24.07 14.13 -12.60
N ALA F 14 -25.16 14.02 -11.85
CA ALA F 14 -25.84 15.18 -11.28
C ALA F 14 -26.39 14.80 -9.91
N PHE F 15 -26.31 15.74 -8.96
CA PHE F 15 -26.66 15.46 -7.58
C PHE F 15 -27.76 16.34 -7.02
N LEU F 16 -28.35 17.23 -7.81
CA LEU F 16 -29.29 18.22 -7.31
C LEU F 16 -30.70 17.89 -7.76
N GLY F 17 -31.65 18.06 -6.85
CA GLY F 17 -33.05 17.91 -7.14
C GLY F 17 -33.61 19.10 -7.89
N GLY F 18 -34.92 19.09 -8.07
CA GLY F 18 -35.51 20.15 -8.87
C GLY F 18 -34.98 20.12 -10.28
N SER F 19 -34.81 21.30 -10.88
CA SER F 19 -34.30 21.40 -12.23
C SER F 19 -33.48 22.67 -12.38
N ASN F 20 -32.60 22.66 -13.37
CA ASN F 20 -31.76 23.81 -13.71
C ASN F 20 -32.42 24.74 -14.73
N ASN F 21 -33.58 24.36 -15.27
CA ASN F 21 -34.27 25.15 -16.28
C ASN F 21 -35.34 26.06 -15.67
N GLU F 22 -35.20 26.41 -14.40
CA GLU F 22 -36.12 27.32 -13.72
C GLU F 22 -35.33 28.05 -12.64
N PRO F 23 -35.76 29.25 -12.26
CA PRO F 23 -34.97 30.04 -11.31
C PRO F 23 -34.61 29.25 -10.06
N VAL F 24 -33.41 29.49 -9.56
CA VAL F 24 -32.87 28.74 -8.41
C VAL F 24 -33.50 29.29 -7.13
N PRO F 25 -34.02 28.42 -6.25
CA PRO F 25 -34.79 28.91 -5.10
C PRO F 25 -33.99 29.76 -4.13
N LYS F 26 -34.64 30.16 -3.02
CA LYS F 26 -33.98 30.97 -2.02
C LYS F 26 -32.86 30.21 -1.34
N LYS F 27 -33.19 29.11 -0.66
CA LYS F 27 -32.20 28.29 0.03
C LYS F 27 -31.37 27.44 -0.91
N GLY F 28 -31.66 27.46 -2.21
CA GLY F 28 -30.92 26.65 -3.16
C GLY F 28 -31.61 25.33 -3.45
N ARG F 29 -30.89 24.49 -4.19
CA ARG F 29 -31.39 23.18 -4.57
C ARG F 29 -31.05 22.15 -3.52
N GLU F 30 -31.97 21.22 -3.28
CA GLU F 30 -31.73 20.15 -2.32
C GLU F 30 -30.63 19.23 -2.84
N PHE F 31 -29.67 18.91 -1.98
CA PHE F 31 -28.53 18.09 -2.34
C PHE F 31 -28.85 16.62 -2.07
N LEU F 32 -28.81 15.81 -3.11
CA LEU F 32 -29.10 14.38 -3.04
C LEU F 32 -27.88 13.61 -3.54
N GLY F 33 -26.78 13.69 -2.80
CA GLY F 33 -25.56 13.02 -3.17
C GLY F 33 -24.88 12.38 -1.97
N SER F 34 -25.48 12.52 -0.80
CA SER F 34 -24.94 11.93 0.42
C SER F 34 -25.07 10.42 0.37
N THR F 36 -26.80 8.25 2.33
CA THR F 36 -28.16 7.71 2.45
C THR F 36 -28.99 8.02 1.21
N SER F 37 -28.85 9.22 0.66
CA SER F 37 -29.70 9.63 -0.45
C SER F 37 -29.53 8.71 -1.66
N LEU F 38 -28.29 8.35 -1.98
CA LEU F 38 -28.02 7.61 -3.21
C LEU F 38 -28.67 6.23 -3.20
N LYS F 39 -28.87 5.63 -2.02
CA LYS F 39 -29.45 4.29 -1.96
C LYS F 39 -30.90 4.29 -2.45
N LYS F 40 -31.63 5.37 -2.19
CA LYS F 40 -33.07 5.39 -2.40
C LYS F 40 -33.40 5.54 -3.89
N GLU F 41 -34.66 5.80 -4.18
CA GLU F 41 -35.19 5.71 -5.54
C GLU F 41 -34.69 6.88 -6.40
N GLY F 42 -33.93 6.56 -7.44
CA GLY F 42 -33.64 7.49 -8.51
C GLY F 42 -32.82 8.72 -8.16
N ASN F 43 -32.28 8.78 -6.94
CA ASN F 43 -31.38 9.88 -6.61
C ASN F 43 -30.08 9.77 -7.38
N PHE F 44 -29.64 8.54 -7.68
CA PHE F 44 -28.47 8.30 -8.51
C PHE F 44 -28.81 8.67 -9.95
N LYS F 45 -28.19 9.73 -10.45
CA LYS F 45 -28.47 10.26 -11.79
C LYS F 45 -27.25 10.10 -12.69
N VAL F 46 -27.48 9.60 -13.90
CA VAL F 46 -26.47 9.55 -14.94
C VAL F 46 -26.88 10.51 -16.04
N CYS F 47 -25.91 11.20 -16.63
CA CYS F 47 -26.17 12.29 -17.56
C CYS F 47 -25.54 12.03 -18.91
N GLU F 48 -26.26 12.40 -19.98
CA GLU F 48 -25.76 12.38 -21.35
C GLU F 48 -26.03 13.74 -21.97
N ASN F 49 -25.24 14.07 -23.00
CA ASN F 49 -25.45 15.32 -23.71
C ASN F 49 -26.82 15.32 -24.38
N THR F 50 -27.79 16.00 -23.80
CA THR F 50 -29.12 16.12 -24.37
C THR F 50 -29.18 17.37 -25.25
N LEU F 51 -30.39 17.76 -25.66
CA LEU F 51 -30.54 18.95 -26.49
C LEU F 51 -30.18 20.21 -25.71
N ASP F 52 -30.73 20.34 -24.50
CA ASP F 52 -30.44 21.52 -23.66
C ASP F 52 -28.95 21.76 -23.53
N THR F 53 -28.18 20.68 -23.32
CA THR F 53 -26.74 20.84 -23.16
C THR F 53 -26.08 21.37 -24.42
N VAL F 54 -26.70 21.16 -25.58
CA VAL F 54 -26.10 21.66 -26.82
C VAL F 54 -26.53 23.10 -27.08
N GLY F 56 -27.30 25.47 -24.57
CA GLY F 56 -26.53 26.29 -23.65
C GLY F 56 -25.10 26.51 -24.12
N VAL F 57 -24.56 25.56 -24.87
CA VAL F 57 -23.21 25.73 -25.43
C VAL F 57 -23.24 26.63 -26.66
N LEU F 58 -24.34 26.60 -27.43
CA LEU F 58 -24.45 27.50 -28.57
C LEU F 58 -24.68 28.94 -28.12
N ASN F 59 -25.56 29.14 -27.14
CA ASN F 59 -25.75 30.47 -26.58
C ASN F 59 -24.44 30.97 -25.95
N ARG F 60 -23.83 30.13 -25.11
CA ARG F 60 -22.56 30.51 -24.49
C ARG F 60 -21.54 30.96 -25.52
N LEU F 61 -21.53 30.32 -26.69
CA LEU F 61 -20.54 30.66 -27.71
C LEU F 61 -20.84 31.98 -28.40
N ILE F 62 -22.08 32.46 -28.35
CA ILE F 62 -22.43 33.76 -28.89
C ILE F 62 -22.49 34.82 -27.77
N GLY F 63 -21.92 34.52 -26.60
CA GLY F 63 -21.71 35.50 -25.56
C GLY F 63 -22.89 35.75 -24.64
N ASP F 64 -24.02 35.05 -24.83
CA ASP F 64 -25.19 35.29 -24.00
C ASP F 64 -24.81 35.23 -22.52
N GLN F 65 -25.49 36.05 -21.74
CA GLN F 65 -25.28 36.11 -20.31
C GLN F 65 -26.59 36.00 -19.54
N ARG F 66 -27.47 35.09 -19.97
CA ARG F 66 -28.69 34.83 -19.21
C ARG F 66 -28.99 33.33 -19.28
N LYS F 67 -29.29 32.75 -18.12
CA LYS F 67 -29.57 31.32 -18.01
C LYS F 67 -30.37 30.83 -19.22
N LEU F 68 -30.01 29.63 -19.71
CA LEU F 68 -30.62 29.13 -20.93
C LEU F 68 -32.14 29.09 -20.83
N TYR F 69 -32.67 28.77 -19.65
CA TYR F 69 -34.13 28.82 -19.47
C TYR F 69 -34.65 30.24 -19.56
N GLN F 70 -33.78 31.25 -19.39
CA GLN F 70 -34.19 32.63 -19.59
C GLN F 70 -34.17 33.01 -21.07
N ALA F 71 -33.14 32.57 -21.80
CA ALA F 71 -33.10 32.83 -23.24
C ALA F 71 -34.26 32.17 -23.95
N ARG F 72 -34.70 31.00 -23.47
CA ARG F 72 -35.86 30.34 -24.07
C ARG F 72 -37.14 31.09 -23.77
N SER F 73 -37.21 31.79 -22.65
CA SER F 73 -38.38 32.57 -22.26
C SER F 73 -38.31 34.00 -22.73
N LYS F 74 -37.29 34.37 -23.52
CA LYS F 74 -37.12 35.74 -24.00
C LYS F 74 -37.30 36.74 -22.87
N TYR F 76 -35.10 38.85 -20.77
CA TYR F 76 -34.51 40.19 -20.69
C TYR F 76 -34.12 40.75 -22.05
N GLU F 77 -34.51 40.09 -23.13
CA GLU F 77 -34.28 40.63 -24.47
C GLU F 77 -35.56 40.57 -25.28
N SER F 78 -35.49 40.94 -26.56
CA SER F 78 -36.69 40.97 -27.39
C SER F 78 -37.03 39.58 -27.93
N ALA F 79 -36.08 38.97 -28.64
CA ALA F 79 -36.30 37.66 -29.25
C ALA F 79 -35.21 36.69 -28.83
N TYR F 80 -35.50 35.41 -28.98
CA TYR F 80 -34.55 34.33 -28.71
C TYR F 80 -33.93 33.89 -30.04
N TYR F 81 -32.63 34.16 -30.20
CA TYR F 81 -31.97 33.98 -31.49
C TYR F 81 -32.17 32.58 -32.05
N PHE F 82 -32.30 31.57 -31.20
CA PHE F 82 -32.35 30.19 -31.64
C PHE F 82 -33.75 29.61 -31.64
N GLU F 83 -34.79 30.41 -31.34
CA GLU F 83 -36.14 29.86 -31.31
C GLU F 83 -36.52 29.23 -32.64
N ALA F 84 -35.98 29.73 -33.75
CA ALA F 84 -36.28 29.15 -35.05
C ALA F 84 -35.40 27.95 -35.35
N LEU F 85 -34.13 28.01 -34.93
CA LEU F 85 -33.14 26.99 -35.28
C LEU F 85 -33.13 25.81 -34.33
N GLU F 86 -33.89 25.85 -33.23
CA GLU F 86 -33.83 24.75 -32.27
C GLU F 86 -34.36 23.45 -32.86
N ASP F 87 -35.36 23.53 -33.73
CA ASP F 87 -35.86 22.37 -34.45
C ASP F 87 -34.97 21.98 -35.63
N LYS F 88 -33.83 22.65 -35.80
CA LYS F 88 -32.98 22.45 -36.96
C LYS F 88 -31.57 22.00 -36.60
N VAL F 89 -31.33 21.60 -35.35
CA VAL F 89 -30.00 21.26 -34.86
C VAL F 89 -30.00 19.78 -34.47
N SER F 90 -29.00 19.06 -34.94
CA SER F 90 -28.73 17.68 -34.54
C SER F 90 -27.36 17.61 -33.89
N PHE F 91 -27.03 16.45 -33.32
CA PHE F 91 -25.74 16.30 -32.67
C PHE F 91 -25.40 14.83 -32.52
N ILE F 92 -24.12 14.50 -32.72
CA ILE F 92 -23.58 13.18 -32.49
C ILE F 92 -22.51 13.29 -31.41
N ASP F 93 -22.66 12.50 -30.35
CA ASP F 93 -21.67 12.47 -29.27
C ASP F 93 -20.79 11.23 -29.43
N LYS F 94 -19.49 11.41 -29.24
CA LYS F 94 -18.51 10.34 -29.39
C LYS F 94 -17.62 10.27 -28.15
N PRO F 95 -18.18 9.91 -27.00
CA PRO F 95 -17.41 9.92 -25.76
C PRO F 95 -16.65 8.62 -25.54
N GLN F 96 -15.67 8.71 -24.64
CA GLN F 96 -15.04 7.53 -24.06
C GLN F 96 -15.28 7.58 -22.56
N LEU F 97 -16.06 6.63 -22.05
CA LEU F 97 -16.52 6.67 -20.68
C LEU F 97 -15.48 6.06 -19.74
N THR F 98 -15.46 6.56 -18.51
CA THR F 98 -14.57 6.07 -17.48
C THR F 98 -15.30 6.10 -16.15
N ASN F 99 -15.13 5.06 -15.35
CA ASN F 99 -15.77 4.96 -14.05
C ASN F 99 -14.73 5.15 -12.95
N GLU F 100 -14.89 6.24 -12.20
CA GLU F 100 -14.06 6.53 -11.04
C GLU F 100 -14.96 6.97 -9.90
N ILE F 101 -14.45 6.84 -8.68
CA ILE F 101 -15.15 7.32 -7.51
C ILE F 101 -14.55 8.67 -7.12
N SER F 102 -15.40 9.68 -6.98
CA SER F 102 -14.98 11.02 -6.60
C SER F 102 -15.59 11.37 -5.27
N PHE F 103 -14.77 11.95 -4.39
CA PHE F 103 -15.25 12.42 -3.09
C PHE F 103 -15.94 13.76 -3.29
N ILE F 104 -17.27 13.73 -3.30
CA ILE F 104 -18.06 14.94 -3.46
C ILE F 104 -18.30 15.56 -2.10
N ARG F 105 -18.67 16.85 -2.10
CA ARG F 105 -18.82 17.63 -0.88
C ARG F 105 -20.29 17.80 -0.55
N ASN F 106 -20.61 17.65 0.74
CA ASN F 106 -21.95 17.85 1.26
C ASN F 106 -21.97 19.11 2.11
N ASN F 108 -24.40 20.59 4.42
CA ASN F 108 -25.44 20.81 5.42
C ASN F 108 -25.26 19.99 6.70
N GLY F 109 -25.44 18.66 6.58
CA GLY F 109 -25.66 17.83 7.75
C GLY F 109 -24.43 17.59 8.62
N SER F 110 -24.65 16.81 9.67
CA SER F 110 -23.61 16.44 10.63
C SER F 110 -23.92 15.04 11.17
N THR F 111 -22.90 14.43 11.76
CA THR F 111 -23.01 13.07 12.27
C THR F 111 -23.35 13.07 13.76
N ASP F 112 -24.09 12.04 14.17
CA ASP F 112 -24.47 11.85 15.58
C ASP F 112 -23.73 10.69 16.19
N GLN F 113 -24.05 9.45 15.80
CA GLN F 113 -23.40 8.28 16.39
C GLN F 113 -21.90 8.34 16.17
N ASN F 114 -21.15 8.10 17.25
CA ASN F 114 -19.69 8.06 17.19
C ASN F 114 -19.14 9.32 16.52
N ALA F 115 -19.68 10.47 16.88
CA ALA F 115 -19.33 11.72 16.24
C ALA F 115 -19.28 12.84 17.27
N PHE F 116 -18.09 13.41 17.46
CA PHE F 116 -17.92 14.60 18.27
C PHE F 116 -16.55 15.18 17.97
N THR F 117 -16.42 16.48 18.21
CA THR F 117 -15.17 17.20 17.97
C THR F 117 -14.71 17.89 19.24
N GLY F 118 -13.40 17.94 19.42
CA GLY F 118 -12.82 18.56 20.60
C GLY F 118 -12.54 17.57 21.71
N ILE F 120 -13.52 15.69 25.38
CA ILE F 120 -14.65 15.24 26.18
C ILE F 120 -14.63 15.95 27.53
N LYS F 121 -15.75 16.58 27.88
CA LYS F 121 -15.86 17.33 29.13
C LYS F 121 -16.20 16.37 30.26
N VAL F 122 -15.16 15.80 30.86
CA VAL F 122 -15.34 14.90 32.00
C VAL F 122 -15.31 15.63 33.34
N SER F 123 -14.98 16.92 33.35
CA SER F 123 -14.91 17.71 34.57
C SER F 123 -16.12 18.61 34.76
N ASP F 124 -17.15 18.47 33.93
CA ASP F 124 -18.30 19.35 34.02
C ASP F 124 -18.97 19.20 35.39
N PRO F 125 -19.50 20.29 35.95
CA PRO F 125 -20.06 20.23 37.30
C PRO F 125 -21.13 19.18 37.49
N VAL F 126 -21.88 18.83 36.44
CA VAL F 126 -22.97 17.86 36.61
C VAL F 126 -22.41 16.50 37.03
N PHE F 127 -21.16 16.21 36.69
CA PHE F 127 -20.55 14.94 37.08
C PHE F 127 -19.71 15.04 38.33
N THR F 128 -19.22 16.24 38.67
CA THR F 128 -18.27 16.41 39.76
C THR F 128 -18.86 17.20 40.93
N SER F 129 -20.15 17.05 41.17
CA SER F 129 -20.82 17.73 42.28
C SER F 129 -21.34 16.70 43.28
N GLU F 130 -21.77 17.20 44.43
CA GLU F 130 -22.25 16.31 45.49
C GLU F 130 -23.56 15.64 45.10
N TYR F 131 -24.45 16.37 44.45
CA TYR F 131 -25.68 15.77 43.92
C TYR F 131 -25.42 14.81 42.78
N SER F 132 -24.23 14.88 42.17
CA SER F 132 -24.00 14.23 40.89
C SER F 132 -24.19 12.71 40.95
N GLN F 133 -23.81 12.07 42.07
CA GLN F 133 -23.80 10.62 42.09
C GLN F 133 -25.21 10.04 42.18
N GLN F 134 -25.97 10.44 43.20
CA GLN F 134 -27.33 9.92 43.37
C GLN F 134 -28.33 10.58 42.41
N PHE F 135 -27.85 11.35 41.45
CA PHE F 135 -28.67 11.89 40.36
C PHE F 135 -28.55 11.06 39.09
N TRP F 136 -27.32 10.82 38.62
CA TRP F 136 -27.12 9.91 37.50
C TRP F 136 -27.32 8.46 37.89
N GLY F 137 -27.23 8.13 39.18
CA GLY F 137 -27.43 6.77 39.62
C GLY F 137 -28.82 6.22 39.32
N VAL F 138 -29.77 7.08 38.99
CA VAL F 138 -31.10 6.61 38.64
C VAL F 138 -31.06 5.81 37.35
N LEU F 139 -30.14 6.15 36.45
CA LEU F 139 -30.01 5.43 35.18
C LEU F 139 -29.33 4.08 35.33
N ALA F 140 -28.77 3.77 36.49
CA ALA F 140 -28.09 2.50 36.72
C ALA F 140 -28.99 1.44 37.33
N LEU F 141 -30.09 1.83 37.96
CA LEU F 141 -31.00 0.84 38.54
C LEU F 141 -31.60 -0.04 37.46
N ASP F 142 -31.89 -1.28 37.83
CA ASP F 142 -32.67 -2.14 36.95
C ASP F 142 -34.13 -1.66 36.94
N PHE F 143 -34.96 -2.29 36.11
CA PHE F 143 -36.32 -1.80 35.95
C PHE F 143 -37.19 -2.03 37.18
N THR F 144 -36.88 -3.03 38.00
CA THR F 144 -37.65 -3.24 39.21
C THR F 144 -37.32 -2.22 40.28
N GLN F 145 -36.02 -1.92 40.47
CA GLN F 145 -35.63 -0.90 41.42
C GLN F 145 -36.16 0.47 41.02
N LEU F 146 -36.15 0.76 39.71
CA LEU F 146 -36.64 2.05 39.24
C LEU F 146 -38.11 2.25 39.58
N CYS F 147 -38.94 1.25 39.28
CA CYS F 147 -40.38 1.40 39.51
C CYS F 147 -40.71 1.63 40.98
N ASP F 148 -39.92 1.06 41.89
CA ASP F 148 -40.11 1.34 43.30
C ASP F 148 -39.57 2.71 43.69
N PHE F 149 -38.50 3.17 43.04
CA PHE F 149 -38.02 4.53 43.26
C PHE F 149 -39.07 5.56 42.85
N ILE F 150 -39.66 5.36 41.67
CA ILE F 150 -40.67 6.31 41.17
C ILE F 150 -41.77 6.53 42.20
N ILE F 151 -42.00 5.57 43.10
CA ILE F 151 -43.00 5.71 44.14
C ILE F 151 -42.36 6.29 45.40
N LYS F 152 -41.81 7.51 45.29
CA LYS F 152 -41.25 8.30 46.37
C LYS F 152 -40.05 7.67 47.06
N GLN F 153 -39.54 6.54 46.59
CA GLN F 153 -38.41 5.89 47.26
C GLN F 153 -37.17 6.77 47.14
N SER F 154 -36.57 7.12 48.28
CA SER F 154 -35.44 8.03 48.33
C SER F 154 -34.08 7.33 48.21
N GLN F 155 -34.06 6.02 47.99
CA GLN F 155 -32.83 5.24 48.05
C GLN F 155 -32.29 5.03 46.63
N VAL F 156 -31.16 5.68 46.32
CA VAL F 156 -30.44 5.45 45.08
C VAL F 156 -28.95 5.37 45.39
N VAL F 157 -28.51 4.23 45.94
CA VAL F 157 -27.09 4.00 46.18
C VAL F 157 -26.38 3.44 44.95
N GLY F 158 -27.11 3.13 43.88
CA GLY F 158 -26.50 2.67 42.65
C GLY F 158 -25.43 3.60 42.15
N SER F 159 -24.18 3.19 42.30
CA SER F 159 -23.03 4.04 41.99
C SER F 159 -22.38 3.57 40.69
N ILE F 160 -22.29 4.49 39.72
CA ILE F 160 -21.54 4.28 38.49
C ILE F 160 -20.60 5.48 38.32
N GLU F 161 -19.70 5.36 37.36
CA GLU F 161 -18.78 6.46 37.07
C GLU F 161 -19.49 7.54 36.28
N LEU F 162 -19.18 8.79 36.61
CA LEU F 162 -19.82 9.96 36.02
C LEU F 162 -18.93 10.49 34.91
N ASN F 163 -19.40 10.38 33.67
CA ASN F 163 -18.67 10.87 32.49
C ASN F 163 -19.54 10.70 31.25
N PRO F 164 -19.41 11.58 30.26
CA PRO F 164 -20.34 11.57 29.12
C PRO F 164 -20.48 10.22 28.44
N LEU F 165 -19.37 9.51 28.21
CA LEU F 165 -19.44 8.26 27.45
C LEU F 165 -20.26 7.20 28.18
N SER F 166 -19.86 6.87 29.40
CA SER F 166 -20.56 5.83 30.15
C SER F 166 -22.05 6.13 30.26
N ILE F 167 -22.40 7.40 30.45
CA ILE F 167 -23.81 7.79 30.52
C ILE F 167 -24.50 7.52 29.19
N ILE F 168 -23.89 7.97 28.10
CA ILE F 168 -24.50 7.80 26.79
C ILE F 168 -24.50 6.32 26.38
N ASN F 169 -23.55 5.54 26.89
CA ASN F 169 -23.59 4.10 26.67
C ASN F 169 -24.72 3.45 27.45
N ARG F 170 -24.87 3.83 28.72
CA ARG F 170 -25.96 3.30 29.54
C ARG F 170 -27.32 3.68 28.95
N LEU F 171 -27.42 4.86 28.34
CA LEU F 171 -28.63 5.25 27.64
C LEU F 171 -28.78 4.51 26.31
N GLU F 172 -27.67 4.08 25.72
CA GLU F 172 -27.74 3.24 24.52
C GLU F 172 -28.32 1.87 24.85
N SER F 173 -27.78 1.22 25.88
CA SER F 173 -28.31 -0.06 26.33
C SER F 173 -29.80 0.05 26.67
N LEU F 174 -30.14 0.99 27.55
CA LEU F 174 -31.52 1.15 27.98
C LEU F 174 -32.45 1.49 26.83
N ASN F 175 -31.92 2.02 25.73
CA ASN F 175 -32.73 2.24 24.54
C ASN F 175 -32.86 1.00 23.67
N GLN F 176 -32.04 -0.02 23.91
CA GLN F 176 -32.05 -1.25 23.12
C GLN F 176 -32.85 -2.37 23.78
N GLU F 177 -33.44 -2.12 24.94
CA GLU F 177 -34.26 -3.12 25.61
C GLU F 177 -35.62 -3.23 24.93
N LYS F 178 -36.22 -4.41 25.04
CA LYS F 178 -37.53 -4.65 24.43
C LYS F 178 -38.59 -3.77 25.08
N ALA F 179 -39.74 -3.69 24.43
CA ALA F 179 -40.90 -3.03 25.01
C ALA F 179 -41.56 -3.93 26.04
N LEU F 180 -42.52 -3.37 26.78
CA LEU F 180 -43.18 -4.08 27.85
C LEU F 180 -44.69 -3.91 27.75
N GLU F 181 -45.41 -4.96 28.15
CA GLU F 181 -46.86 -4.93 28.18
C GLU F 181 -47.35 -4.12 29.37
N ASN F 182 -48.55 -3.57 29.22
CA ASN F 182 -49.13 -2.69 30.24
C ASN F 182 -49.71 -3.56 31.36
N SER F 183 -48.90 -3.81 32.37
CA SER F 183 -49.34 -4.59 33.53
C SER F 183 -50.11 -3.71 34.50
N ASP F 184 -50.68 -4.33 35.53
CA ASP F 184 -51.41 -3.56 36.53
C ASP F 184 -50.49 -2.94 37.58
N ASP F 185 -49.39 -3.63 37.93
CA ASP F 185 -48.40 -3.02 38.81
C ASP F 185 -47.60 -1.95 38.09
N LEU F 186 -47.60 -1.96 36.76
CA LEU F 186 -47.02 -0.85 35.99
C LEU F 186 -47.99 0.32 35.91
N ALA F 187 -49.28 0.04 35.80
CA ALA F 187 -50.27 1.08 35.60
C ALA F 187 -50.26 2.13 36.71
N GLN F 188 -49.71 1.81 37.88
CA GLN F 188 -49.68 2.79 38.96
C GLN F 188 -48.52 3.76 38.82
N VAL F 189 -47.33 3.27 38.48
CA VAL F 189 -46.22 4.15 38.17
C VAL F 189 -46.51 4.99 36.92
N LEU F 190 -47.49 4.58 36.13
CA LEU F 190 -47.99 5.44 35.05
C LEU F 190 -48.92 6.52 35.59
N LYS F 191 -49.66 6.23 36.66
CA LYS F 191 -50.44 7.28 37.32
C LYS F 191 -49.55 8.27 38.03
N VAL F 192 -48.45 7.80 38.63
CA VAL F 192 -47.52 8.69 39.33
C VAL F 192 -46.84 9.63 38.33
N LEU F 193 -46.29 9.06 37.25
CA LEU F 193 -45.62 9.89 36.25
C LEU F 193 -46.60 10.85 35.58
N ASN F 194 -47.72 10.33 35.08
CA ASN F 194 -48.70 11.18 34.42
C ASN F 194 -49.36 12.18 35.37
N GLU F 195 -49.23 11.99 36.68
CA GLU F 195 -49.57 13.07 37.61
C GLU F 195 -48.44 14.09 37.68
N TYR F 196 -47.19 13.63 37.73
CA TYR F 196 -46.06 14.53 37.59
C TYR F 196 -46.05 15.20 36.23
N PHE F 197 -46.13 14.40 35.16
CA PHE F 197 -45.97 14.87 33.78
C PHE F 197 -47.25 14.56 33.00
N PRO F 198 -48.25 15.43 33.08
CA PRO F 198 -49.51 15.16 32.38
C PRO F 198 -49.41 15.25 30.86
N ASP F 199 -48.76 16.30 30.35
CA ASP F 199 -48.86 16.63 28.93
C ASP F 199 -48.32 15.55 28.00
N ILE F 200 -47.49 14.63 28.50
CA ILE F 200 -46.90 13.59 27.65
C ILE F 200 -47.53 12.26 28.00
N GLU F 201 -47.47 11.33 27.04
CA GLU F 201 -48.05 10.00 27.20
C GLU F 201 -46.98 8.95 26.95
N TYR F 202 -46.88 7.99 27.87
CA TYR F 202 -45.95 6.86 27.73
C TYR F 202 -46.71 5.70 27.09
N LEU F 203 -46.73 5.69 25.75
CA LEU F 203 -47.42 4.62 25.06
C LEU F 203 -46.97 4.60 23.61
N ASN F 204 -47.11 3.44 22.99
CA ASN F 204 -46.87 3.24 21.58
C ASN F 204 -48.20 3.10 20.85
N ASN F 205 -48.16 2.65 19.60
CA ASN F 205 -49.39 2.49 18.83
C ASN F 205 -50.35 1.54 19.54
N LYS F 206 -49.87 0.38 19.93
CA LYS F 206 -50.69 -0.65 20.57
C LYS F 206 -50.19 -0.86 21.99
N GLY F 207 -50.57 0.06 22.88
CA GLY F 207 -50.34 -0.06 24.31
C GLY F 207 -49.01 -0.61 24.76
N LEU F 208 -47.92 -0.25 24.08
CA LEU F 208 -46.59 -0.62 24.50
C LEU F 208 -45.93 0.53 25.27
N ILE F 209 -44.95 0.18 26.10
CA ILE F 209 -44.26 1.15 26.93
C ILE F 209 -42.76 0.89 26.83
N THR F 210 -42.01 1.90 26.37
CA THR F 210 -40.58 1.75 26.18
C THR F 210 -39.83 1.98 27.49
N PRO F 211 -38.86 1.13 27.81
CA PRO F 211 -38.13 1.32 29.08
C PRO F 211 -37.39 2.64 29.16
N ILE F 212 -36.83 3.12 28.05
CA ILE F 212 -36.04 4.35 28.10
C ILE F 212 -36.93 5.54 28.41
N SER F 213 -38.17 5.53 27.90
CA SER F 213 -39.10 6.61 28.22
C SER F 213 -39.42 6.69 29.71
N ILE F 214 -39.12 5.62 30.46
CA ILE F 214 -39.34 5.61 31.90
C ILE F 214 -38.07 6.00 32.66
N TYR F 215 -36.90 5.55 32.18
CA TYR F 215 -35.66 5.95 32.83
C TYR F 215 -35.45 7.45 32.73
N CYS F 216 -35.82 8.05 31.60
CA CYS F 216 -35.64 9.48 31.42
C CYS F 216 -36.62 10.27 32.27
N SER F 217 -37.91 9.91 32.24
CA SER F 217 -38.88 10.57 33.10
C SER F 217 -38.54 10.38 34.58
N ALA F 218 -37.94 9.24 34.91
CA ALA F 218 -37.47 9.04 36.29
C ALA F 218 -36.32 9.98 36.63
N LEU F 219 -35.48 10.32 35.64
CA LEU F 219 -34.38 11.24 35.89
C LEU F 219 -34.87 12.67 36.10
N TYR F 220 -35.96 13.04 35.41
CA TYR F 220 -36.58 14.34 35.69
C TYR F 220 -37.18 14.37 37.09
N LEU F 221 -37.74 13.25 37.54
CA LEU F 221 -38.15 13.12 38.94
C LEU F 221 -36.98 13.41 39.87
N GLN F 222 -35.88 12.67 39.70
CA GLN F 222 -34.71 12.87 40.55
C GLN F 222 -34.27 14.32 40.57
N LEU F 223 -34.37 14.99 39.42
CA LEU F 223 -34.03 16.41 39.36
C LEU F 223 -34.97 17.24 40.23
N ALA F 224 -36.28 17.06 40.05
CA ALA F 224 -37.25 17.81 40.83
C ALA F 224 -37.17 17.46 42.31
N ARG F 225 -36.97 16.17 42.61
CA ARG F 225 -36.93 15.74 44.01
C ARG F 225 -35.72 16.32 44.74
N LEU F 226 -34.52 16.12 44.17
CA LEU F 226 -33.30 16.59 44.81
C LEU F 226 -33.27 18.10 45.03
N GLU F 227 -34.07 18.87 44.26
CA GLU F 227 -34.04 20.32 44.36
C GLU F 227 -34.22 20.83 45.78
N THR F 228 -34.60 19.96 46.72
CA THR F 228 -34.70 20.35 48.11
C THR F 228 -33.41 20.13 48.87
N SER F 229 -32.64 19.11 48.49
CA SER F 229 -31.39 18.78 49.16
C SER F 229 -30.26 19.70 48.71
N PHE F 230 -30.05 19.81 47.39
CA PHE F 230 -28.93 20.59 46.89
C PHE F 230 -29.36 21.61 45.85
N ASN F 231 -28.39 22.22 45.16
CA ASN F 231 -28.61 23.26 44.16
C ASN F 231 -28.35 22.65 42.79
N THR F 233 -28.93 23.96 39.62
CA THR F 233 -28.78 24.83 38.46
C THR F 233 -27.69 24.33 37.50
N THR F 234 -26.63 23.72 38.02
CA THR F 234 -25.59 23.17 37.14
C THR F 234 -26.04 21.91 36.41
N ALA F 235 -27.15 21.30 36.82
CA ALA F 235 -27.67 20.10 36.20
C ALA F 235 -28.77 20.37 35.19
N LYS F 236 -29.30 21.59 35.13
CA LYS F 236 -30.31 21.93 34.15
C LYS F 236 -29.78 22.98 33.18
N THR F 237 -30.45 23.08 32.03
CA THR F 237 -30.38 24.29 31.23
C THR F 237 -31.19 25.38 31.91
N LYS F 238 -31.04 26.61 31.42
CA LYS F 238 -31.98 27.65 31.82
C LYS F 238 -33.39 27.23 31.41
N ALA F 239 -34.35 27.45 32.30
CA ALA F 239 -35.72 26.99 32.11
C ALA F 239 -35.87 25.50 32.43
N GLY F 240 -35.02 25.00 33.33
CA GLY F 240 -35.25 23.71 33.96
C GLY F 240 -35.29 22.50 33.03
N GLY F 241 -34.49 22.49 31.96
CA GLY F 241 -34.38 21.32 31.11
C GLY F 241 -33.13 20.52 31.40
N ILE F 242 -33.11 19.30 30.88
CA ILE F 242 -31.94 18.44 30.92
C ILE F 242 -31.36 18.35 29.53
N SER F 243 -30.06 18.60 29.41
CA SER F 243 -29.41 18.70 28.11
C SER F 243 -29.37 17.35 27.41
N GLY F 244 -30.02 17.27 26.26
CA GLY F 244 -29.99 16.07 25.44
C GLY F 244 -30.88 14.93 25.92
N ILE F 245 -31.70 15.14 26.94
CA ILE F 245 -32.55 14.10 27.51
C ILE F 245 -33.95 14.68 27.68
N SER F 246 -34.91 14.20 26.88
CA SER F 246 -36.29 14.58 27.02
C SER F 246 -37.02 13.58 27.92
N LYS F 247 -38.21 13.97 28.39
CA LYS F 247 -39.00 13.09 29.24
C LYS F 247 -39.47 11.84 28.50
N ARG F 248 -39.39 11.83 27.17
CA ARG F 248 -39.76 10.68 26.37
C ARG F 248 -38.55 9.88 25.88
N GLY F 249 -37.38 10.50 25.81
CA GLY F 249 -36.20 9.80 25.36
C GLY F 249 -34.99 10.71 25.48
N PHE F 250 -33.98 10.44 24.66
CA PHE F 250 -32.77 11.24 24.67
C PHE F 250 -32.29 11.46 23.24
N THR F 251 -31.71 12.63 23.01
CA THR F 251 -31.09 12.97 21.74
C THR F 251 -29.57 12.87 21.91
N LYS F 252 -28.95 11.97 21.14
CA LYS F 252 -27.54 11.65 21.36
C LYS F 252 -26.65 12.84 21.06
N LYS F 253 -26.69 13.34 19.82
CA LYS F 253 -25.76 14.39 19.40
C LYS F 253 -25.89 15.63 20.29
N ASP F 254 -27.13 15.99 20.65
CA ASP F 254 -27.32 17.12 21.56
C ASP F 254 -26.63 16.86 22.89
N PHE F 255 -26.74 15.64 23.41
CA PHE F 255 -26.10 15.32 24.68
C PHE F 255 -24.59 15.39 24.58
N ASP F 257 -22.67 17.00 22.34
CA ASP F 257 -22.17 18.35 22.09
C ASP F 257 -22.07 19.14 23.39
N ARG F 258 -23.12 19.07 24.22
CA ARG F 258 -23.11 19.78 25.50
C ARG F 258 -21.92 19.41 26.35
N TYR F 259 -21.42 18.18 26.23
CA TYR F 259 -20.33 17.69 27.07
C TYR F 259 -19.05 17.48 26.27
N THR F 260 -18.90 18.15 25.13
CA THR F 260 -17.65 18.16 24.38
C THR F 260 -17.36 19.58 23.95
N THR F 261 -16.22 20.12 24.35
CA THR F 261 -15.74 21.36 23.76
C THR F 261 -15.54 21.16 22.28
N GLY F 262 -15.98 22.13 21.48
CA GLY F 262 -15.96 22.01 20.05
C GLY F 262 -17.32 21.63 19.50
N PRO F 263 -17.64 22.13 18.31
CA PRO F 263 -19.00 21.94 17.77
C PRO F 263 -19.29 20.51 17.37
N LYS F 264 -20.48 20.28 16.83
CA LYS F 264 -20.84 18.94 16.35
C LYS F 264 -19.98 18.56 15.16
N LYS F 265 -19.86 17.25 14.94
CA LYS F 265 -19.03 16.72 13.87
C LYS F 265 -19.75 16.85 12.54
N THR F 266 -19.14 17.60 11.62
CA THR F 266 -19.72 17.83 10.30
C THR F 266 -19.34 16.72 9.33
N ILE F 267 -20.28 16.31 8.49
CA ILE F 267 -20.03 15.39 7.40
C ILE F 267 -19.60 16.22 6.20
N TRP F 268 -18.30 16.20 5.89
CA TRP F 268 -17.78 17.05 4.82
C TRP F 268 -18.20 16.54 3.45
N GLY F 269 -18.41 15.23 3.31
CA GLY F 269 -18.84 14.67 2.06
C GLY F 269 -18.93 13.17 2.12
N ASN F 270 -18.83 12.55 0.95
CA ASN F 270 -18.92 11.11 0.84
C ASN F 270 -18.54 10.74 -0.59
N PRO F 271 -18.03 9.52 -0.79
CA PRO F 271 -17.72 9.07 -2.15
C PRO F 271 -19.00 8.81 -2.94
N PHE F 272 -18.94 9.12 -4.23
CA PHE F 272 -20.06 8.91 -5.14
C PHE F 272 -20.10 7.43 -5.51
N ILE F 273 -20.80 6.64 -4.68
CA ILE F 273 -20.83 5.19 -4.84
C ILE F 273 -22.19 4.70 -4.37
N LYS F 274 -22.73 3.69 -5.08
CA LYS F 274 -24.03 3.11 -4.77
C LYS F 274 -23.94 1.62 -5.01
N LYS F 275 -24.03 0.84 -3.93
CA LYS F 275 -23.94 -0.62 -3.99
C LYS F 275 -25.32 -1.22 -3.78
N GLU F 276 -25.91 -1.74 -4.86
CA GLU F 276 -27.16 -2.47 -4.79
C GLU F 276 -26.92 -3.95 -5.06
N LYS F 277 -27.76 -4.79 -4.46
CA LYS F 277 -27.72 -6.23 -4.71
C LYS F 277 -28.70 -6.54 -5.83
N ILE F 278 -28.17 -6.94 -6.98
CA ILE F 278 -28.97 -7.22 -8.17
C ILE F 278 -28.84 -8.70 -8.49
N LYS F 279 -29.96 -9.41 -8.48
CA LYS F 279 -29.95 -10.86 -8.61
C LYS F 279 -29.30 -11.28 -9.92
N GLY F 280 -28.56 -12.40 -9.88
CA GLY F 280 -27.83 -12.87 -11.03
C GLY F 280 -26.43 -12.32 -11.15
N GLN F 281 -26.24 -11.06 -10.78
CA GLN F 281 -24.92 -10.43 -10.84
C GLN F 281 -24.26 -10.27 -9.48
N GLY F 282 -24.93 -10.64 -8.40
CA GLY F 282 -24.39 -10.48 -7.07
C GLY F 282 -24.55 -9.07 -6.55
N GLU F 283 -23.43 -8.42 -6.22
CA GLU F 283 -23.42 -7.02 -5.80
C GLU F 283 -22.74 -6.19 -6.87
N VAL F 284 -23.50 -5.31 -7.51
CA VAL F 284 -22.97 -4.39 -8.52
C VAL F 284 -22.83 -3.02 -7.88
N THR F 285 -21.73 -2.34 -8.18
CA THR F 285 -21.48 -1.01 -7.67
C THR F 285 -21.68 0.02 -8.78
N SER F 286 -22.04 1.24 -8.38
CA SER F 286 -22.26 2.33 -9.30
C SER F 286 -21.40 3.52 -8.90
N THR F 289 -19.48 8.64 -13.62
CA THR F 289 -19.05 8.47 -15.00
C THR F 289 -18.34 9.73 -15.46
N LYS F 290 -17.15 9.57 -16.02
CA LYS F 290 -16.39 10.67 -16.60
C LYS F 290 -16.19 10.40 -18.08
N ALA F 291 -16.36 11.42 -18.90
CA ALA F 291 -16.33 11.29 -20.35
C ALA F 291 -15.24 12.16 -20.95
N SER F 292 -14.71 11.71 -22.08
CA SER F 292 -13.70 12.45 -22.83
C SER F 292 -13.83 12.06 -24.29
N GLY F 293 -13.76 13.05 -25.17
CA GLY F 293 -13.90 12.83 -26.60
C GLY F 293 -14.28 14.08 -27.36
N GLN F 294 -15.16 13.95 -28.34
CA GLN F 294 -15.64 15.11 -29.09
C GLN F 294 -17.14 14.99 -29.31
N LEU F 295 -17.76 16.14 -29.55
CA LEU F 295 -19.21 16.23 -29.73
C LEU F 295 -19.47 17.09 -30.97
N GLU F 296 -20.06 16.48 -32.00
CA GLU F 296 -20.29 17.14 -33.28
C GLU F 296 -21.72 17.65 -33.34
N ILE F 297 -21.89 18.97 -33.39
CA ILE F 297 -23.20 19.60 -33.53
C ILE F 297 -23.35 20.07 -34.97
N SER F 298 -24.47 19.74 -35.59
CA SER F 298 -24.74 20.10 -36.97
C SER F 298 -26.08 20.82 -37.04
N ILE F 299 -26.08 22.02 -37.64
CA ILE F 299 -27.29 22.79 -37.86
C ILE F 299 -27.51 22.90 -39.36
N ASP F 300 -28.69 22.49 -39.82
CA ASP F 300 -29.03 22.52 -41.25
C ASP F 300 -29.59 23.90 -41.58
N VAL F 301 -28.73 24.78 -42.09
CA VAL F 301 -29.12 26.14 -42.41
C VAL F 301 -28.39 26.61 -43.66
N ASP F 302 -28.89 27.71 -44.22
CA ASP F 302 -28.27 28.30 -45.40
C ASP F 302 -26.81 28.66 -45.09
N ARG F 303 -25.97 28.60 -46.13
CA ARG F 303 -24.57 28.93 -45.95
C ARG F 303 -24.40 30.34 -45.39
N ASP F 304 -25.27 31.26 -45.80
CA ASP F 304 -25.25 32.60 -45.24
C ASP F 304 -25.52 32.56 -43.74
N LYS F 305 -26.56 31.83 -43.33
CA LYS F 305 -26.79 31.61 -41.90
C LYS F 305 -25.54 31.08 -41.22
N ALA F 306 -24.85 30.14 -41.86
CA ALA F 306 -23.62 29.60 -41.29
C ALA F 306 -22.59 30.70 -41.07
N GLN F 307 -22.33 31.50 -42.11
CA GLN F 307 -21.35 32.58 -41.97
C GLN F 307 -21.80 33.61 -40.93
N GLU F 308 -23.10 33.85 -40.82
CA GLU F 308 -23.59 34.73 -39.77
C GLU F 308 -23.32 34.16 -38.39
N ILE F 309 -23.53 32.86 -38.22
CA ILE F 309 -23.23 32.21 -36.95
C ILE F 309 -21.74 32.29 -36.66
N LYS F 310 -20.91 31.94 -37.64
CA LYS F 310 -19.46 31.86 -37.40
C LYS F 310 -18.89 33.18 -36.93
N ILE F 311 -19.40 34.30 -37.47
CA ILE F 311 -18.91 35.61 -37.06
C ILE F 311 -19.57 36.10 -35.77
N LEU F 312 -20.77 35.62 -35.45
CA LEU F 312 -21.31 35.89 -34.12
C LEU F 312 -20.46 35.25 -33.04
N ILE F 313 -19.85 34.12 -33.35
CA ILE F 313 -18.89 33.50 -32.43
C ILE F 313 -17.69 34.42 -32.26
N GLU F 314 -16.99 34.71 -33.37
CA GLU F 314 -15.81 35.56 -33.30
C GLU F 314 -16.14 36.90 -32.65
N ASN F 315 -17.36 37.40 -32.86
CA ASN F 315 -17.75 38.66 -32.24
C ASN F 315 -17.74 38.58 -30.72
N ALA F 316 -18.17 37.44 -30.17
CA ALA F 316 -18.24 37.24 -28.72
C ALA F 316 -16.90 36.89 -28.09
N GLY F 317 -15.98 36.29 -28.84
CA GLY F 317 -14.65 36.00 -28.31
C GLY F 317 -14.64 35.05 -27.14
N VAL F 318 -15.53 34.07 -27.10
CA VAL F 318 -15.51 33.08 -26.02
C VAL F 318 -14.38 32.08 -26.26
N SER F 319 -13.99 31.39 -25.20
CA SER F 319 -12.89 30.45 -25.29
C SER F 319 -12.90 29.52 -24.08
N SER F 320 -12.52 28.27 -24.32
CA SER F 320 -12.30 27.27 -23.28
C SER F 320 -13.37 27.31 -22.21
N PHE F 321 -14.38 26.46 -22.38
CA PHE F 321 -15.51 26.36 -21.46
C PHE F 321 -15.68 24.92 -21.03
N TYR F 322 -16.26 24.75 -19.84
CA TYR F 322 -16.59 23.41 -19.39
C TYR F 322 -17.73 22.85 -20.26
N LEU F 323 -17.98 21.56 -20.11
CA LEU F 323 -18.93 20.84 -20.96
C LEU F 323 -19.80 19.97 -20.05
N GLY F 324 -21.01 20.42 -19.78
CA GLY F 324 -21.89 19.73 -18.85
C GLY F 324 -21.47 19.89 -17.40
N LYS F 325 -20.21 19.61 -17.10
CA LYS F 325 -19.71 19.80 -15.74
C LYS F 325 -18.21 19.61 -15.67
N LYS F 326 -17.51 20.63 -15.15
CA LYS F 326 -16.10 20.55 -14.78
C LYS F 326 -15.22 19.88 -15.82
N GLY F 327 -15.41 20.21 -17.09
CA GLY F 327 -14.58 19.68 -18.15
C GLY F 327 -13.59 20.68 -18.67
N LEU F 328 -13.02 20.37 -19.83
CA LEU F 328 -12.26 21.34 -20.61
C LEU F 328 -12.64 21.09 -22.07
N ALA F 329 -13.56 21.92 -22.57
CA ALA F 329 -14.11 21.77 -23.92
C ALA F 329 -13.85 23.03 -24.71
N TYR F 330 -13.19 22.89 -25.85
CA TYR F 330 -12.99 23.98 -26.79
C TYR F 330 -13.62 23.61 -28.13
N VAL F 331 -13.65 24.59 -29.04
CA VAL F 331 -14.15 24.39 -30.39
C VAL F 331 -12.95 24.13 -31.30
N SER F 332 -12.94 22.97 -31.95
CA SER F 332 -11.78 22.51 -32.71
C SER F 332 -11.89 22.73 -34.21
N ASN F 333 -13.11 22.74 -34.76
CA ASN F 333 -13.29 22.88 -36.20
C ASN F 333 -14.70 23.35 -36.49
N ILE F 334 -14.83 24.23 -37.49
CA ILE F 334 -16.12 24.75 -37.92
C ILE F 334 -16.23 24.55 -39.42
N LYS F 335 -17.31 23.89 -39.86
CA LYS F 335 -17.56 23.63 -41.27
C LYS F 335 -18.84 24.34 -41.68
N LEU F 336 -18.75 25.16 -42.73
CA LEU F 336 -19.90 25.90 -43.22
C LEU F 336 -20.77 25.02 -44.11
#